data_9S1N
# 
_entry.id   9S1N 
# 
_audit_conform.dict_name       mmcif_pdbx.dic 
_audit_conform.dict_version    5.409 
_audit_conform.dict_location   http://mmcif.pdb.org/dictionaries/ascii/mmcif_pdbx.dic 
# 
loop_
_database_2.database_id 
_database_2.database_code 
_database_2.pdbx_database_accession 
_database_2.pdbx_DOI 
PDB   9S1N         pdb_00009s1n 10.2210/pdb9s1n/pdb 
WWPDB D_1292149547 ?            ?                   
# 
_pdbx_audit_revision_history.ordinal             1 
_pdbx_audit_revision_history.data_content_type   'Structure model' 
_pdbx_audit_revision_history.major_revision      1 
_pdbx_audit_revision_history.minor_revision      0 
_pdbx_audit_revision_history.revision_date       2025-12-24 
_pdbx_audit_revision_history.part_number         ? 
# 
_pdbx_audit_revision_details.ordinal             1 
_pdbx_audit_revision_details.revision_ordinal    1 
_pdbx_audit_revision_details.data_content_type   'Structure model' 
_pdbx_audit_revision_details.provider            repository 
_pdbx_audit_revision_details.type                'Initial release' 
_pdbx_audit_revision_details.description         ? 
_pdbx_audit_revision_details.details             ? 
# 
_pdbx_database_status.status_code                     REL 
_pdbx_database_status.status_code_sf                  REL 
_pdbx_database_status.status_code_mr                  ? 
_pdbx_database_status.entry_id                        9S1N 
_pdbx_database_status.recvd_initial_deposition_date   2025-07-18 
_pdbx_database_status.SG_entry                        N 
_pdbx_database_status.deposit_site                    PDBE 
_pdbx_database_status.process_site                    PDBE 
_pdbx_database_status.status_code_cs                  ? 
_pdbx_database_status.status_code_nmr_data            ? 
_pdbx_database_status.methods_development_category    ? 
_pdbx_database_status.pdb_format_compatible           N 
# 
_pdbx_contact_author.id                 2 
_pdbx_contact_author.email              gavin.collie@astrazeneca.com 
_pdbx_contact_author.name_first         Gavin 
_pdbx_contact_author.name_last          Collie 
_pdbx_contact_author.name_mi            ? 
_pdbx_contact_author.role               'principal investigator/group leader' 
_pdbx_contact_author.identifier_ORCID   0000-0002-0406-922X 
# 
_audit_author.name               'Collie, G.W.' 
_audit_author.pdbx_ordinal       1 
_audit_author.identifier_ORCID   ? 
# 
_citation.abstract                  ? 
_citation.abstract_id_CAS           ? 
_citation.book_id_ISBN              ? 
_citation.book_publisher            ? 
_citation.book_publisher_city       ? 
_citation.book_title                ? 
_citation.coordinate_linkage        ? 
_citation.country                   US 
_citation.database_id_Medline       ? 
_citation.details                   ? 
_citation.id                        primary 
_citation.journal_abbrev            'Acs Med.Chem.Lett.' 
_citation.journal_id_ASTM           ? 
_citation.journal_id_CSD            ? 
_citation.journal_id_ISSN           1948-5875 
_citation.journal_full              ? 
_citation.journal_issue             ? 
_citation.journal_volume            ? 
_citation.language                  ? 
_citation.page_first                ? 
_citation.page_last                 ? 
_citation.title                     
'Discovery and Characterization of Diverse Non-nucleotide Inhibitors of DNPH1 Using an Integrated Hit Finding Strategy' 
_citation.year                      2025 
_citation.database_id_CSD           ? 
_citation.pdbx_database_id_DOI      10.1021/acsmedchemlett.5c00651 
_citation.pdbx_database_id_PubMed   ? 
_citation.pdbx_database_id_patent   ? 
_citation.unpublished_flag          ? 
# 
loop_
_citation_author.citation_id 
_citation_author.name 
_citation_author.ordinal 
_citation_author.identifier_ORCID 
primary 'Whitehurst, B.C.' 1  ? 
primary 'Anderson, N.A.'   2  ? 
primary 'Argyrou, A.'      3  ? 
primary 'Astles, P.'       4  ? 
primary 'Barlaam, B.'      5  ? 
primary 'Cadogan, E.B.'    6  ? 
primary 'Carlino, L.'      7  ? 
primary 'Collie, G.W.'     8  ? 
primary 'Edwards, A.'      9  ? 
primary 'Kitching, L.'     10 ? 
primary 'Li, Y.'           11 ? 
primary 'Milbradt, A.G.'   12 ? 
primary 'Nikkila, J.'      13 ? 
primary 'Northall, S.'     14 ? 
primary 'Pahlen, S.'       15 ? 
primary 'Patel, S.'        16 ? 
primary 'Savory, W.'       17 ? 
primary 'Schade, M.'       18 ? 
primary 'Spencer, J.A.'    19 ? 
primary 'Stead, D.'        20 ? 
primary 'Stubbs, C.J.'     21 ? 
primary 'Wang, A.'         22 ? 
primary 'Wang, W.'         23 ? 
# 
loop_
_entity.id 
_entity.type 
_entity.src_method 
_entity.pdbx_description 
_entity.formula_weight 
_entity.pdbx_number_of_molecules 
_entity.pdbx_ec 
_entity.pdbx_mutation 
_entity.pdbx_fragment 
_entity.details 
1 polymer     man '5-hydroxymethyl-dUMP N-hydrolase' 17174.293 1  3.2.2.- ? ? ? 
2 non-polymer syn 
;2-[[3-(7-bromanyl-1,2,4,5-tetrahydro-3-benzazepin-3-yl)-1,2,4-oxadiazol-5-yl]methyl]-3,4-dihydro-1~{H}-isoquinoline-7-carboxylic acid
;
483.358   1  ?       ? ? ? 
3 water       nat water 18.015    90 ?       ? ? ? 
# 
_entity_name_com.entity_id   1 
_entity_name_com.name        
;2'-deoxynucleoside 5'-phosphate N-hydrolase 1,c-Myc-responsive protein RCL
;
# 
_entity_poly.entity_id                      1 
_entity_poly.type                           'polypeptide(L)' 
_entity_poly.nstd_linkage                   no 
_entity_poly.nstd_monomer                   no 
_entity_poly.pdbx_seq_one_letter_code       
;MRPALYFCGSIRGGREDRTLYERIVSRLRRFGTVLTEHVAAAELGARGEEAAGGDRLIHEQDLEWLQQADVVVAEVTQPS
LGVGYELGRAVAFNKRILCLFRPQSGRVLSAMIRGAADGSRFQVWDYEEGEVEALLDRYFEADPLEENLYFQ
;
_entity_poly.pdbx_seq_one_letter_code_can   
;MRPALYFCGSIRGGREDRTLYERIVSRLRRFGTVLTEHVAAAELGARGEEAAGGDRLIHEQDLEWLQQADVVVAEVTQPS
LGVGYELGRAVAFNKRILCLFRPQSGRVLSAMIRGAADGSRFQVWDYEEGEVEALLDRYFEADPLEENLYFQ
;
_entity_poly.pdbx_strand_id                 A 
_entity_poly.pdbx_target_identifier         ? 
# 
loop_
_pdbx_entity_nonpoly.entity_id 
_pdbx_entity_nonpoly.name 
_pdbx_entity_nonpoly.comp_id 
2 
;2-[[3-(7-bromanyl-1,2,4,5-tetrahydro-3-benzazepin-3-yl)-1,2,4-oxadiazol-5-yl]methyl]-3,4-dihydro-1~{H}-isoquinoline-7-carboxylic acid
;
A1JKZ 
3 water HOH   
# 
loop_
_entity_poly_seq.entity_id 
_entity_poly_seq.num 
_entity_poly_seq.mon_id 
_entity_poly_seq.hetero 
1 1   MET n 
1 2   ARG n 
1 3   PRO n 
1 4   ALA n 
1 5   LEU n 
1 6   TYR n 
1 7   PHE n 
1 8   CYS n 
1 9   GLY n 
1 10  SER n 
1 11  ILE n 
1 12  ARG n 
1 13  GLY n 
1 14  GLY n 
1 15  ARG n 
1 16  GLU n 
1 17  ASP n 
1 18  ARG n 
1 19  THR n 
1 20  LEU n 
1 21  TYR n 
1 22  GLU n 
1 23  ARG n 
1 24  ILE n 
1 25  VAL n 
1 26  SER n 
1 27  ARG n 
1 28  LEU n 
1 29  ARG n 
1 30  ARG n 
1 31  PHE n 
1 32  GLY n 
1 33  THR n 
1 34  VAL n 
1 35  LEU n 
1 36  THR n 
1 37  GLU n 
1 38  HIS n 
1 39  VAL n 
1 40  ALA n 
1 41  ALA n 
1 42  ALA n 
1 43  GLU n 
1 44  LEU n 
1 45  GLY n 
1 46  ALA n 
1 47  ARG n 
1 48  GLY n 
1 49  GLU n 
1 50  GLU n 
1 51  ALA n 
1 52  ALA n 
1 53  GLY n 
1 54  GLY n 
1 55  ASP n 
1 56  ARG n 
1 57  LEU n 
1 58  ILE n 
1 59  HIS n 
1 60  GLU n 
1 61  GLN n 
1 62  ASP n 
1 63  LEU n 
1 64  GLU n 
1 65  TRP n 
1 66  LEU n 
1 67  GLN n 
1 68  GLN n 
1 69  ALA n 
1 70  ASP n 
1 71  VAL n 
1 72  VAL n 
1 73  VAL n 
1 74  ALA n 
1 75  GLU n 
1 76  VAL n 
1 77  THR n 
1 78  GLN n 
1 79  PRO n 
1 80  SER n 
1 81  LEU n 
1 82  GLY n 
1 83  VAL n 
1 84  GLY n 
1 85  TYR n 
1 86  GLU n 
1 87  LEU n 
1 88  GLY n 
1 89  ARG n 
1 90  ALA n 
1 91  VAL n 
1 92  ALA n 
1 93  PHE n 
1 94  ASN n 
1 95  LYS n 
1 96  ARG n 
1 97  ILE n 
1 98  LEU n 
1 99  CYS n 
1 100 LEU n 
1 101 PHE n 
1 102 ARG n 
1 103 PRO n 
1 104 GLN n 
1 105 SER n 
1 106 GLY n 
1 107 ARG n 
1 108 VAL n 
1 109 LEU n 
1 110 SER n 
1 111 ALA n 
1 112 MET n 
1 113 ILE n 
1 114 ARG n 
1 115 GLY n 
1 116 ALA n 
1 117 ALA n 
1 118 ASP n 
1 119 GLY n 
1 120 SER n 
1 121 ARG n 
1 122 PHE n 
1 123 GLN n 
1 124 VAL n 
1 125 TRP n 
1 126 ASP n 
1 127 TYR n 
1 128 GLU n 
1 129 GLU n 
1 130 GLY n 
1 131 GLU n 
1 132 VAL n 
1 133 GLU n 
1 134 ALA n 
1 135 LEU n 
1 136 LEU n 
1 137 ASP n 
1 138 ARG n 
1 139 TYR n 
1 140 PHE n 
1 141 GLU n 
1 142 ALA n 
1 143 ASP n 
1 144 PRO n 
1 145 LEU n 
1 146 GLU n 
1 147 GLU n 
1 148 ASN n 
1 149 LEU n 
1 150 TYR n 
1 151 PHE n 
1 152 GLN n 
# 
_entity_src_gen.entity_id                          1 
_entity_src_gen.pdbx_src_id                        1 
_entity_src_gen.pdbx_alt_source_flag               sample 
_entity_src_gen.pdbx_seq_type                      'Biological sequence' 
_entity_src_gen.pdbx_beg_seq_num                   1 
_entity_src_gen.pdbx_end_seq_num                   152 
_entity_src_gen.gene_src_common_name               human 
_entity_src_gen.gene_src_genus                     ? 
_entity_src_gen.pdbx_gene_src_gene                 'DNPH1, C6orf108, RCL' 
_entity_src_gen.gene_src_species                   ? 
_entity_src_gen.gene_src_strain                    ? 
_entity_src_gen.gene_src_tissue                    ? 
_entity_src_gen.gene_src_tissue_fraction           ? 
_entity_src_gen.gene_src_details                   ? 
_entity_src_gen.pdbx_gene_src_fragment             ? 
_entity_src_gen.pdbx_gene_src_scientific_name      'Homo sapiens' 
_entity_src_gen.pdbx_gene_src_ncbi_taxonomy_id     9606 
_entity_src_gen.pdbx_gene_src_variant              ? 
_entity_src_gen.pdbx_gene_src_cell_line            ? 
_entity_src_gen.pdbx_gene_src_atcc                 ? 
_entity_src_gen.pdbx_gene_src_organ                ? 
_entity_src_gen.pdbx_gene_src_organelle            ? 
_entity_src_gen.pdbx_gene_src_cell                 ? 
_entity_src_gen.pdbx_gene_src_cellular_location    ? 
_entity_src_gen.host_org_common_name               ? 
_entity_src_gen.pdbx_host_org_scientific_name      'Escherichia coli' 
_entity_src_gen.pdbx_host_org_ncbi_taxonomy_id     562 
_entity_src_gen.host_org_genus                     ? 
_entity_src_gen.pdbx_host_org_gene                 ? 
_entity_src_gen.pdbx_host_org_organ                ? 
_entity_src_gen.host_org_species                   ? 
_entity_src_gen.pdbx_host_org_tissue               ? 
_entity_src_gen.pdbx_host_org_tissue_fraction      ? 
_entity_src_gen.pdbx_host_org_strain               ? 
_entity_src_gen.pdbx_host_org_variant              ? 
_entity_src_gen.pdbx_host_org_cell_line            ? 
_entity_src_gen.pdbx_host_org_atcc                 ? 
_entity_src_gen.pdbx_host_org_culture_collection   ? 
_entity_src_gen.pdbx_host_org_cell                 ? 
_entity_src_gen.pdbx_host_org_organelle            ? 
_entity_src_gen.pdbx_host_org_cellular_location    ? 
_entity_src_gen.pdbx_host_org_vector_type          ? 
_entity_src_gen.pdbx_host_org_vector               ? 
_entity_src_gen.host_org_details                   ? 
_entity_src_gen.expression_system_id               ? 
_entity_src_gen.plasmid_name                       ? 
_entity_src_gen.plasmid_details                    ? 
_entity_src_gen.pdbx_description                   ? 
# 
loop_
_chem_comp.id 
_chem_comp.type 
_chem_comp.mon_nstd_flag 
_chem_comp.name 
_chem_comp.pdbx_synonyms 
_chem_comp.formula 
_chem_comp.formula_weight 
A1JKZ non-polymer         . 
;2-[[3-(7-bromanyl-1,2,4,5-tetrahydro-3-benzazepin-3-yl)-1,2,4-oxadiazol-5-yl]methyl]-3,4-dihydro-1~{H}-isoquinoline-7-carboxylic acid
;
? 'C23 H23 Br N4 O3' 483.358 
ALA   'L-peptide linking' y ALANINE ? 'C3 H7 N O2'       89.093  
ARG   'L-peptide linking' y ARGININE ? 'C6 H15 N4 O2 1'   175.209 
ASN   'L-peptide linking' y ASPARAGINE ? 'C4 H8 N2 O3'      132.118 
ASP   'L-peptide linking' y 'ASPARTIC ACID' ? 'C4 H7 N O4'       133.103 
CYS   'L-peptide linking' y CYSTEINE ? 'C3 H7 N O2 S'     121.158 
GLN   'L-peptide linking' y GLUTAMINE ? 'C5 H10 N2 O3'     146.144 
GLU   'L-peptide linking' y 'GLUTAMIC ACID' ? 'C5 H9 N O4'       147.129 
GLY   'peptide linking'   y GLYCINE ? 'C2 H5 N O2'       75.067  
HIS   'L-peptide linking' y HISTIDINE ? 'C6 H10 N3 O2 1'   156.162 
HOH   non-polymer         . WATER ? 'H2 O'             18.015  
ILE   'L-peptide linking' y ISOLEUCINE ? 'C6 H13 N O2'      131.173 
LEU   'L-peptide linking' y LEUCINE ? 'C6 H13 N O2'      131.173 
LYS   'L-peptide linking' y LYSINE ? 'C6 H15 N2 O2 1'   147.195 
MET   'L-peptide linking' y METHIONINE ? 'C5 H11 N O2 S'    149.211 
PHE   'L-peptide linking' y PHENYLALANINE ? 'C9 H11 N O2'      165.189 
PRO   'L-peptide linking' y PROLINE ? 'C5 H9 N O2'       115.130 
SER   'L-peptide linking' y SERINE ? 'C3 H7 N O3'       105.093 
THR   'L-peptide linking' y THREONINE ? 'C4 H9 N O3'       119.119 
TRP   'L-peptide linking' y TRYPTOPHAN ? 'C11 H12 N2 O2'    204.225 
TYR   'L-peptide linking' y TYROSINE ? 'C9 H11 N O3'      181.189 
VAL   'L-peptide linking' y VALINE ? 'C5 H11 N O2'      117.146 
# 
loop_
_pdbx_poly_seq_scheme.asym_id 
_pdbx_poly_seq_scheme.entity_id 
_pdbx_poly_seq_scheme.seq_id 
_pdbx_poly_seq_scheme.mon_id 
_pdbx_poly_seq_scheme.ndb_seq_num 
_pdbx_poly_seq_scheme.pdb_seq_num 
_pdbx_poly_seq_scheme.auth_seq_num 
_pdbx_poly_seq_scheme.pdb_mon_id 
_pdbx_poly_seq_scheme.auth_mon_id 
_pdbx_poly_seq_scheme.pdb_strand_id 
_pdbx_poly_seq_scheme.pdb_ins_code 
_pdbx_poly_seq_scheme.hetero 
A 1 1   MET 1   19  ?   ?   ?   A . n 
A 1 2   ARG 2   20  20  ARG ARG A . n 
A 1 3   PRO 3   21  21  PRO PRO A . n 
A 1 4   ALA 4   22  22  ALA ALA A . n 
A 1 5   LEU 5   23  23  LEU LEU A . n 
A 1 6   TYR 6   24  24  TYR TYR A . n 
A 1 7   PHE 7   25  25  PHE PHE A . n 
A 1 8   CYS 8   26  26  CYS CYS A . n 
A 1 9   GLY 9   27  27  GLY GLY A . n 
A 1 10  SER 10  28  28  SER SER A . n 
A 1 11  ILE 11  29  29  ILE ILE A . n 
A 1 12  ARG 12  30  30  ARG ARG A . n 
A 1 13  GLY 13  31  31  GLY GLY A . n 
A 1 14  GLY 14  32  32  GLY GLY A . n 
A 1 15  ARG 15  33  33  ARG ARG A . n 
A 1 16  GLU 16  34  34  GLU GLU A . n 
A 1 17  ASP 17  35  35  ASP ASP A . n 
A 1 18  ARG 18  36  36  ARG ARG A . n 
A 1 19  THR 19  37  37  THR THR A . n 
A 1 20  LEU 20  38  38  LEU LEU A . n 
A 1 21  TYR 21  39  39  TYR TYR A . n 
A 1 22  GLU 22  40  40  GLU GLU A . n 
A 1 23  ARG 23  41  41  ARG ARG A . n 
A 1 24  ILE 24  42  42  ILE ILE A . n 
A 1 25  VAL 25  43  43  VAL VAL A . n 
A 1 26  SER 26  44  44  SER SER A . n 
A 1 27  ARG 27  45  45  ARG ARG A . n 
A 1 28  LEU 28  46  46  LEU LEU A . n 
A 1 29  ARG 29  47  47  ARG ARG A . n 
A 1 30  ARG 30  48  48  ARG ARG A . n 
A 1 31  PHE 31  49  49  PHE PHE A . n 
A 1 32  GLY 32  50  50  GLY GLY A . n 
A 1 33  THR 33  51  51  THR THR A . n 
A 1 34  VAL 34  52  52  VAL VAL A . n 
A 1 35  LEU 35  53  53  LEU LEU A . n 
A 1 36  THR 36  54  54  THR THR A . n 
A 1 37  GLU 37  55  55  GLU GLU A . n 
A 1 38  HIS 38  56  56  HIS HIS A . n 
A 1 39  VAL 39  57  57  VAL VAL A . n 
A 1 40  ALA 40  58  58  ALA ALA A . n 
A 1 41  ALA 41  59  59  ALA ALA A . n 
A 1 42  ALA 42  60  60  ALA ALA A . n 
A 1 43  GLU 43  61  61  GLU GLU A . n 
A 1 44  LEU 44  62  62  LEU LEU A . n 
A 1 45  GLY 45  63  63  GLY GLY A . n 
A 1 46  ALA 46  64  64  ALA ALA A . n 
A 1 47  ARG 47  65  65  ARG ARG A . n 
A 1 48  GLY 48  66  66  GLY GLY A . n 
A 1 49  GLU 49  67  67  GLU GLU A . n 
A 1 50  GLU 50  68  68  GLU GLU A . n 
A 1 51  ALA 51  69  69  ALA ALA A . n 
A 1 52  ALA 52  70  70  ALA ALA A . n 
A 1 53  GLY 53  71  71  GLY GLY A . n 
A 1 54  GLY 54  72  72  GLY GLY A . n 
A 1 55  ASP 55  73  73  ASP ASP A . n 
A 1 56  ARG 56  74  74  ARG ARG A . n 
A 1 57  LEU 57  75  75  LEU LEU A . n 
A 1 58  ILE 58  76  76  ILE ILE A . n 
A 1 59  HIS 59  77  77  HIS HIS A . n 
A 1 60  GLU 60  78  78  GLU GLU A . n 
A 1 61  GLN 61  79  79  GLN GLN A . n 
A 1 62  ASP 62  80  80  ASP ASP A . n 
A 1 63  LEU 63  81  81  LEU LEU A . n 
A 1 64  GLU 64  82  82  GLU GLU A . n 
A 1 65  TRP 65  83  83  TRP TRP A . n 
A 1 66  LEU 66  84  84  LEU LEU A . n 
A 1 67  GLN 67  85  85  GLN GLN A . n 
A 1 68  GLN 68  86  86  GLN GLN A . n 
A 1 69  ALA 69  87  87  ALA ALA A . n 
A 1 70  ASP 70  88  88  ASP ASP A . n 
A 1 71  VAL 71  89  89  VAL VAL A . n 
A 1 72  VAL 72  90  90  VAL VAL A . n 
A 1 73  VAL 73  91  91  VAL VAL A . n 
A 1 74  ALA 74  92  92  ALA ALA A . n 
A 1 75  GLU 75  93  93  GLU GLU A . n 
A 1 76  VAL 76  94  94  VAL VAL A . n 
A 1 77  THR 77  95  95  THR THR A . n 
A 1 78  GLN 78  96  96  GLN GLN A . n 
A 1 79  PRO 79  97  97  PRO PRO A . n 
A 1 80  SER 80  98  98  SER SER A . n 
A 1 81  LEU 81  99  99  LEU LEU A . n 
A 1 82  GLY 82  100 100 GLY GLY A . n 
A 1 83  VAL 83  101 101 VAL VAL A . n 
A 1 84  GLY 84  102 102 GLY GLY A . n 
A 1 85  TYR 85  103 103 TYR TYR A . n 
A 1 86  GLU 86  104 104 GLU GLU A . n 
A 1 87  LEU 87  105 105 LEU LEU A . n 
A 1 88  GLY 88  106 106 GLY GLY A . n 
A 1 89  ARG 89  107 107 ARG ARG A . n 
A 1 90  ALA 90  108 108 ALA ALA A . n 
A 1 91  VAL 91  109 109 VAL VAL A . n 
A 1 92  ALA 92  110 110 ALA ALA A . n 
A 1 93  PHE 93  111 111 PHE PHE A . n 
A 1 94  ASN 94  112 112 ASN ASN A . n 
A 1 95  LYS 95  113 113 LYS LYS A . n 
A 1 96  ARG 96  114 114 ARG ARG A . n 
A 1 97  ILE 97  115 115 ILE ILE A . n 
A 1 98  LEU 98  116 116 LEU LEU A . n 
A 1 99  CYS 99  117 117 CYS CYS A . n 
A 1 100 LEU 100 118 118 LEU LEU A . n 
A 1 101 PHE 101 119 119 PHE PHE A . n 
A 1 102 ARG 102 120 120 ARG ARG A . n 
A 1 103 PRO 103 121 121 PRO PRO A . n 
A 1 104 GLN 104 122 122 GLN GLN A . n 
A 1 105 SER 105 123 123 SER SER A . n 
A 1 106 GLY 106 124 124 GLY GLY A . n 
A 1 107 ARG 107 125 125 ARG ARG A . n 
A 1 108 VAL 108 126 126 VAL VAL A . n 
A 1 109 LEU 109 127 127 LEU LEU A . n 
A 1 110 SER 110 128 128 SER SER A . n 
A 1 111 ALA 111 129 129 ALA ALA A . n 
A 1 112 MET 112 130 130 MET MET A . n 
A 1 113 ILE 113 131 131 ILE ILE A . n 
A 1 114 ARG 114 132 132 ARG ARG A . n 
A 1 115 GLY 115 133 133 GLY GLY A . n 
A 1 116 ALA 116 134 134 ALA ALA A . n 
A 1 117 ALA 117 135 135 ALA ALA A . n 
A 1 118 ASP 118 136 136 ASP ASP A . n 
A 1 119 GLY 119 137 137 GLY GLY A . n 
A 1 120 SER 120 138 138 SER SER A . n 
A 1 121 ARG 121 139 139 ARG ARG A . n 
A 1 122 PHE 122 140 140 PHE PHE A . n 
A 1 123 GLN 123 141 141 GLN GLN A . n 
A 1 124 VAL 124 142 142 VAL VAL A . n 
A 1 125 TRP 125 143 143 TRP TRP A . n 
A 1 126 ASP 126 144 144 ASP ASP A . n 
A 1 127 TYR 127 145 145 TYR TYR A . n 
A 1 128 GLU 128 146 146 GLU GLU A . n 
A 1 129 GLU 129 147 147 GLU GLU A . n 
A 1 130 GLY 130 148 148 GLY GLY A . n 
A 1 131 GLU 131 149 149 GLU GLU A . n 
A 1 132 VAL 132 150 150 VAL VAL A . n 
A 1 133 GLU 133 151 151 GLU GLU A . n 
A 1 134 ALA 134 152 152 ALA ALA A . n 
A 1 135 LEU 135 153 153 LEU LEU A . n 
A 1 136 LEU 136 154 154 LEU LEU A . n 
A 1 137 ASP 137 155 155 ASP ASP A . n 
A 1 138 ARG 138 156 156 ARG ARG A . n 
A 1 139 TYR 139 157 157 TYR TYR A . n 
A 1 140 PHE 140 158 158 PHE PHE A . n 
A 1 141 GLU 141 159 159 GLU GLU A . n 
A 1 142 ALA 142 160 ?   ?   ?   A . n 
A 1 143 ASP 143 161 ?   ?   ?   A . n 
A 1 144 PRO 144 162 ?   ?   ?   A . n 
A 1 145 LEU 145 163 ?   ?   ?   A . n 
A 1 146 GLU 146 164 ?   ?   ?   A . n 
A 1 147 GLU 147 165 ?   ?   ?   A . n 
A 1 148 ASN 148 166 ?   ?   ?   A . n 
A 1 149 LEU 149 167 ?   ?   ?   A . n 
A 1 150 TYR 150 168 ?   ?   ?   A . n 
A 1 151 PHE 151 169 ?   ?   ?   A . n 
A 1 152 GLN 152 170 ?   ?   ?   A . n 
# 
_pdbx_entity_instance_feature.ordinal        1 
_pdbx_entity_instance_feature.comp_id        A1JKZ 
_pdbx_entity_instance_feature.asym_id        ? 
_pdbx_entity_instance_feature.seq_num        ? 
_pdbx_entity_instance_feature.auth_comp_id   A1JKZ 
_pdbx_entity_instance_feature.auth_asym_id   ? 
_pdbx_entity_instance_feature.auth_seq_num   ? 
_pdbx_entity_instance_feature.feature_type   'SUBJECT OF INVESTIGATION' 
_pdbx_entity_instance_feature.details        ? 
# 
loop_
_pdbx_nonpoly_scheme.asym_id 
_pdbx_nonpoly_scheme.entity_id 
_pdbx_nonpoly_scheme.mon_id 
_pdbx_nonpoly_scheme.ndb_seq_num 
_pdbx_nonpoly_scheme.pdb_seq_num 
_pdbx_nonpoly_scheme.auth_seq_num 
_pdbx_nonpoly_scheme.pdb_mon_id 
_pdbx_nonpoly_scheme.auth_mon_id 
_pdbx_nonpoly_scheme.pdb_strand_id 
_pdbx_nonpoly_scheme.pdb_ins_code 
B 2 A1JKZ 1  201 1  A1JKZ INH A . 
C 3 HOH   1  301 29 HOH   HOH A . 
C 3 HOH   2  302 83 HOH   HOH A . 
C 3 HOH   3  303 2  HOH   HOH A . 
C 3 HOH   4  304 4  HOH   HOH A . 
C 3 HOH   5  305 84 HOH   HOH A . 
C 3 HOH   6  306 35 HOH   HOH A . 
C 3 HOH   7  307 85 HOH   HOH A . 
C 3 HOH   8  308 52 HOH   HOH A . 
C 3 HOH   9  309 7  HOH   HOH A . 
C 3 HOH   10 310 65 HOH   HOH A . 
C 3 HOH   11 311 15 HOH   HOH A . 
C 3 HOH   12 312 91 HOH   HOH A . 
C 3 HOH   13 313 21 HOH   HOH A . 
C 3 HOH   14 314 17 HOH   HOH A . 
C 3 HOH   15 315 34 HOH   HOH A . 
C 3 HOH   16 316 58 HOH   HOH A . 
C 3 HOH   17 317 25 HOH   HOH A . 
C 3 HOH   18 318 9  HOH   HOH A . 
C 3 HOH   19 319 67 HOH   HOH A . 
C 3 HOH   20 320 18 HOH   HOH A . 
C 3 HOH   21 321 33 HOH   HOH A . 
C 3 HOH   22 322 22 HOH   HOH A . 
C 3 HOH   23 323 88 HOH   HOH A . 
C 3 HOH   24 324 27 HOH   HOH A . 
C 3 HOH   25 325 47 HOH   HOH A . 
C 3 HOH   26 326 36 HOH   HOH A . 
C 3 HOH   27 327 10 HOH   HOH A . 
C 3 HOH   28 328 90 HOH   HOH A . 
C 3 HOH   29 329 89 HOH   HOH A . 
C 3 HOH   30 330 23 HOH   HOH A . 
C 3 HOH   31 331 53 HOH   HOH A . 
C 3 HOH   32 332 31 HOH   HOH A . 
C 3 HOH   33 333 60 HOH   HOH A . 
C 3 HOH   34 334 13 HOH   HOH A . 
C 3 HOH   35 335 87 HOH   HOH A . 
C 3 HOH   36 336 63 HOH   HOH A . 
C 3 HOH   37 337 86 HOH   HOH A . 
C 3 HOH   38 338 64 HOH   HOH A . 
C 3 HOH   39 339 5  HOH   HOH A . 
C 3 HOH   40 340 16 HOH   HOH A . 
C 3 HOH   41 341 1  HOH   HOH A . 
C 3 HOH   42 342 40 HOH   HOH A . 
C 3 HOH   43 343 69 HOH   HOH A . 
C 3 HOH   44 344 51 HOH   HOH A . 
C 3 HOH   45 345 78 HOH   HOH A . 
C 3 HOH   46 346 74 HOH   HOH A . 
C 3 HOH   47 347 8  HOH   HOH A . 
C 3 HOH   48 348 68 HOH   HOH A . 
C 3 HOH   49 349 24 HOH   HOH A . 
C 3 HOH   50 350 30 HOH   HOH A . 
C 3 HOH   51 351 62 HOH   HOH A . 
C 3 HOH   52 352 82 HOH   HOH A . 
C 3 HOH   53 353 59 HOH   HOH A . 
C 3 HOH   54 354 54 HOH   HOH A . 
C 3 HOH   55 355 6  HOH   HOH A . 
C 3 HOH   56 356 42 HOH   HOH A . 
C 3 HOH   57 357 66 HOH   HOH A . 
C 3 HOH   58 358 46 HOH   HOH A . 
C 3 HOH   59 359 43 HOH   HOH A . 
C 3 HOH   60 360 19 HOH   HOH A . 
C 3 HOH   61 361 61 HOH   HOH A . 
C 3 HOH   62 362 12 HOH   HOH A . 
C 3 HOH   63 363 20 HOH   HOH A . 
C 3 HOH   64 364 55 HOH   HOH A . 
C 3 HOH   65 365 41 HOH   HOH A . 
C 3 HOH   66 366 45 HOH   HOH A . 
C 3 HOH   67 367 32 HOH   HOH A . 
C 3 HOH   68 368 39 HOH   HOH A . 
C 3 HOH   69 369 81 HOH   HOH A . 
C 3 HOH   70 370 44 HOH   HOH A . 
C 3 HOH   71 371 26 HOH   HOH A . 
C 3 HOH   72 372 38 HOH   HOH A . 
C 3 HOH   73 373 48 HOH   HOH A . 
C 3 HOH   74 374 14 HOH   HOH A . 
C 3 HOH   75 375 77 HOH   HOH A . 
C 3 HOH   76 376 56 HOH   HOH A . 
C 3 HOH   77 377 3  HOH   HOH A . 
C 3 HOH   78 378 79 HOH   HOH A . 
C 3 HOH   79 379 11 HOH   HOH A . 
C 3 HOH   80 380 28 HOH   HOH A . 
C 3 HOH   81 381 50 HOH   HOH A . 
C 3 HOH   82 382 37 HOH   HOH A . 
C 3 HOH   83 383 80 HOH   HOH A . 
C 3 HOH   84 384 71 HOH   HOH A . 
C 3 HOH   85 385 57 HOH   HOH A . 
C 3 HOH   86 386 72 HOH   HOH A . 
C 3 HOH   87 387 75 HOH   HOH A . 
C 3 HOH   88 388 70 HOH   HOH A . 
C 3 HOH   89 389 76 HOH   HOH A . 
C 3 HOH   90 390 73 HOH   HOH A . 
# 
loop_
_pdbx_unobs_or_zero_occ_atoms.id 
_pdbx_unobs_or_zero_occ_atoms.PDB_model_num 
_pdbx_unobs_or_zero_occ_atoms.polymer_flag 
_pdbx_unobs_or_zero_occ_atoms.occupancy_flag 
_pdbx_unobs_or_zero_occ_atoms.auth_asym_id 
_pdbx_unobs_or_zero_occ_atoms.auth_comp_id 
_pdbx_unobs_or_zero_occ_atoms.auth_seq_id 
_pdbx_unobs_or_zero_occ_atoms.PDB_ins_code 
_pdbx_unobs_or_zero_occ_atoms.auth_atom_id 
_pdbx_unobs_or_zero_occ_atoms.label_alt_id 
_pdbx_unobs_or_zero_occ_atoms.label_asym_id 
_pdbx_unobs_or_zero_occ_atoms.label_comp_id 
_pdbx_unobs_or_zero_occ_atoms.label_seq_id 
_pdbx_unobs_or_zero_occ_atoms.label_atom_id 
1  1 Y 1 A ARG 30  ? CG  ? A ARG 12  CG  
2  1 Y 1 A ARG 30  ? CD  ? A ARG 12  CD  
3  1 Y 1 A ARG 30  ? NE  ? A ARG 12  NE  
4  1 Y 1 A ARG 30  ? CZ  ? A ARG 12  CZ  
5  1 Y 1 A ARG 30  ? NH1 ? A ARG 12  NH1 
6  1 Y 1 A ARG 30  ? NH2 ? A ARG 12  NH2 
7  1 Y 1 A ARG 36  ? CG  ? A ARG 18  CG  
8  1 Y 1 A ARG 36  ? CD  ? A ARG 18  CD  
9  1 Y 1 A ARG 36  ? NE  ? A ARG 18  NE  
10 1 Y 1 A ARG 36  ? CZ  ? A ARG 18  CZ  
11 1 Y 1 A ARG 36  ? NH1 ? A ARG 18  NH1 
12 1 Y 1 A ARG 36  ? NH2 ? A ARG 18  NH2 
13 1 Y 1 A GLU 40  ? CG  ? A GLU 22  CG  
14 1 Y 1 A GLU 40  ? CD  ? A GLU 22  CD  
15 1 Y 1 A GLU 40  ? OE1 ? A GLU 22  OE1 
16 1 Y 1 A GLU 40  ? OE2 ? A GLU 22  OE2 
17 1 Y 1 A GLU 61  ? CG  ? A GLU 43  CG  
18 1 Y 1 A GLU 61  ? CD  ? A GLU 43  CD  
19 1 Y 1 A GLU 61  ? OE1 ? A GLU 43  OE1 
20 1 Y 1 A GLU 61  ? OE2 ? A GLU 43  OE2 
21 1 Y 1 A ARG 65  ? CG  ? A ARG 47  CG  
22 1 Y 1 A ARG 65  ? CD  ? A ARG 47  CD  
23 1 Y 1 A ARG 65  ? NE  ? A ARG 47  NE  
24 1 Y 1 A ARG 65  ? CZ  ? A ARG 47  CZ  
25 1 Y 1 A ARG 65  ? NH1 ? A ARG 47  NH1 
26 1 Y 1 A ARG 65  ? NH2 ? A ARG 47  NH2 
27 1 Y 1 A GLU 68  ? CG  ? A GLU 50  CG  
28 1 Y 1 A GLU 68  ? CD  ? A GLU 50  CD  
29 1 Y 1 A GLU 68  ? OE1 ? A GLU 50  OE1 
30 1 Y 1 A GLU 68  ? OE2 ? A GLU 50  OE2 
31 1 Y 1 A ASN 112 ? CG  ? A ASN 94  CG  
32 1 Y 1 A ASN 112 ? OD1 ? A ASN 94  OD1 
33 1 Y 1 A ASN 112 ? ND2 ? A ASN 94  ND2 
34 1 Y 1 A GLN 122 ? CG  ? A GLN 104 CG  
35 1 Y 1 A GLN 122 ? CD  ? A GLN 104 CD  
36 1 Y 1 A GLN 122 ? OE1 ? A GLN 104 OE1 
37 1 Y 1 A GLN 122 ? NE2 ? A GLN 104 NE2 
38 1 Y 1 A ARG 139 ? CG  ? A ARG 121 CG  
39 1 Y 1 A ARG 139 ? CD  ? A ARG 121 CD  
40 1 Y 1 A ARG 139 ? NE  ? A ARG 121 NE  
41 1 Y 1 A ARG 139 ? CZ  ? A ARG 121 CZ  
42 1 Y 1 A ARG 139 ? NH1 ? A ARG 121 NH1 
43 1 Y 1 A ARG 139 ? NH2 ? A ARG 121 NH2 
# 
loop_
_software.citation_id 
_software.classification 
_software.compiler_name 
_software.compiler_version 
_software.contact_author 
_software.contact_author_email 
_software.date 
_software.description 
_software.dependencies 
_software.hardware 
_software.language 
_software.location 
_software.mods 
_software.name 
_software.os 
_software.os_version 
_software.type 
_software.version 
_software.pdbx_reference_DOI 
_software.pdbx_ordinal 
? refinement       ? ? ? ? ? ? ? ? ? ? ? BUSTER ? ? ? 2.11.8 ? 1 
? 'data reduction' ? ? ? ? ? ? ? ? ? ? ? XDS    ? ? ? .      ? 2 
? 'data scaling'   ? ? ? ? ? ? ? ? ? ? ? XDS    ? ? ? .      ? 3 
? phasing          ? ? ? ? ? ? ? ? ? ? ? PHASER ? ? ? .      ? 4 
# 
_cell.angle_alpha                  90 
_cell.angle_alpha_esd              ? 
_cell.angle_beta                   90 
_cell.angle_beta_esd               ? 
_cell.angle_gamma                  90 
_cell.angle_gamma_esd              ? 
_cell.entry_id                     9S1N 
_cell.details                      ? 
_cell.formula_units_Z              ? 
_cell.length_a                     47.026 
_cell.length_a_esd                 ? 
_cell.length_b                     84.522 
_cell.length_b_esd                 ? 
_cell.length_c                     33.839 
_cell.length_c_esd                 ? 
_cell.volume                       ? 
_cell.volume_esd                   ? 
_cell.Z_PDB                        4 
_cell.reciprocal_angle_alpha       ? 
_cell.reciprocal_angle_beta        ? 
_cell.reciprocal_angle_gamma       ? 
_cell.reciprocal_angle_alpha_esd   ? 
_cell.reciprocal_angle_beta_esd    ? 
_cell.reciprocal_angle_gamma_esd   ? 
_cell.reciprocal_length_a          ? 
_cell.reciprocal_length_b          ? 
_cell.reciprocal_length_c          ? 
_cell.reciprocal_length_a_esd      ? 
_cell.reciprocal_length_b_esd      ? 
_cell.reciprocal_length_c_esd      ? 
_cell.pdbx_unique_axis             ? 
_cell.pdbx_esd_method              ? 
# 
_symmetry.entry_id                         9S1N 
_symmetry.cell_setting                     ? 
_symmetry.Int_Tables_number                18 
_symmetry.space_group_name_Hall            ? 
_symmetry.space_group_name_H-M             'P 21 21 2' 
_symmetry.pdbx_full_space_group_name_H-M   ? 
# 
_exptl.absorpt_coefficient_mu     ? 
_exptl.absorpt_correction_T_max   ? 
_exptl.absorpt_correction_T_min   ? 
_exptl.absorpt_correction_type    ? 
_exptl.absorpt_process_details    ? 
_exptl.entry_id                   9S1N 
_exptl.crystals_number            1 
_exptl.details                    ? 
_exptl.method                     'X-RAY DIFFRACTION' 
_exptl.method_details             ? 
# 
_exptl_crystal.colour                       ? 
_exptl_crystal.density_diffrn               ? 
_exptl_crystal.density_Matthews             1.96 
_exptl_crystal.density_method               ? 
_exptl_crystal.density_percent_sol          37.18 
_exptl_crystal.description                  ? 
_exptl_crystal.F_000                        ? 
_exptl_crystal.id                           1 
_exptl_crystal.preparation                  ? 
_exptl_crystal.size_max                     ? 
_exptl_crystal.size_mid                     ? 
_exptl_crystal.size_min                     ? 
_exptl_crystal.size_rad                     ? 
_exptl_crystal.colour_lustre                ? 
_exptl_crystal.colour_modifier              ? 
_exptl_crystal.colour_primary               ? 
_exptl_crystal.density_meas                 ? 
_exptl_crystal.density_meas_esd             ? 
_exptl_crystal.density_meas_gt              ? 
_exptl_crystal.density_meas_lt              ? 
_exptl_crystal.density_meas_temp            ? 
_exptl_crystal.density_meas_temp_esd        ? 
_exptl_crystal.density_meas_temp_gt         ? 
_exptl_crystal.density_meas_temp_lt         ? 
_exptl_crystal.pdbx_crystal_image_url       ? 
_exptl_crystal.pdbx_crystal_image_format    ? 
_exptl_crystal.pdbx_mosaicity               ? 
_exptl_crystal.pdbx_mosaicity_esd           ? 
_exptl_crystal.pdbx_mosaic_method           ? 
_exptl_crystal.pdbx_mosaic_block_size       ? 
_exptl_crystal.pdbx_mosaic_block_size_esd   ? 
# 
_exptl_crystal_grow.apparatus       ? 
_exptl_crystal_grow.atmosphere      ? 
_exptl_crystal_grow.crystal_id      1 
_exptl_crystal_grow.details         ? 
_exptl_crystal_grow.method          'VAPOR DIFFUSION, SITTING DROP' 
_exptl_crystal_grow.method_ref      ? 
_exptl_crystal_grow.pH              ? 
_exptl_crystal_grow.pressure        ? 
_exptl_crystal_grow.pressure_esd    ? 
_exptl_crystal_grow.seeding         ? 
_exptl_crystal_grow.seeding_ref     ? 
_exptl_crystal_grow.temp_details    ? 
_exptl_crystal_grow.temp_esd        ? 
_exptl_crystal_grow.time            ? 
_exptl_crystal_grow.pdbx_details    '30 % PEG8000, 0.2 M ammonium sulfate, 0.1 M PCTP pH 5.5' 
_exptl_crystal_grow.pdbx_pH_range   ? 
_exptl_crystal_grow.temp            293 
# 
_diffrn.ambient_environment              ? 
_diffrn.ambient_temp                     100 
_diffrn.ambient_temp_details             ? 
_diffrn.ambient_temp_esd                 ? 
_diffrn.crystal_id                       1 
_diffrn.crystal_support                  ? 
_diffrn.crystal_treatment                ? 
_diffrn.details                          ? 
_diffrn.id                               1 
_diffrn.ambient_pressure                 ? 
_diffrn.ambient_pressure_esd             ? 
_diffrn.ambient_pressure_gt              ? 
_diffrn.ambient_pressure_lt              ? 
_diffrn.ambient_temp_gt                  ? 
_diffrn.ambient_temp_lt                  ? 
_diffrn.pdbx_serial_crystal_experiment   N 
# 
_diffrn_detector.details                      ? 
_diffrn_detector.detector                     PIXEL 
_diffrn_detector.diffrn_id                    1 
_diffrn_detector.type                         'DECTRIS EIGER X 16M' 
_diffrn_detector.area_resol_mean              ? 
_diffrn_detector.dtime                        ? 
_diffrn_detector.pdbx_frames_total            ? 
_diffrn_detector.pdbx_collection_time_total   ? 
_diffrn_detector.pdbx_collection_date         2023-08-08 
_diffrn_detector.pdbx_frequency               ? 
_diffrn_detector.id                           ? 
_diffrn_detector.number_of_axes               ? 
# 
_diffrn_radiation.collimation                      ? 
_diffrn_radiation.diffrn_id                        1 
_diffrn_radiation.filter_edge                      ? 
_diffrn_radiation.inhomogeneity                    ? 
_diffrn_radiation.monochromator                    ? 
_diffrn_radiation.polarisn_norm                    ? 
_diffrn_radiation.polarisn_ratio                   ? 
_diffrn_radiation.probe                            ? 
_diffrn_radiation.type                             ? 
_diffrn_radiation.xray_symbol                      ? 
_diffrn_radiation.wavelength_id                    1 
_diffrn_radiation.pdbx_monochromatic_or_laue_m_l   M 
_diffrn_radiation.pdbx_wavelength_list             ? 
_diffrn_radiation.pdbx_wavelength                  ? 
_diffrn_radiation.pdbx_diffrn_protocol             'SINGLE WAVELENGTH' 
_diffrn_radiation.pdbx_analyzer                    ? 
_diffrn_radiation.pdbx_scattering_type             x-ray 
# 
_diffrn_radiation_wavelength.id           1 
_diffrn_radiation_wavelength.wavelength   0.95374 
_diffrn_radiation_wavelength.wt           1.0 
# 
_diffrn_source.current                     ? 
_diffrn_source.details                     ? 
_diffrn_source.diffrn_id                   1 
_diffrn_source.power                       ? 
_diffrn_source.size                        ? 
_diffrn_source.source                      SYNCHROTRON 
_diffrn_source.target                      ? 
_diffrn_source.type                        'DIAMOND BEAMLINE I04' 
_diffrn_source.voltage                     ? 
_diffrn_source.take-off_angle              ? 
_diffrn_source.pdbx_wavelength_list        0.95374 
_diffrn_source.pdbx_wavelength             ? 
_diffrn_source.pdbx_synchrotron_beamline   I04 
_diffrn_source.pdbx_synchrotron_site       Diamond 
# 
_reflns.B_iso_Wilson_estimate                          ? 
_reflns.entry_id                                       9S1N 
_reflns.data_reduction_details                         ? 
_reflns.data_reduction_method                          ? 
_reflns.d_resolution_high                              1.503 
_reflns.d_resolution_low                               42.261 
_reflns.details                                        ? 
_reflns.limit_h_max                                    ? 
_reflns.limit_h_min                                    ? 
_reflns.limit_k_max                                    ? 
_reflns.limit_k_min                                    ? 
_reflns.limit_l_max                                    ? 
_reflns.limit_l_min                                    ? 
_reflns.number_all                                     ? 
_reflns.number_obs                                     14304 
_reflns.observed_criterion                             ? 
_reflns.observed_criterion_F_max                       ? 
_reflns.observed_criterion_F_min                       ? 
_reflns.observed_criterion_I_max                       ? 
_reflns.observed_criterion_I_min                       ? 
_reflns.observed_criterion_sigma_F                     ? 
_reflns.observed_criterion_sigma_I                     ? 
_reflns.percent_possible_obs                           90.1 
_reflns.R_free_details                                 ? 
_reflns.Rmerge_F_all                                   ? 
_reflns.Rmerge_F_obs                                   ? 
_reflns.Friedel_coverage                               ? 
_reflns.number_gt                                      ? 
_reflns.threshold_expression                           ? 
_reflns.pdbx_redundancy                                6.1 
_reflns.pdbx_netI_over_av_sigmaI                       ? 
_reflns.pdbx_netI_over_sigmaI                          9.8 
_reflns.pdbx_res_netI_over_av_sigmaI_2                 ? 
_reflns.pdbx_res_netI_over_sigmaI_2                    ? 
_reflns.pdbx_chi_squared                               ? 
_reflns.pdbx_scaling_rejects                           ? 
_reflns.pdbx_d_res_high_opt                            ? 
_reflns.pdbx_d_res_low_opt                             ? 
_reflns.pdbx_d_res_opt_method                          ? 
_reflns.phase_calculation_details                      ? 
_reflns.pdbx_Rrim_I_all                                ? 
_reflns.pdbx_Rpim_I_all                                ? 
_reflns.pdbx_d_opt                                     ? 
_reflns.pdbx_number_measured_all                       ? 
_reflns.pdbx_diffrn_id                                 1 
_reflns.pdbx_ordinal                                   1 
_reflns.pdbx_CC_half                                   0.998 
_reflns.pdbx_CC_star                                   ? 
_reflns.pdbx_R_split                                   ? 
_reflns.pdbx_Rmerge_I_obs                              ? 
_reflns.pdbx_Rmerge_I_all                              ? 
_reflns.pdbx_Rsym_value                                ? 
_reflns.pdbx_CC_split_method                           ? 
_reflns.pdbx_aniso_diffraction_limit_axis_1_ortho[1]   ? 
_reflns.pdbx_aniso_diffraction_limit_axis_1_ortho[2]   ? 
_reflns.pdbx_aniso_diffraction_limit_axis_1_ortho[3]   ? 
_reflns.pdbx_aniso_diffraction_limit_axis_2_ortho[1]   ? 
_reflns.pdbx_aniso_diffraction_limit_axis_2_ortho[2]   ? 
_reflns.pdbx_aniso_diffraction_limit_axis_2_ortho[3]   ? 
_reflns.pdbx_aniso_diffraction_limit_axis_3_ortho[1]   ? 
_reflns.pdbx_aniso_diffraction_limit_axis_3_ortho[2]   ? 
_reflns.pdbx_aniso_diffraction_limit_axis_3_ortho[3]   ? 
_reflns.pdbx_aniso_diffraction_limit_1                 ? 
_reflns.pdbx_aniso_diffraction_limit_2                 ? 
_reflns.pdbx_aniso_diffraction_limit_3                 ? 
_reflns.pdbx_aniso_B_tensor_eigenvector_1_ortho[1]     ? 
_reflns.pdbx_aniso_B_tensor_eigenvector_1_ortho[2]     ? 
_reflns.pdbx_aniso_B_tensor_eigenvector_1_ortho[3]     ? 
_reflns.pdbx_aniso_B_tensor_eigenvector_2_ortho[1]     ? 
_reflns.pdbx_aniso_B_tensor_eigenvector_2_ortho[2]     ? 
_reflns.pdbx_aniso_B_tensor_eigenvector_2_ortho[3]     ? 
_reflns.pdbx_aniso_B_tensor_eigenvector_3_ortho[1]     ? 
_reflns.pdbx_aniso_B_tensor_eigenvector_3_ortho[2]     ? 
_reflns.pdbx_aniso_B_tensor_eigenvector_3_ortho[3]     ? 
_reflns.pdbx_aniso_B_tensor_eigenvalue_1               ? 
_reflns.pdbx_aniso_B_tensor_eigenvalue_2               ? 
_reflns.pdbx_aniso_B_tensor_eigenvalue_3               ? 
_reflns.pdbx_orthogonalization_convention              ? 
_reflns.pdbx_percent_possible_ellipsoidal              ? 
_reflns.pdbx_percent_possible_spherical                ? 
_reflns.pdbx_percent_possible_ellipsoidal_anomalous    ? 
_reflns.pdbx_percent_possible_spherical_anomalous      ? 
_reflns.pdbx_redundancy_anomalous                      ? 
_reflns.pdbx_CC_half_anomalous                         ? 
_reflns.pdbx_absDiff_over_sigma_anomalous              ? 
_reflns.pdbx_percent_possible_anomalous                ? 
_reflns.pdbx_observed_signal_threshold                 ? 
_reflns.pdbx_signal_type                               ? 
_reflns.pdbx_signal_details                            ? 
_reflns.pdbx_signal_software_id                        ? 
# 
_reflns_shell.d_res_high                                    1.503 
_reflns_shell.d_res_low                                     1.655 
_reflns_shell.meanI_over_sigI_all                           ? 
_reflns_shell.meanI_over_sigI_obs                           ? 
_reflns_shell.number_measured_all                           ? 
_reflns_shell.number_measured_obs                           ? 
_reflns_shell.number_possible                               ? 
_reflns_shell.number_unique_all                             ? 
_reflns_shell.number_unique_obs                             715 
_reflns_shell.percent_possible_obs                          ? 
_reflns_shell.Rmerge_F_all                                  ? 
_reflns_shell.Rmerge_F_obs                                  ? 
_reflns_shell.meanI_over_sigI_gt                            ? 
_reflns_shell.meanI_over_uI_all                             ? 
_reflns_shell.meanI_over_uI_gt                              ? 
_reflns_shell.number_measured_gt                            ? 
_reflns_shell.number_unique_gt                              ? 
_reflns_shell.percent_possible_gt                           ? 
_reflns_shell.Rmerge_F_gt                                   ? 
_reflns_shell.Rmerge_I_gt                                   ? 
_reflns_shell.pdbx_redundancy                               ? 
_reflns_shell.pdbx_chi_squared                              ? 
_reflns_shell.pdbx_netI_over_sigmaI_all                     ? 
_reflns_shell.pdbx_netI_over_sigmaI_obs                     ? 
_reflns_shell.pdbx_Rrim_I_all                               ? 
_reflns_shell.pdbx_Rpim_I_all                               ? 
_reflns_shell.pdbx_rejects                                  ? 
_reflns_shell.pdbx_ordinal                                  1 
_reflns_shell.pdbx_diffrn_id                                1 
_reflns_shell.pdbx_CC_half                                  0.574 
_reflns_shell.pdbx_CC_star                                  ? 
_reflns_shell.pdbx_R_split                                  ? 
_reflns_shell.percent_possible_all                          ? 
_reflns_shell.Rmerge_I_all                                  ? 
_reflns_shell.Rmerge_I_obs                                  ? 
_reflns_shell.pdbx_Rsym_value                               ? 
_reflns_shell.pdbx_percent_possible_ellipsoidal             ? 
_reflns_shell.pdbx_percent_possible_spherical               ? 
_reflns_shell.pdbx_percent_possible_ellipsoidal_anomalous   ? 
_reflns_shell.pdbx_percent_possible_spherical_anomalous     ? 
_reflns_shell.pdbx_redundancy_anomalous                     ? 
_reflns_shell.pdbx_CC_half_anomalous                        ? 
_reflns_shell.pdbx_absDiff_over_sigma_anomalous             ? 
_reflns_shell.pdbx_percent_possible_anomalous               ? 
# 
_refine.aniso_B[1][1]                            0.3962 
_refine.aniso_B[1][2]                            0 
_refine.aniso_B[1][3]                            0 
_refine.aniso_B[2][2]                            0.5666 
_refine.aniso_B[2][3]                            0 
_refine.aniso_B[3][3]                            -0.9628 
_refine.B_iso_max                                ? 
_refine.B_iso_mean                               21.27 
_refine.B_iso_min                                ? 
_refine.correlation_coeff_Fo_to_Fc               0.938 
_refine.correlation_coeff_Fo_to_Fc_free          0.934 
_refine.details                                  ? 
_refine.diff_density_max                         ? 
_refine.diff_density_max_esd                     ? 
_refine.diff_density_min                         ? 
_refine.diff_density_min_esd                     ? 
_refine.diff_density_rms                         ? 
_refine.diff_density_rms_esd                     ? 
_refine.entry_id                                 9S1N 
_refine.pdbx_refine_id                           'X-RAY DIFFRACTION' 
_refine.ls_abs_structure_details                 ? 
_refine.ls_abs_structure_Flack                   ? 
_refine.ls_abs_structure_Flack_esd               ? 
_refine.ls_abs_structure_Rogers                  ? 
_refine.ls_abs_structure_Rogers_esd              ? 
_refine.ls_d_res_high                            1.503 
_refine.ls_d_res_low                             42.26 
_refine.ls_extinction_coef                       ? 
_refine.ls_extinction_coef_esd                   ? 
_refine.ls_extinction_expression                 ? 
_refine.ls_extinction_method                     ? 
_refine.ls_goodness_of_fit_all                   ? 
_refine.ls_goodness_of_fit_all_esd               ? 
_refine.ls_goodness_of_fit_obs                   ? 
_refine.ls_goodness_of_fit_obs_esd               ? 
_refine.ls_hydrogen_treatment                    ? 
_refine.ls_matrix_type                           ? 
_refine.ls_number_constraints                    ? 
_refine.ls_number_parameters                     ? 
_refine.ls_number_reflns_all                     ? 
_refine.ls_number_reflns_obs                     14304 
_refine.ls_number_reflns_R_free                  726 
_refine.ls_number_reflns_R_work                  ? 
_refine.ls_number_restraints                     ? 
_refine.ls_percent_reflns_obs                    64.4 
_refine.ls_percent_reflns_R_free                 ? 
_refine.ls_R_factor_all                          ? 
_refine.ls_R_factor_obs                          0.2105 
_refine.ls_R_factor_R_free                       0.2289 
_refine.ls_R_factor_R_free_error                 ? 
_refine.ls_R_factor_R_free_error_details         ? 
_refine.ls_R_factor_R_work                       0.2096 
_refine.ls_R_Fsqd_factor_obs                     ? 
_refine.ls_R_I_factor_obs                        ? 
_refine.ls_redundancy_reflns_all                 ? 
_refine.ls_redundancy_reflns_obs                 ? 
_refine.ls_restrained_S_all                      ? 
_refine.ls_restrained_S_obs                      ? 
_refine.ls_shift_over_esd_max                    ? 
_refine.ls_shift_over_esd_mean                   ? 
_refine.ls_structure_factor_coef                 ? 
_refine.ls_weighting_details                     ? 
_refine.ls_weighting_scheme                      ? 
_refine.ls_wR_factor_all                         ? 
_refine.ls_wR_factor_obs                         ? 
_refine.ls_wR_factor_R_free                      ? 
_refine.ls_wR_factor_R_work                      ? 
_refine.occupancy_max                            ? 
_refine.occupancy_min                            ? 
_refine.solvent_model_details                    ? 
_refine.solvent_model_param_bsol                 ? 
_refine.solvent_model_param_ksol                 ? 
_refine.correlation_coeff_I_to_Fcsqd_work        ? 
_refine.correlation_coeff_I_to_Fcsqd_free        ? 
_refine.pdbx_R_complete                          ? 
_refine.ls_R_factor_gt                           ? 
_refine.ls_goodness_of_fit_gt                    ? 
_refine.ls_goodness_of_fit_ref                   ? 
_refine.ls_shift_over_su_max                     ? 
_refine.ls_shift_over_su_max_lt                  ? 
_refine.ls_shift_over_su_mean                    ? 
_refine.ls_shift_over_su_mean_lt                 ? 
_refine.pdbx_ls_sigma_I                          ? 
_refine.pdbx_ls_sigma_F                          ? 
_refine.pdbx_ls_sigma_Fsqd                       ? 
_refine.pdbx_data_cutoff_high_absF               ? 
_refine.pdbx_data_cutoff_high_rms_absF           ? 
_refine.pdbx_data_cutoff_low_absF                ? 
_refine.pdbx_isotropic_thermal_model             ? 
_refine.pdbx_ls_cross_valid_method               THROUGHOUT 
_refine.pdbx_method_to_determine_struct          'MOLECULAR REPLACEMENT' 
_refine.pdbx_starting_model                      ? 
_refine.pdbx_stereochemistry_target_values       ? 
_refine.pdbx_R_Free_selection_details            RANDOM 
_refine.pdbx_stereochem_target_val_spec_case     ? 
_refine.pdbx_overall_ESU_R                       ? 
_refine.pdbx_overall_ESU_R_Free                  ? 
_refine.pdbx_solvent_vdw_probe_radii             ? 
_refine.pdbx_solvent_ion_probe_radii             ? 
_refine.pdbx_solvent_shrinkage_radii             ? 
_refine.pdbx_real_space_R                        ? 
_refine.pdbx_density_correlation                 ? 
_refine.pdbx_pd_number_of_powder_patterns        ? 
_refine.pdbx_pd_number_of_points                 ? 
_refine.pdbx_pd_meas_number_of_points            ? 
_refine.pdbx_pd_proc_ls_prof_R_factor            ? 
_refine.pdbx_pd_proc_ls_prof_wR_factor           ? 
_refine.pdbx_pd_Marquardt_correlation_coeff      ? 
_refine.pdbx_pd_Fsqrd_R_factor                   ? 
_refine.pdbx_pd_ls_matrix_band_width             ? 
_refine.pdbx_overall_phase_error                 ? 
_refine.pdbx_overall_SU_R_free_Cruickshank_DPI   0.115 
_refine.pdbx_overall_SU_R_free_Blow_DPI          0.118 
_refine.pdbx_overall_SU_R_Blow_DPI               0.136 
_refine.pdbx_TLS_residual_ADP_flag               ? 
_refine.pdbx_diffrn_id                           1 
_refine.overall_SU_B                             ? 
_refine.overall_SU_ML                            ? 
_refine.overall_SU_R_Cruickshank_DPI             0.13 
_refine.overall_SU_R_free                        ? 
_refine.overall_FOM_free_R_set                   ? 
_refine.overall_FOM_work_R_set                   ? 
_refine.pdbx_average_fsc_overall                 ? 
_refine.pdbx_average_fsc_work                    ? 
_refine.pdbx_average_fsc_free                    ? 
# 
_refine_analyze.entry_id                        9S1N 
_refine_analyze.pdbx_refine_id                  'X-RAY DIFFRACTION' 
_refine_analyze.Luzzati_coordinate_error_free   ? 
_refine_analyze.Luzzati_coordinate_error_obs    0.25 
_refine_analyze.Luzzati_d_res_low_free          ? 
_refine_analyze.Luzzati_d_res_low_obs           ? 
_refine_analyze.Luzzati_sigma_a_free            ? 
_refine_analyze.Luzzati_sigma_a_free_details    ? 
_refine_analyze.Luzzati_sigma_a_obs             ? 
_refine_analyze.Luzzati_sigma_a_obs_details     ? 
_refine_analyze.number_disordered_residues      ? 
_refine_analyze.occupancy_sum_hydrogen          ? 
_refine_analyze.occupancy_sum_non_hydrogen      ? 
_refine_analyze.RG_d_res_high                   ? 
_refine_analyze.RG_d_res_low                    ? 
_refine_analyze.RG_free                         ? 
_refine_analyze.RG_work                         ? 
_refine_analyze.RG_free_work_ratio              ? 
_refine_analyze.pdbx_Luzzati_d_res_high_obs     ? 
# 
_refine_hist.pdbx_refine_id                   'X-RAY DIFFRACTION' 
_refine_hist.cycle_id                         LAST 
_refine_hist.details                          ? 
_refine_hist.d_res_high                       1.503 
_refine_hist.d_res_low                        42.26 
_refine_hist.number_atoms_solvent             90 
_refine_hist.number_atoms_total               1185 
_refine_hist.number_reflns_all                ? 
_refine_hist.number_reflns_obs                ? 
_refine_hist.number_reflns_R_free             ? 
_refine_hist.number_reflns_R_work             ? 
_refine_hist.R_factor_all                     ? 
_refine_hist.R_factor_obs                     ? 
_refine_hist.R_factor_R_free                  ? 
_refine_hist.R_factor_R_work                  ? 
_refine_hist.pdbx_number_residues_total       ? 
_refine_hist.pdbx_B_iso_mean_ligand           ? 
_refine_hist.pdbx_B_iso_mean_solvent          ? 
_refine_hist.pdbx_number_atoms_protein        1064 
_refine_hist.pdbx_number_atoms_nucleic_acid   0 
_refine_hist.pdbx_number_atoms_ligand         31 
_refine_hist.pdbx_number_atoms_lipid          ? 
_refine_hist.pdbx_number_atoms_carb           ? 
_refine_hist.pdbx_pseudo_atom_details         ? 
# 
loop_
_refine_ls_restr.pdbx_refine_id 
_refine_ls_restr.criterion 
_refine_ls_restr.dev_ideal 
_refine_ls_restr.dev_ideal_target 
_refine_ls_restr.number 
_refine_ls_restr.rejects 
_refine_ls_restr.type 
_refine_ls_restr.weight 
_refine_ls_restr.pdbx_Zscore 
_refine_ls_restr.pdbx_restraint_function 
'X-RAY DIFFRACTION' ? 0.01  ? 1139 ? t_bond_d                  2  ? HARMONIC     
'X-RAY DIFFRACTION' ? 0.99  ? 1549 ? t_angle_deg               2  ? HARMONIC     
'X-RAY DIFFRACTION' ? ?     ? 396  ? t_dihedral_angle_d        2  ? SINUSOIDAL   
'X-RAY DIFFRACTION' ? ?     ? 199  ? t_gen_planes              5  ? HARMONIC     
'X-RAY DIFFRACTION' ? ?     ? 1139 ? t_it                      10 ? HARMONIC     
'X-RAY DIFFRACTION' ? ?     ? 136  ? t_chiral_improper_torsion 5  ? SEMIHARMONIC 
'X-RAY DIFFRACTION' ? ?     ? 1187 ? t_ideal_dist_contact      4  ? SEMIHARMONIC 
'X-RAY DIFFRACTION' ? 3.82  ? ?    ? t_omega_torsion           ?  ? ?            
'X-RAY DIFFRACTION' ? 16.58 ? ?    ? t_other_torsion           ?  ? ?            
# 
_refine_ls_shell.pdbx_refine_id                      'X-RAY DIFFRACTION' 
_refine_ls_shell.d_res_high                          1.503 
_refine_ls_shell.d_res_low                           1.61 
_refine_ls_shell.number_reflns_all                   ? 
_refine_ls_shell.number_reflns_obs                   ? 
_refine_ls_shell.number_reflns_R_free                18 
_refine_ls_shell.number_reflns_R_work                ? 
_refine_ls_shell.percent_reflns_obs                  9.26 
_refine_ls_shell.percent_reflns_R_free               ? 
_refine_ls_shell.R_factor_all                        ? 
_refine_ls_shell.R_factor_obs                        ? 
_refine_ls_shell.R_factor_R_free_error               ? 
_refine_ls_shell.R_factor_R_work                     0.2676 
_refine_ls_shell.redundancy_reflns_all               ? 
_refine_ls_shell.redundancy_reflns_obs               ? 
_refine_ls_shell.wR_factor_all                       ? 
_refine_ls_shell.wR_factor_obs                       ? 
_refine_ls_shell.wR_factor_R_free                    ? 
_refine_ls_shell.wR_factor_R_work                    ? 
_refine_ls_shell.pdbx_R_complete                     ? 
_refine_ls_shell.correlation_coeff_Fo_to_Fc          ? 
_refine_ls_shell.correlation_coeff_Fo_to_Fc_free     ? 
_refine_ls_shell.correlation_coeff_I_to_Fcsqd_work   ? 
_refine_ls_shell.correlation_coeff_I_to_Fcsqd_free   ? 
_refine_ls_shell.pdbx_total_number_of_bins_used      ? 
_refine_ls_shell.pdbx_phase_error                    ? 
_refine_ls_shell.pdbx_fsc_work                       ? 
_refine_ls_shell.pdbx_fsc_free                       ? 
_refine_ls_shell.R_factor_R_free                     0.2671 
# 
_struct.entry_id                     9S1N 
_struct.title                        'Crystal structure of DNPH1 bound by compound 19' 
_struct.pdbx_model_details           ? 
_struct.pdbx_formula_weight          ? 
_struct.pdbx_formula_weight_method   ? 
_struct.pdbx_model_type_details      ? 
_struct.pdbx_CASP_flag               N 
# 
_struct_keywords.entry_id        9S1N 
_struct_keywords.text            'DNA damage response, inhibitor, drug discovery, cancer, HYDROLASE' 
_struct_keywords.pdbx_keywords   HYDROLASE 
# 
loop_
_struct_asym.id 
_struct_asym.pdbx_blank_PDB_chainid_flag 
_struct_asym.pdbx_modified 
_struct_asym.entity_id 
_struct_asym.details 
A N N 1 ? 
B N N 2 ? 
C N N 3 ? 
# 
_struct_ref.id                         1 
_struct_ref.db_name                    UNP 
_struct_ref.db_code                    DNPH1_HUMAN 
_struct_ref.pdbx_db_accession          O43598 
_struct_ref.pdbx_db_isoform            ? 
_struct_ref.entity_id                  1 
_struct_ref.pdbx_seq_one_letter_code   
;RPALYFCGSIRGGREDRTLYERIVSRLRRFGTVLTEHVAAAELGARGEEAAGGDRLIHEQDLEWLQQADVVVAEVTQPSL
GVGYELGRAVAFNKRILCLFRPQSGRVLSAMIRGAADGSRFQVWDYEEGEVEALLDRYFEADP
;
_struct_ref.pdbx_align_begin           20 
# 
_struct_ref_seq.align_id                      1 
_struct_ref_seq.ref_id                        1 
_struct_ref_seq.pdbx_PDB_id_code              9S1N 
_struct_ref_seq.pdbx_strand_id                A 
_struct_ref_seq.seq_align_beg                 2 
_struct_ref_seq.pdbx_seq_align_beg_ins_code   ? 
_struct_ref_seq.seq_align_end                 144 
_struct_ref_seq.pdbx_seq_align_end_ins_code   ? 
_struct_ref_seq.pdbx_db_accession             O43598 
_struct_ref_seq.db_align_beg                  20 
_struct_ref_seq.pdbx_db_align_beg_ins_code    ? 
_struct_ref_seq.db_align_end                  162 
_struct_ref_seq.pdbx_db_align_end_ins_code    ? 
_struct_ref_seq.pdbx_auth_seq_align_beg       20 
_struct_ref_seq.pdbx_auth_seq_align_end       162 
# 
loop_
_struct_ref_seq_dif.align_id 
_struct_ref_seq_dif.pdbx_pdb_id_code 
_struct_ref_seq_dif.mon_id 
_struct_ref_seq_dif.pdbx_pdb_strand_id 
_struct_ref_seq_dif.seq_num 
_struct_ref_seq_dif.pdbx_pdb_ins_code 
_struct_ref_seq_dif.pdbx_seq_db_name 
_struct_ref_seq_dif.pdbx_seq_db_accession_code 
_struct_ref_seq_dif.db_mon_id 
_struct_ref_seq_dif.pdbx_seq_db_seq_num 
_struct_ref_seq_dif.details 
_struct_ref_seq_dif.pdbx_auth_seq_num 
_struct_ref_seq_dif.pdbx_ordinal 
1 9S1N MET A 1   ? UNP O43598 ? ? 'initiating methionine' 19  1 
1 9S1N LEU A 145 ? UNP O43598 ? ? 'expression tag'        163 2 
1 9S1N GLU A 146 ? UNP O43598 ? ? 'expression tag'        164 3 
1 9S1N GLU A 147 ? UNP O43598 ? ? 'expression tag'        165 4 
1 9S1N ASN A 148 ? UNP O43598 ? ? 'expression tag'        166 5 
1 9S1N LEU A 149 ? UNP O43598 ? ? 'expression tag'        167 6 
1 9S1N TYR A 150 ? UNP O43598 ? ? 'expression tag'        168 7 
1 9S1N PHE A 151 ? UNP O43598 ? ? 'expression tag'        169 8 
1 9S1N GLN A 152 ? UNP O43598 ? ? 'expression tag'        170 9 
# 
_pdbx_struct_assembly.id                   1 
_pdbx_struct_assembly.details              author_defined_assembly 
_pdbx_struct_assembly.method_details       ? 
_pdbx_struct_assembly.oligomeric_details   dimeric 
_pdbx_struct_assembly.oligomeric_count     2 
# 
loop_
_pdbx_struct_assembly_prop.biol_id 
_pdbx_struct_assembly_prop.type 
_pdbx_struct_assembly_prop.value 
_pdbx_struct_assembly_prop.details 
1 'ABSA (A^2)' 2680  ? 
1 MORE         -30   ? 
1 'SSA (A^2)'  11510 ? 
# 
_pdbx_struct_assembly_gen.assembly_id       1 
_pdbx_struct_assembly_gen.oper_expression   1,2 
_pdbx_struct_assembly_gen.asym_id_list      A,B,C 
# 
_pdbx_struct_assembly_auth_evidence.id                     1 
_pdbx_struct_assembly_auth_evidence.assembly_id            1 
_pdbx_struct_assembly_auth_evidence.experimental_support   none 
_pdbx_struct_assembly_auth_evidence.details                ? 
# 
loop_
_pdbx_struct_oper_list.id 
_pdbx_struct_oper_list.type 
_pdbx_struct_oper_list.name 
_pdbx_struct_oper_list.symmetry_operation 
_pdbx_struct_oper_list.matrix[1][1] 
_pdbx_struct_oper_list.matrix[1][2] 
_pdbx_struct_oper_list.matrix[1][3] 
_pdbx_struct_oper_list.vector[1] 
_pdbx_struct_oper_list.matrix[2][1] 
_pdbx_struct_oper_list.matrix[2][2] 
_pdbx_struct_oper_list.matrix[2][3] 
_pdbx_struct_oper_list.vector[2] 
_pdbx_struct_oper_list.matrix[3][1] 
_pdbx_struct_oper_list.matrix[3][2] 
_pdbx_struct_oper_list.matrix[3][3] 
_pdbx_struct_oper_list.vector[3] 
1 'identity operation'         1_555 x,y,z     1.0000000000  0.0000000000 0.0000000000 0.0000000000   0.0000000000 1.0000000000  0.0000000000 0.0000000000  0.0000000000 0.0000000000 1.0000000000 0.0000000000 
2 'crystal symmetry operation' 2_655 -x+1,-y,z -0.5469812033 0.2568804763 0.7967584227 -16.2081196616 0.2568804763 -0.8543380991 0.4517951233 16.2253214114 0.7967584227 0.4517951233 0.4013193023 3.9844129456 
# 
loop_
_struct_conf.conf_type_id 
_struct_conf.id 
_struct_conf.pdbx_PDB_helix_id 
_struct_conf.beg_label_comp_id 
_struct_conf.beg_label_asym_id 
_struct_conf.beg_label_seq_id 
_struct_conf.pdbx_beg_PDB_ins_code 
_struct_conf.end_label_comp_id 
_struct_conf.end_label_asym_id 
_struct_conf.end_label_seq_id 
_struct_conf.pdbx_end_PDB_ins_code 
_struct_conf.beg_auth_comp_id 
_struct_conf.beg_auth_asym_id 
_struct_conf.beg_auth_seq_id 
_struct_conf.end_auth_comp_id 
_struct_conf.end_auth_asym_id 
_struct_conf.end_auth_seq_id 
_struct_conf.pdbx_PDB_helix_class 
_struct_conf.details 
_struct_conf.pdbx_PDB_helix_length 
HELX_P HELX_P1 AA1 GLY A 14  ? ARG A 29  ? GLY A 32  ARG A 47  1 ? 16 
HELX_P HELX_P2 AA2 THR A 36  ? HIS A 38  ? THR A 54  HIS A 56  5 ? 3  
HELX_P HELX_P3 AA3 ALA A 40  ? GLY A 45  ? ALA A 58  GLY A 63  1 ? 6  
HELX_P HELX_P4 AA4 GLY A 54  ? ALA A 69  ? GLY A 72  ALA A 87  1 ? 16 
HELX_P HELX_P5 AA5 SER A 80  ? PHE A 93  ? SER A 98  PHE A 111 1 ? 14 
HELX_P HELX_P6 AA6 ARG A 102 ? GLY A 106 ? ARG A 120 GLY A 124 5 ? 5  
HELX_P HELX_P7 AA7 SER A 110 ? GLY A 115 ? SER A 128 GLY A 133 1 ? 6  
HELX_P HELX_P8 AA8 GLU A 128 ? GLY A 130 ? GLU A 146 GLY A 148 5 ? 3  
HELX_P HELX_P9 AA9 GLU A 131 ? GLU A 141 ? GLU A 149 GLU A 159 1 ? 11 
# 
_struct_conf_type.id          HELX_P 
_struct_conf_type.criteria    ? 
_struct_conf_type.reference   ? 
# 
_struct_sheet.id               AA1 
_struct_sheet.type             ? 
_struct_sheet.number_strands   5 
_struct_sheet.details          ? 
# 
loop_
_struct_sheet_order.sheet_id 
_struct_sheet_order.range_id_1 
_struct_sheet_order.range_id_2 
_struct_sheet_order.offset 
_struct_sheet_order.sense 
AA1 1 2 ? parallel 
AA1 2 3 ? parallel 
AA1 3 4 ? parallel 
AA1 4 5 ? parallel 
# 
loop_
_struct_sheet_range.sheet_id 
_struct_sheet_range.id 
_struct_sheet_range.beg_label_comp_id 
_struct_sheet_range.beg_label_asym_id 
_struct_sheet_range.beg_label_seq_id 
_struct_sheet_range.pdbx_beg_PDB_ins_code 
_struct_sheet_range.end_label_comp_id 
_struct_sheet_range.end_label_asym_id 
_struct_sheet_range.end_label_seq_id 
_struct_sheet_range.pdbx_end_PDB_ins_code 
_struct_sheet_range.beg_auth_comp_id 
_struct_sheet_range.beg_auth_asym_id 
_struct_sheet_range.beg_auth_seq_id 
_struct_sheet_range.end_auth_comp_id 
_struct_sheet_range.end_auth_asym_id 
_struct_sheet_range.end_auth_seq_id 
AA1 1 THR A 33  ? VAL A 34  ? THR A 51  VAL A 52  
AA1 2 ALA A 4   ? CYS A 8   ? ALA A 22  CYS A 26  
AA1 3 VAL A 71  ? GLU A 75  ? VAL A 89  GLU A 93  
AA1 4 ARG A 96  ? PHE A 101 ? ARG A 114 PHE A 119 
AA1 5 PHE A 122 ? ASP A 126 ? PHE A 140 ASP A 144 
# 
loop_
_pdbx_struct_sheet_hbond.sheet_id 
_pdbx_struct_sheet_hbond.range_id_1 
_pdbx_struct_sheet_hbond.range_id_2 
_pdbx_struct_sheet_hbond.range_1_label_atom_id 
_pdbx_struct_sheet_hbond.range_1_label_comp_id 
_pdbx_struct_sheet_hbond.range_1_label_asym_id 
_pdbx_struct_sheet_hbond.range_1_label_seq_id 
_pdbx_struct_sheet_hbond.range_1_PDB_ins_code 
_pdbx_struct_sheet_hbond.range_1_auth_atom_id 
_pdbx_struct_sheet_hbond.range_1_auth_comp_id 
_pdbx_struct_sheet_hbond.range_1_auth_asym_id 
_pdbx_struct_sheet_hbond.range_1_auth_seq_id 
_pdbx_struct_sheet_hbond.range_2_label_atom_id 
_pdbx_struct_sheet_hbond.range_2_label_comp_id 
_pdbx_struct_sheet_hbond.range_2_label_asym_id 
_pdbx_struct_sheet_hbond.range_2_label_seq_id 
_pdbx_struct_sheet_hbond.range_2_PDB_ins_code 
_pdbx_struct_sheet_hbond.range_2_auth_atom_id 
_pdbx_struct_sheet_hbond.range_2_auth_comp_id 
_pdbx_struct_sheet_hbond.range_2_auth_asym_id 
_pdbx_struct_sheet_hbond.range_2_auth_seq_id 
AA1 1 2 O THR A 33 ? O THR A 51  N LEU A 5   ? N LEU A 23  
AA1 2 3 N TYR A 6  ? N TYR A 24  O VAL A 73  ? O VAL A 91  
AA1 3 4 N VAL A 72 ? N VAL A 90  O ARG A 96  ? O ARG A 114 
AA1 4 5 N CYS A 99 ? N CYS A 117 O TRP A 125 ? O TRP A 143 
# 
_pdbx_entry_details.entry_id                   9S1N 
_pdbx_entry_details.nonpolymer_details         ? 
_pdbx_entry_details.sequence_details           ? 
_pdbx_entry_details.compound_details           ? 
_pdbx_entry_details.source_details             ? 
_pdbx_entry_details.has_ligand_of_interest     Y 
_pdbx_entry_details.has_protein_modification   N 
# 
_pdbx_validate_torsion.id              1 
_pdbx_validate_torsion.PDB_model_num   1 
_pdbx_validate_torsion.auth_comp_id    SER 
_pdbx_validate_torsion.auth_asym_id    A 
_pdbx_validate_torsion.auth_seq_id     138 
_pdbx_validate_torsion.PDB_ins_code    ? 
_pdbx_validate_torsion.label_alt_id    ? 
_pdbx_validate_torsion.phi             -127.17 
_pdbx_validate_torsion.psi             -83.00 
# 
_pdbx_struct_special_symmetry.id              1 
_pdbx_struct_special_symmetry.PDB_model_num   1 
_pdbx_struct_special_symmetry.auth_asym_id    A 
_pdbx_struct_special_symmetry.auth_comp_id    HOH 
_pdbx_struct_special_symmetry.auth_seq_id     383 
_pdbx_struct_special_symmetry.PDB_ins_code    ? 
_pdbx_struct_special_symmetry.label_asym_id   C 
_pdbx_struct_special_symmetry.label_comp_id   HOH 
_pdbx_struct_special_symmetry.label_seq_id    . 
# 
loop_
_pdbx_unobs_or_zero_occ_residues.id 
_pdbx_unobs_or_zero_occ_residues.PDB_model_num 
_pdbx_unobs_or_zero_occ_residues.polymer_flag 
_pdbx_unobs_or_zero_occ_residues.occupancy_flag 
_pdbx_unobs_or_zero_occ_residues.auth_asym_id 
_pdbx_unobs_or_zero_occ_residues.auth_comp_id 
_pdbx_unobs_or_zero_occ_residues.auth_seq_id 
_pdbx_unobs_or_zero_occ_residues.PDB_ins_code 
_pdbx_unobs_or_zero_occ_residues.label_asym_id 
_pdbx_unobs_or_zero_occ_residues.label_comp_id 
_pdbx_unobs_or_zero_occ_residues.label_seq_id 
1  1 Y 1 A MET 19  ? A MET 1   
2  1 Y 1 A ALA 160 ? A ALA 142 
3  1 Y 1 A ASP 161 ? A ASP 143 
4  1 Y 1 A PRO 162 ? A PRO 144 
5  1 Y 1 A LEU 163 ? A LEU 145 
6  1 Y 1 A GLU 164 ? A GLU 146 
7  1 Y 1 A GLU 165 ? A GLU 147 
8  1 Y 1 A ASN 166 ? A ASN 148 
9  1 Y 1 A LEU 167 ? A LEU 149 
10 1 Y 1 A TYR 168 ? A TYR 150 
11 1 Y 1 A PHE 169 ? A PHE 151 
12 1 Y 1 A GLN 170 ? A GLN 152 
# 
loop_
_chem_comp_atom.comp_id 
_chem_comp_atom.atom_id 
_chem_comp_atom.type_symbol 
_chem_comp_atom.pdbx_aromatic_flag 
_chem_comp_atom.pdbx_stereo_config 
_chem_comp_atom.pdbx_ordinal 
A1JKZ C1   C  Y N 1   
A1JKZ C2   C  Y N 2   
A1JKZ C3   C  Y N 3   
A1JKZ C7   C  N N 4   
A1JKZ C8   C  Y N 5   
A1JKZ C9   C  Y N 6   
A1JKZ C10  C  N N 7   
A1JKZ C11  C  N N 8   
A1JKZ C12  C  Y N 9   
A1JKZ C13  C  Y N 10  
A1JKZ C14  C  Y N 11  
A1JKZ C15  C  Y N 12  
A1JKZ C16  C  Y N 13  
A1JKZ C19  C  N N 14  
A1JKZ C20  C  N N 15  
A1JKZ C21  C  Y N 16  
A1JKZ C22  C  Y N 17  
A1JKZ BR   BR N N 18  
A1JKZ C17  C  Y N 19  
A1JKZ C18  C  N N 20  
A1JKZ N3   N  N N 21  
A1JKZ N1   N  Y N 22  
A1JKZ O2   O  Y N 23  
A1JKZ N2   N  Y N 24  
A1JKZ N    N  N N 25  
A1JKZ C6   C  N N 26  
A1JKZ C5   C  N N 27  
A1JKZ C4   C  Y N 28  
A1JKZ C    C  N N 29  
A1JKZ O1   O  N N 30  
A1JKZ O    O  N N 31  
A1JKZ H1   H  N N 32  
A1JKZ H2   H  N N 33  
A1JKZ H7   H  N N 34  
A1JKZ H8   H  N N 35  
A1JKZ H10  H  N N 36  
A1JKZ H9   H  N N 37  
A1JKZ H11  H  N N 38  
A1JKZ H12  H  N N 39  
A1JKZ H13  H  N N 40  
A1JKZ H14  H  N N 41  
A1JKZ H15  H  N N 42  
A1JKZ H18  H  N N 43  
A1JKZ H19  H  N N 44  
A1JKZ H20  H  N N 45  
A1JKZ H21  H  N N 46  
A1JKZ H22  H  N N 47  
A1JKZ H16  H  N N 48  
A1JKZ H17  H  N N 49  
A1JKZ H5   H  N N 50  
A1JKZ H6   H  N N 51  
A1JKZ H3   H  N N 52  
A1JKZ H4   H  N N 53  
A1JKZ H    H  N N 54  
ALA   N    N  N N 55  
ALA   CA   C  N S 56  
ALA   C    C  N N 57  
ALA   O    O  N N 58  
ALA   CB   C  N N 59  
ALA   OXT  O  N N 60  
ALA   H    H  N N 61  
ALA   H2   H  N N 62  
ALA   HA   H  N N 63  
ALA   HB1  H  N N 64  
ALA   HB2  H  N N 65  
ALA   HB3  H  N N 66  
ALA   HXT  H  N N 67  
ARG   N    N  N N 68  
ARG   CA   C  N S 69  
ARG   C    C  N N 70  
ARG   O    O  N N 71  
ARG   CB   C  N N 72  
ARG   CG   C  N N 73  
ARG   CD   C  N N 74  
ARG   NE   N  N N 75  
ARG   CZ   C  N N 76  
ARG   NH1  N  N N 77  
ARG   NH2  N  N N 78  
ARG   OXT  O  N N 79  
ARG   H    H  N N 80  
ARG   H2   H  N N 81  
ARG   HA   H  N N 82  
ARG   HB2  H  N N 83  
ARG   HB3  H  N N 84  
ARG   HG2  H  N N 85  
ARG   HG3  H  N N 86  
ARG   HD2  H  N N 87  
ARG   HD3  H  N N 88  
ARG   HE   H  N N 89  
ARG   HH11 H  N N 90  
ARG   HH12 H  N N 91  
ARG   HH21 H  N N 92  
ARG   HH22 H  N N 93  
ARG   HXT  H  N N 94  
ASN   N    N  N N 95  
ASN   CA   C  N S 96  
ASN   C    C  N N 97  
ASN   O    O  N N 98  
ASN   CB   C  N N 99  
ASN   CG   C  N N 100 
ASN   OD1  O  N N 101 
ASN   ND2  N  N N 102 
ASN   OXT  O  N N 103 
ASN   H    H  N N 104 
ASN   H2   H  N N 105 
ASN   HA   H  N N 106 
ASN   HB2  H  N N 107 
ASN   HB3  H  N N 108 
ASN   HD21 H  N N 109 
ASN   HD22 H  N N 110 
ASN   HXT  H  N N 111 
ASP   N    N  N N 112 
ASP   CA   C  N S 113 
ASP   C    C  N N 114 
ASP   O    O  N N 115 
ASP   CB   C  N N 116 
ASP   CG   C  N N 117 
ASP   OD1  O  N N 118 
ASP   OD2  O  N N 119 
ASP   OXT  O  N N 120 
ASP   H    H  N N 121 
ASP   H2   H  N N 122 
ASP   HA   H  N N 123 
ASP   HB2  H  N N 124 
ASP   HB3  H  N N 125 
ASP   HD2  H  N N 126 
ASP   HXT  H  N N 127 
CYS   N    N  N N 128 
CYS   CA   C  N R 129 
CYS   C    C  N N 130 
CYS   O    O  N N 131 
CYS   CB   C  N N 132 
CYS   SG   S  N N 133 
CYS   OXT  O  N N 134 
CYS   H    H  N N 135 
CYS   H2   H  N N 136 
CYS   HA   H  N N 137 
CYS   HB2  H  N N 138 
CYS   HB3  H  N N 139 
CYS   HG   H  N N 140 
CYS   HXT  H  N N 141 
GLN   N    N  N N 142 
GLN   CA   C  N S 143 
GLN   C    C  N N 144 
GLN   O    O  N N 145 
GLN   CB   C  N N 146 
GLN   CG   C  N N 147 
GLN   CD   C  N N 148 
GLN   OE1  O  N N 149 
GLN   NE2  N  N N 150 
GLN   OXT  O  N N 151 
GLN   H    H  N N 152 
GLN   H2   H  N N 153 
GLN   HA   H  N N 154 
GLN   HB2  H  N N 155 
GLN   HB3  H  N N 156 
GLN   HG2  H  N N 157 
GLN   HG3  H  N N 158 
GLN   HE21 H  N N 159 
GLN   HE22 H  N N 160 
GLN   HXT  H  N N 161 
GLU   N    N  N N 162 
GLU   CA   C  N S 163 
GLU   C    C  N N 164 
GLU   O    O  N N 165 
GLU   CB   C  N N 166 
GLU   CG   C  N N 167 
GLU   CD   C  N N 168 
GLU   OE1  O  N N 169 
GLU   OE2  O  N N 170 
GLU   OXT  O  N N 171 
GLU   H    H  N N 172 
GLU   H2   H  N N 173 
GLU   HA   H  N N 174 
GLU   HB2  H  N N 175 
GLU   HB3  H  N N 176 
GLU   HG2  H  N N 177 
GLU   HG3  H  N N 178 
GLU   HE2  H  N N 179 
GLU   HXT  H  N N 180 
GLY   N    N  N N 181 
GLY   CA   C  N N 182 
GLY   C    C  N N 183 
GLY   O    O  N N 184 
GLY   OXT  O  N N 185 
GLY   H    H  N N 186 
GLY   H2   H  N N 187 
GLY   HA2  H  N N 188 
GLY   HA3  H  N N 189 
GLY   HXT  H  N N 190 
HIS   N    N  N N 191 
HIS   CA   C  N S 192 
HIS   C    C  N N 193 
HIS   O    O  N N 194 
HIS   CB   C  N N 195 
HIS   CG   C  Y N 196 
HIS   ND1  N  Y N 197 
HIS   CD2  C  Y N 198 
HIS   CE1  C  Y N 199 
HIS   NE2  N  Y N 200 
HIS   OXT  O  N N 201 
HIS   H    H  N N 202 
HIS   H2   H  N N 203 
HIS   HA   H  N N 204 
HIS   HB2  H  N N 205 
HIS   HB3  H  N N 206 
HIS   HD1  H  N N 207 
HIS   HD2  H  N N 208 
HIS   HE1  H  N N 209 
HIS   HE2  H  N N 210 
HIS   HXT  H  N N 211 
HOH   O    O  N N 212 
HOH   H1   H  N N 213 
HOH   H2   H  N N 214 
ILE   N    N  N N 215 
ILE   CA   C  N S 216 
ILE   C    C  N N 217 
ILE   O    O  N N 218 
ILE   CB   C  N S 219 
ILE   CG1  C  N N 220 
ILE   CG2  C  N N 221 
ILE   CD1  C  N N 222 
ILE   OXT  O  N N 223 
ILE   H    H  N N 224 
ILE   H2   H  N N 225 
ILE   HA   H  N N 226 
ILE   HB   H  N N 227 
ILE   HG12 H  N N 228 
ILE   HG13 H  N N 229 
ILE   HG21 H  N N 230 
ILE   HG22 H  N N 231 
ILE   HG23 H  N N 232 
ILE   HD11 H  N N 233 
ILE   HD12 H  N N 234 
ILE   HD13 H  N N 235 
ILE   HXT  H  N N 236 
LEU   N    N  N N 237 
LEU   CA   C  N S 238 
LEU   C    C  N N 239 
LEU   O    O  N N 240 
LEU   CB   C  N N 241 
LEU   CG   C  N N 242 
LEU   CD1  C  N N 243 
LEU   CD2  C  N N 244 
LEU   OXT  O  N N 245 
LEU   H    H  N N 246 
LEU   H2   H  N N 247 
LEU   HA   H  N N 248 
LEU   HB2  H  N N 249 
LEU   HB3  H  N N 250 
LEU   HG   H  N N 251 
LEU   HD11 H  N N 252 
LEU   HD12 H  N N 253 
LEU   HD13 H  N N 254 
LEU   HD21 H  N N 255 
LEU   HD22 H  N N 256 
LEU   HD23 H  N N 257 
LEU   HXT  H  N N 258 
LYS   N    N  N N 259 
LYS   CA   C  N S 260 
LYS   C    C  N N 261 
LYS   O    O  N N 262 
LYS   CB   C  N N 263 
LYS   CG   C  N N 264 
LYS   CD   C  N N 265 
LYS   CE   C  N N 266 
LYS   NZ   N  N N 267 
LYS   OXT  O  N N 268 
LYS   H    H  N N 269 
LYS   H2   H  N N 270 
LYS   HA   H  N N 271 
LYS   HB2  H  N N 272 
LYS   HB3  H  N N 273 
LYS   HG2  H  N N 274 
LYS   HG3  H  N N 275 
LYS   HD2  H  N N 276 
LYS   HD3  H  N N 277 
LYS   HE2  H  N N 278 
LYS   HE3  H  N N 279 
LYS   HZ1  H  N N 280 
LYS   HZ2  H  N N 281 
LYS   HZ3  H  N N 282 
LYS   HXT  H  N N 283 
MET   N    N  N N 284 
MET   CA   C  N S 285 
MET   C    C  N N 286 
MET   O    O  N N 287 
MET   CB   C  N N 288 
MET   CG   C  N N 289 
MET   SD   S  N N 290 
MET   CE   C  N N 291 
MET   OXT  O  N N 292 
MET   H    H  N N 293 
MET   H2   H  N N 294 
MET   HA   H  N N 295 
MET   HB2  H  N N 296 
MET   HB3  H  N N 297 
MET   HG2  H  N N 298 
MET   HG3  H  N N 299 
MET   HE1  H  N N 300 
MET   HE2  H  N N 301 
MET   HE3  H  N N 302 
MET   HXT  H  N N 303 
PHE   N    N  N N 304 
PHE   CA   C  N S 305 
PHE   C    C  N N 306 
PHE   O    O  N N 307 
PHE   CB   C  N N 308 
PHE   CG   C  Y N 309 
PHE   CD1  C  Y N 310 
PHE   CD2  C  Y N 311 
PHE   CE1  C  Y N 312 
PHE   CE2  C  Y N 313 
PHE   CZ   C  Y N 314 
PHE   OXT  O  N N 315 
PHE   H    H  N N 316 
PHE   H2   H  N N 317 
PHE   HA   H  N N 318 
PHE   HB2  H  N N 319 
PHE   HB3  H  N N 320 
PHE   HD1  H  N N 321 
PHE   HD2  H  N N 322 
PHE   HE1  H  N N 323 
PHE   HE2  H  N N 324 
PHE   HZ   H  N N 325 
PHE   HXT  H  N N 326 
PRO   N    N  N N 327 
PRO   CA   C  N S 328 
PRO   C    C  N N 329 
PRO   O    O  N N 330 
PRO   CB   C  N N 331 
PRO   CG   C  N N 332 
PRO   CD   C  N N 333 
PRO   OXT  O  N N 334 
PRO   H    H  N N 335 
PRO   HA   H  N N 336 
PRO   HB2  H  N N 337 
PRO   HB3  H  N N 338 
PRO   HG2  H  N N 339 
PRO   HG3  H  N N 340 
PRO   HD2  H  N N 341 
PRO   HD3  H  N N 342 
PRO   HXT  H  N N 343 
SER   N    N  N N 344 
SER   CA   C  N S 345 
SER   C    C  N N 346 
SER   O    O  N N 347 
SER   CB   C  N N 348 
SER   OG   O  N N 349 
SER   OXT  O  N N 350 
SER   H    H  N N 351 
SER   H2   H  N N 352 
SER   HA   H  N N 353 
SER   HB2  H  N N 354 
SER   HB3  H  N N 355 
SER   HG   H  N N 356 
SER   HXT  H  N N 357 
THR   N    N  N N 358 
THR   CA   C  N S 359 
THR   C    C  N N 360 
THR   O    O  N N 361 
THR   CB   C  N R 362 
THR   OG1  O  N N 363 
THR   CG2  C  N N 364 
THR   OXT  O  N N 365 
THR   H    H  N N 366 
THR   H2   H  N N 367 
THR   HA   H  N N 368 
THR   HB   H  N N 369 
THR   HG1  H  N N 370 
THR   HG21 H  N N 371 
THR   HG22 H  N N 372 
THR   HG23 H  N N 373 
THR   HXT  H  N N 374 
TRP   N    N  N N 375 
TRP   CA   C  N S 376 
TRP   C    C  N N 377 
TRP   O    O  N N 378 
TRP   CB   C  N N 379 
TRP   CG   C  Y N 380 
TRP   CD1  C  Y N 381 
TRP   CD2  C  Y N 382 
TRP   NE1  N  Y N 383 
TRP   CE2  C  Y N 384 
TRP   CE3  C  Y N 385 
TRP   CZ2  C  Y N 386 
TRP   CZ3  C  Y N 387 
TRP   CH2  C  Y N 388 
TRP   OXT  O  N N 389 
TRP   H    H  N N 390 
TRP   H2   H  N N 391 
TRP   HA   H  N N 392 
TRP   HB2  H  N N 393 
TRP   HB3  H  N N 394 
TRP   HD1  H  N N 395 
TRP   HE1  H  N N 396 
TRP   HE3  H  N N 397 
TRP   HZ2  H  N N 398 
TRP   HZ3  H  N N 399 
TRP   HH2  H  N N 400 
TRP   HXT  H  N N 401 
TYR   N    N  N N 402 
TYR   CA   C  N S 403 
TYR   C    C  N N 404 
TYR   O    O  N N 405 
TYR   CB   C  N N 406 
TYR   CG   C  Y N 407 
TYR   CD1  C  Y N 408 
TYR   CD2  C  Y N 409 
TYR   CE1  C  Y N 410 
TYR   CE2  C  Y N 411 
TYR   CZ   C  Y N 412 
TYR   OH   O  N N 413 
TYR   OXT  O  N N 414 
TYR   H    H  N N 415 
TYR   H2   H  N N 416 
TYR   HA   H  N N 417 
TYR   HB2  H  N N 418 
TYR   HB3  H  N N 419 
TYR   HD1  H  N N 420 
TYR   HD2  H  N N 421 
TYR   HE1  H  N N 422 
TYR   HE2  H  N N 423 
TYR   HH   H  N N 424 
TYR   HXT  H  N N 425 
VAL   N    N  N N 426 
VAL   CA   C  N S 427 
VAL   C    C  N N 428 
VAL   O    O  N N 429 
VAL   CB   C  N N 430 
VAL   CG1  C  N N 431 
VAL   CG2  C  N N 432 
VAL   OXT  O  N N 433 
VAL   H    H  N N 434 
VAL   H2   H  N N 435 
VAL   HA   H  N N 436 
VAL   HB   H  N N 437 
VAL   HG11 H  N N 438 
VAL   HG12 H  N N 439 
VAL   HG13 H  N N 440 
VAL   HG21 H  N N 441 
VAL   HG22 H  N N 442 
VAL   HG23 H  N N 443 
VAL   HXT  H  N N 444 
# 
loop_
_chem_comp_bond.comp_id 
_chem_comp_bond.atom_id_1 
_chem_comp_bond.atom_id_2 
_chem_comp_bond.value_order 
_chem_comp_bond.pdbx_aromatic_flag 
_chem_comp_bond.pdbx_stereo_config 
_chem_comp_bond.pdbx_ordinal 
A1JKZ O   C    sing N N 1   
A1JKZ O1  C    doub N N 2   
A1JKZ C   C1   sing N N 3   
A1JKZ C1  C2   doub Y N 4   
A1JKZ C2  C3   sing Y N 5   
A1JKZ C3  C4   doub Y N 6   
A1JKZ C4  C5   sing N N 7   
A1JKZ C5  C6   sing N N 8   
A1JKZ C6  N    sing N N 9   
A1JKZ N   C7   sing N N 10  
A1JKZ C7  C8   sing N N 11  
A1JKZ C8  O2   sing Y N 12  
A1JKZ O2  N1   sing Y N 13  
A1JKZ N1  C9   doub Y N 14  
A1JKZ N2  C9   sing Y N 15  
A1JKZ C8  N2   doub Y N 16  
A1JKZ C9  N3   sing N N 17  
A1JKZ N3  C10  sing N N 18  
A1JKZ C10 C11  sing N N 19  
A1JKZ C11 C12  sing N N 20  
A1JKZ C12 C13  doub Y N 21  
A1JKZ C13 C14  sing Y N 22  
A1JKZ C14 C15  doub Y N 23  
A1JKZ C15 BR   sing N N 24  
A1JKZ C16 C15  sing Y N 25  
A1JKZ C17 C16  doub Y N 26  
A1JKZ C12 C17  sing Y N 27  
A1JKZ C18 C17  sing N N 28  
A1JKZ C19 C18  sing N N 29  
A1JKZ N3  C19  sing N N 30  
A1JKZ C20 N    sing N N 31  
A1JKZ C21 C20  sing N N 32  
A1JKZ C4  C21  sing Y N 33  
A1JKZ C22 C21  doub Y N 34  
A1JKZ C1  C22  sing Y N 35  
A1JKZ C2  H1   sing N N 36  
A1JKZ C3  H2   sing N N 37  
A1JKZ C7  H7   sing N N 38  
A1JKZ C7  H8   sing N N 39  
A1JKZ C10 H10  sing N N 40  
A1JKZ C10 H9   sing N N 41  
A1JKZ C11 H11  sing N N 42  
A1JKZ C11 H12  sing N N 43  
A1JKZ C13 H13  sing N N 44  
A1JKZ C14 H14  sing N N 45  
A1JKZ C16 H15  sing N N 46  
A1JKZ C19 H18  sing N N 47  
A1JKZ C19 H19  sing N N 48  
A1JKZ C20 H20  sing N N 49  
A1JKZ C20 H21  sing N N 50  
A1JKZ C22 H22  sing N N 51  
A1JKZ C18 H16  sing N N 52  
A1JKZ C18 H17  sing N N 53  
A1JKZ C6  H5   sing N N 54  
A1JKZ C6  H6   sing N N 55  
A1JKZ C5  H3   sing N N 56  
A1JKZ C5  H4   sing N N 57  
A1JKZ O   H    sing N N 58  
ALA   N   CA   sing N N 59  
ALA   N   H    sing N N 60  
ALA   N   H2   sing N N 61  
ALA   CA  C    sing N N 62  
ALA   CA  CB   sing N N 63  
ALA   CA  HA   sing N N 64  
ALA   C   O    doub N N 65  
ALA   C   OXT  sing N N 66  
ALA   CB  HB1  sing N N 67  
ALA   CB  HB2  sing N N 68  
ALA   CB  HB3  sing N N 69  
ALA   OXT HXT  sing N N 70  
ARG   N   CA   sing N N 71  
ARG   N   H    sing N N 72  
ARG   N   H2   sing N N 73  
ARG   CA  C    sing N N 74  
ARG   CA  CB   sing N N 75  
ARG   CA  HA   sing N N 76  
ARG   C   O    doub N N 77  
ARG   C   OXT  sing N N 78  
ARG   CB  CG   sing N N 79  
ARG   CB  HB2  sing N N 80  
ARG   CB  HB3  sing N N 81  
ARG   CG  CD   sing N N 82  
ARG   CG  HG2  sing N N 83  
ARG   CG  HG3  sing N N 84  
ARG   CD  NE   sing N N 85  
ARG   CD  HD2  sing N N 86  
ARG   CD  HD3  sing N N 87  
ARG   NE  CZ   sing N N 88  
ARG   NE  HE   sing N N 89  
ARG   CZ  NH1  sing N N 90  
ARG   CZ  NH2  doub N N 91  
ARG   NH1 HH11 sing N N 92  
ARG   NH1 HH12 sing N N 93  
ARG   NH2 HH21 sing N N 94  
ARG   NH2 HH22 sing N N 95  
ARG   OXT HXT  sing N N 96  
ASN   N   CA   sing N N 97  
ASN   N   H    sing N N 98  
ASN   N   H2   sing N N 99  
ASN   CA  C    sing N N 100 
ASN   CA  CB   sing N N 101 
ASN   CA  HA   sing N N 102 
ASN   C   O    doub N N 103 
ASN   C   OXT  sing N N 104 
ASN   CB  CG   sing N N 105 
ASN   CB  HB2  sing N N 106 
ASN   CB  HB3  sing N N 107 
ASN   CG  OD1  doub N N 108 
ASN   CG  ND2  sing N N 109 
ASN   ND2 HD21 sing N N 110 
ASN   ND2 HD22 sing N N 111 
ASN   OXT HXT  sing N N 112 
ASP   N   CA   sing N N 113 
ASP   N   H    sing N N 114 
ASP   N   H2   sing N N 115 
ASP   CA  C    sing N N 116 
ASP   CA  CB   sing N N 117 
ASP   CA  HA   sing N N 118 
ASP   C   O    doub N N 119 
ASP   C   OXT  sing N N 120 
ASP   CB  CG   sing N N 121 
ASP   CB  HB2  sing N N 122 
ASP   CB  HB3  sing N N 123 
ASP   CG  OD1  doub N N 124 
ASP   CG  OD2  sing N N 125 
ASP   OD2 HD2  sing N N 126 
ASP   OXT HXT  sing N N 127 
CYS   N   CA   sing N N 128 
CYS   N   H    sing N N 129 
CYS   N   H2   sing N N 130 
CYS   CA  C    sing N N 131 
CYS   CA  CB   sing N N 132 
CYS   CA  HA   sing N N 133 
CYS   C   O    doub N N 134 
CYS   C   OXT  sing N N 135 
CYS   CB  SG   sing N N 136 
CYS   CB  HB2  sing N N 137 
CYS   CB  HB3  sing N N 138 
CYS   SG  HG   sing N N 139 
CYS   OXT HXT  sing N N 140 
GLN   N   CA   sing N N 141 
GLN   N   H    sing N N 142 
GLN   N   H2   sing N N 143 
GLN   CA  C    sing N N 144 
GLN   CA  CB   sing N N 145 
GLN   CA  HA   sing N N 146 
GLN   C   O    doub N N 147 
GLN   C   OXT  sing N N 148 
GLN   CB  CG   sing N N 149 
GLN   CB  HB2  sing N N 150 
GLN   CB  HB3  sing N N 151 
GLN   CG  CD   sing N N 152 
GLN   CG  HG2  sing N N 153 
GLN   CG  HG3  sing N N 154 
GLN   CD  OE1  doub N N 155 
GLN   CD  NE2  sing N N 156 
GLN   NE2 HE21 sing N N 157 
GLN   NE2 HE22 sing N N 158 
GLN   OXT HXT  sing N N 159 
GLU   N   CA   sing N N 160 
GLU   N   H    sing N N 161 
GLU   N   H2   sing N N 162 
GLU   CA  C    sing N N 163 
GLU   CA  CB   sing N N 164 
GLU   CA  HA   sing N N 165 
GLU   C   O    doub N N 166 
GLU   C   OXT  sing N N 167 
GLU   CB  CG   sing N N 168 
GLU   CB  HB2  sing N N 169 
GLU   CB  HB3  sing N N 170 
GLU   CG  CD   sing N N 171 
GLU   CG  HG2  sing N N 172 
GLU   CG  HG3  sing N N 173 
GLU   CD  OE1  doub N N 174 
GLU   CD  OE2  sing N N 175 
GLU   OE2 HE2  sing N N 176 
GLU   OXT HXT  sing N N 177 
GLY   N   CA   sing N N 178 
GLY   N   H    sing N N 179 
GLY   N   H2   sing N N 180 
GLY   CA  C    sing N N 181 
GLY   CA  HA2  sing N N 182 
GLY   CA  HA3  sing N N 183 
GLY   C   O    doub N N 184 
GLY   C   OXT  sing N N 185 
GLY   OXT HXT  sing N N 186 
HIS   N   CA   sing N N 187 
HIS   N   H    sing N N 188 
HIS   N   H2   sing N N 189 
HIS   CA  C    sing N N 190 
HIS   CA  CB   sing N N 191 
HIS   CA  HA   sing N N 192 
HIS   C   O    doub N N 193 
HIS   C   OXT  sing N N 194 
HIS   CB  CG   sing N N 195 
HIS   CB  HB2  sing N N 196 
HIS   CB  HB3  sing N N 197 
HIS   CG  ND1  sing Y N 198 
HIS   CG  CD2  doub Y N 199 
HIS   ND1 CE1  doub Y N 200 
HIS   ND1 HD1  sing N N 201 
HIS   CD2 NE2  sing Y N 202 
HIS   CD2 HD2  sing N N 203 
HIS   CE1 NE2  sing Y N 204 
HIS   CE1 HE1  sing N N 205 
HIS   NE2 HE2  sing N N 206 
HIS   OXT HXT  sing N N 207 
HOH   O   H1   sing N N 208 
HOH   O   H2   sing N N 209 
ILE   N   CA   sing N N 210 
ILE   N   H    sing N N 211 
ILE   N   H2   sing N N 212 
ILE   CA  C    sing N N 213 
ILE   CA  CB   sing N N 214 
ILE   CA  HA   sing N N 215 
ILE   C   O    doub N N 216 
ILE   C   OXT  sing N N 217 
ILE   CB  CG1  sing N N 218 
ILE   CB  CG2  sing N N 219 
ILE   CB  HB   sing N N 220 
ILE   CG1 CD1  sing N N 221 
ILE   CG1 HG12 sing N N 222 
ILE   CG1 HG13 sing N N 223 
ILE   CG2 HG21 sing N N 224 
ILE   CG2 HG22 sing N N 225 
ILE   CG2 HG23 sing N N 226 
ILE   CD1 HD11 sing N N 227 
ILE   CD1 HD12 sing N N 228 
ILE   CD1 HD13 sing N N 229 
ILE   OXT HXT  sing N N 230 
LEU   N   CA   sing N N 231 
LEU   N   H    sing N N 232 
LEU   N   H2   sing N N 233 
LEU   CA  C    sing N N 234 
LEU   CA  CB   sing N N 235 
LEU   CA  HA   sing N N 236 
LEU   C   O    doub N N 237 
LEU   C   OXT  sing N N 238 
LEU   CB  CG   sing N N 239 
LEU   CB  HB2  sing N N 240 
LEU   CB  HB3  sing N N 241 
LEU   CG  CD1  sing N N 242 
LEU   CG  CD2  sing N N 243 
LEU   CG  HG   sing N N 244 
LEU   CD1 HD11 sing N N 245 
LEU   CD1 HD12 sing N N 246 
LEU   CD1 HD13 sing N N 247 
LEU   CD2 HD21 sing N N 248 
LEU   CD2 HD22 sing N N 249 
LEU   CD2 HD23 sing N N 250 
LEU   OXT HXT  sing N N 251 
LYS   N   CA   sing N N 252 
LYS   N   H    sing N N 253 
LYS   N   H2   sing N N 254 
LYS   CA  C    sing N N 255 
LYS   CA  CB   sing N N 256 
LYS   CA  HA   sing N N 257 
LYS   C   O    doub N N 258 
LYS   C   OXT  sing N N 259 
LYS   CB  CG   sing N N 260 
LYS   CB  HB2  sing N N 261 
LYS   CB  HB3  sing N N 262 
LYS   CG  CD   sing N N 263 
LYS   CG  HG2  sing N N 264 
LYS   CG  HG3  sing N N 265 
LYS   CD  CE   sing N N 266 
LYS   CD  HD2  sing N N 267 
LYS   CD  HD3  sing N N 268 
LYS   CE  NZ   sing N N 269 
LYS   CE  HE2  sing N N 270 
LYS   CE  HE3  sing N N 271 
LYS   NZ  HZ1  sing N N 272 
LYS   NZ  HZ2  sing N N 273 
LYS   NZ  HZ3  sing N N 274 
LYS   OXT HXT  sing N N 275 
MET   N   CA   sing N N 276 
MET   N   H    sing N N 277 
MET   N   H2   sing N N 278 
MET   CA  C    sing N N 279 
MET   CA  CB   sing N N 280 
MET   CA  HA   sing N N 281 
MET   C   O    doub N N 282 
MET   C   OXT  sing N N 283 
MET   CB  CG   sing N N 284 
MET   CB  HB2  sing N N 285 
MET   CB  HB3  sing N N 286 
MET   CG  SD   sing N N 287 
MET   CG  HG2  sing N N 288 
MET   CG  HG3  sing N N 289 
MET   SD  CE   sing N N 290 
MET   CE  HE1  sing N N 291 
MET   CE  HE2  sing N N 292 
MET   CE  HE3  sing N N 293 
MET   OXT HXT  sing N N 294 
PHE   N   CA   sing N N 295 
PHE   N   H    sing N N 296 
PHE   N   H2   sing N N 297 
PHE   CA  C    sing N N 298 
PHE   CA  CB   sing N N 299 
PHE   CA  HA   sing N N 300 
PHE   C   O    doub N N 301 
PHE   C   OXT  sing N N 302 
PHE   CB  CG   sing N N 303 
PHE   CB  HB2  sing N N 304 
PHE   CB  HB3  sing N N 305 
PHE   CG  CD1  doub Y N 306 
PHE   CG  CD2  sing Y N 307 
PHE   CD1 CE1  sing Y N 308 
PHE   CD1 HD1  sing N N 309 
PHE   CD2 CE2  doub Y N 310 
PHE   CD2 HD2  sing N N 311 
PHE   CE1 CZ   doub Y N 312 
PHE   CE1 HE1  sing N N 313 
PHE   CE2 CZ   sing Y N 314 
PHE   CE2 HE2  sing N N 315 
PHE   CZ  HZ   sing N N 316 
PHE   OXT HXT  sing N N 317 
PRO   N   CA   sing N N 318 
PRO   N   CD   sing N N 319 
PRO   N   H    sing N N 320 
PRO   CA  C    sing N N 321 
PRO   CA  CB   sing N N 322 
PRO   CA  HA   sing N N 323 
PRO   C   O    doub N N 324 
PRO   C   OXT  sing N N 325 
PRO   CB  CG   sing N N 326 
PRO   CB  HB2  sing N N 327 
PRO   CB  HB3  sing N N 328 
PRO   CG  CD   sing N N 329 
PRO   CG  HG2  sing N N 330 
PRO   CG  HG3  sing N N 331 
PRO   CD  HD2  sing N N 332 
PRO   CD  HD3  sing N N 333 
PRO   OXT HXT  sing N N 334 
SER   N   CA   sing N N 335 
SER   N   H    sing N N 336 
SER   N   H2   sing N N 337 
SER   CA  C    sing N N 338 
SER   CA  CB   sing N N 339 
SER   CA  HA   sing N N 340 
SER   C   O    doub N N 341 
SER   C   OXT  sing N N 342 
SER   CB  OG   sing N N 343 
SER   CB  HB2  sing N N 344 
SER   CB  HB3  sing N N 345 
SER   OG  HG   sing N N 346 
SER   OXT HXT  sing N N 347 
THR   N   CA   sing N N 348 
THR   N   H    sing N N 349 
THR   N   H2   sing N N 350 
THR   CA  C    sing N N 351 
THR   CA  CB   sing N N 352 
THR   CA  HA   sing N N 353 
THR   C   O    doub N N 354 
THR   C   OXT  sing N N 355 
THR   CB  OG1  sing N N 356 
THR   CB  CG2  sing N N 357 
THR   CB  HB   sing N N 358 
THR   OG1 HG1  sing N N 359 
THR   CG2 HG21 sing N N 360 
THR   CG2 HG22 sing N N 361 
THR   CG2 HG23 sing N N 362 
THR   OXT HXT  sing N N 363 
TRP   N   CA   sing N N 364 
TRP   N   H    sing N N 365 
TRP   N   H2   sing N N 366 
TRP   CA  C    sing N N 367 
TRP   CA  CB   sing N N 368 
TRP   CA  HA   sing N N 369 
TRP   C   O    doub N N 370 
TRP   C   OXT  sing N N 371 
TRP   CB  CG   sing N N 372 
TRP   CB  HB2  sing N N 373 
TRP   CB  HB3  sing N N 374 
TRP   CG  CD1  doub Y N 375 
TRP   CG  CD2  sing Y N 376 
TRP   CD1 NE1  sing Y N 377 
TRP   CD1 HD1  sing N N 378 
TRP   CD2 CE2  doub Y N 379 
TRP   CD2 CE3  sing Y N 380 
TRP   NE1 CE2  sing Y N 381 
TRP   NE1 HE1  sing N N 382 
TRP   CE2 CZ2  sing Y N 383 
TRP   CE3 CZ3  doub Y N 384 
TRP   CE3 HE3  sing N N 385 
TRP   CZ2 CH2  doub Y N 386 
TRP   CZ2 HZ2  sing N N 387 
TRP   CZ3 CH2  sing Y N 388 
TRP   CZ3 HZ3  sing N N 389 
TRP   CH2 HH2  sing N N 390 
TRP   OXT HXT  sing N N 391 
TYR   N   CA   sing N N 392 
TYR   N   H    sing N N 393 
TYR   N   H2   sing N N 394 
TYR   CA  C    sing N N 395 
TYR   CA  CB   sing N N 396 
TYR   CA  HA   sing N N 397 
TYR   C   O    doub N N 398 
TYR   C   OXT  sing N N 399 
TYR   CB  CG   sing N N 400 
TYR   CB  HB2  sing N N 401 
TYR   CB  HB3  sing N N 402 
TYR   CG  CD1  doub Y N 403 
TYR   CG  CD2  sing Y N 404 
TYR   CD1 CE1  sing Y N 405 
TYR   CD1 HD1  sing N N 406 
TYR   CD2 CE2  doub Y N 407 
TYR   CD2 HD2  sing N N 408 
TYR   CE1 CZ   doub Y N 409 
TYR   CE1 HE1  sing N N 410 
TYR   CE2 CZ   sing Y N 411 
TYR   CE2 HE2  sing N N 412 
TYR   CZ  OH   sing N N 413 
TYR   OH  HH   sing N N 414 
TYR   OXT HXT  sing N N 415 
VAL   N   CA   sing N N 416 
VAL   N   H    sing N N 417 
VAL   N   H2   sing N N 418 
VAL   CA  C    sing N N 419 
VAL   CA  CB   sing N N 420 
VAL   CA  HA   sing N N 421 
VAL   C   O    doub N N 422 
VAL   C   OXT  sing N N 423 
VAL   CB  CG1  sing N N 424 
VAL   CB  CG2  sing N N 425 
VAL   CB  HB   sing N N 426 
VAL   CG1 HG11 sing N N 427 
VAL   CG1 HG12 sing N N 428 
VAL   CG1 HG13 sing N N 429 
VAL   CG2 HG21 sing N N 430 
VAL   CG2 HG22 sing N N 431 
VAL   CG2 HG23 sing N N 432 
VAL   OXT HXT  sing N N 433 
# 
_pdbx_audit_support.funding_organization   'Not funded' 
_pdbx_audit_support.country                ? 
_pdbx_audit_support.grant_number           ? 
_pdbx_audit_support.ordinal                1 
# 
_pdbx_initial_refinement_model.id               1 
_pdbx_initial_refinement_model.entity_id_list   ? 
_pdbx_initial_refinement_model.type             'experimental model' 
_pdbx_initial_refinement_model.source_name      Other 
_pdbx_initial_refinement_model.accession_code   ? 
_pdbx_initial_refinement_model.details          'non-public structure' 
# 
_atom_sites.entry_id                    9S1N 
_atom_sites.Cartn_transf_matrix[1][1]   ? 
_atom_sites.Cartn_transf_matrix[1][2]   ? 
_atom_sites.Cartn_transf_matrix[1][3]   ? 
_atom_sites.Cartn_transf_matrix[2][1]   ? 
_atom_sites.Cartn_transf_matrix[2][2]   ? 
_atom_sites.Cartn_transf_matrix[2][3]   ? 
_atom_sites.Cartn_transf_matrix[3][1]   ? 
_atom_sites.Cartn_transf_matrix[3][2]   ? 
_atom_sites.Cartn_transf_matrix[3][3]   ? 
_atom_sites.Cartn_transf_vector[1]      ? 
_atom_sites.Cartn_transf_vector[2]      ? 
_atom_sites.Cartn_transf_vector[3]      ? 
_atom_sites.Cartn_transform_axes        ? 
_atom_sites.fract_transf_matrix[1][1]   -0.01616137 
_atom_sites.fract_transf_matrix[1][2]   -0.00750165 
_atom_sites.fract_transf_matrix[1][3]   0.01160757 
_atom_sites.fract_transf_matrix[2][1]   0.00523638 
_atom_sites.fract_transf_matrix[2][2]   -0.01059996 
_atom_sites.fract_transf_matrix[2][3]   0.00044022 
_atom_sites.fract_transf_matrix[3][1]   0.01406468 
_atom_sites.fract_transf_matrix[3][2]   0.00797526 
_atom_sites.fract_transf_matrix[3][3]   0.02473662 
_atom_sites.fract_transf_vector[1]      0.406765 
_atom_sites.fract_transf_vector[2]      0.127553 
_atom_sites.fract_transf_vector[3]      0.483669 
_atom_sites.solution_primary            ? 
_atom_sites.solution_secondary          ? 
_atom_sites.solution_hydrogens          ? 
_atom_sites.special_details             ? 
# 
loop_
_atom_type.symbol 
BR 
C  
N  
O  
S  
# 
loop_
_atom_site.group_PDB 
_atom_site.id 
_atom_site.type_symbol 
_atom_site.label_atom_id 
_atom_site.label_alt_id 
_atom_site.label_comp_id 
_atom_site.label_asym_id 
_atom_site.label_entity_id 
_atom_site.label_seq_id 
_atom_site.pdbx_PDB_ins_code 
_atom_site.Cartn_x 
_atom_site.Cartn_y 
_atom_site.Cartn_z 
_atom_site.occupancy 
_atom_site.B_iso_or_equiv 
_atom_site.pdbx_formal_charge 
_atom_site.auth_seq_id 
_atom_site.auth_comp_id 
_atom_site.auth_asym_id 
_atom_site.auth_atom_id 
_atom_site.pdbx_PDB_model_num 
ATOM   1    N  N   . ARG   A 1 2   ? 5.377   -10.579 -15.894 1   30.59 ? 20  ARG   A N   1 
ATOM   2    C  CA  . ARG   A 1 2   ? 5.142   -10.811 -14.464 1   30.12 ? 20  ARG   A CA  1 
ATOM   3    C  C   . ARG   A 1 2   ? 3.884   -10.072 -13.943 1   30.02 ? 20  ARG   A C   1 
ATOM   4    O  O   . ARG   A 1 2   ? 3.563   -8.971  -14.414 1   30.8  ? 20  ARG   A O   1 
ATOM   5    C  CB  . ARG   A 1 2   ? 6.353   -10.328 -13.630 1   30.32 ? 20  ARG   A CB  1 
ATOM   6    C  CG  . ARG   A 1 2   ? 7.703   -10.933 -13.989 1   31.46 ? 20  ARG   A CG  1 
ATOM   7    C  CD  . ARG   A 1 2   ? 8.651   -10.715 -12.806 1   31.2  ? 20  ARG   A CD  1 
ATOM   8    N  NE  . ARG   A 1 2   ? 8.330   -11.586 -11.658 1   29.18 ? 20  ARG   A NE  1 
ATOM   9    C  CZ  . ARG   A 1 2   ? 8.715   -11.348 -10.407 1   25.87 ? 20  ARG   A CZ  1 
ATOM   10   N  NH1 . ARG   A 1 2   ? 9.385   -10.241 -10.109 1   25.88 ? 20  ARG   A NH1 1 
ATOM   11   N  NH2 . ARG   A 1 2   ? 8.440   -12.218 -9.449  1   25.13 ? 20  ARG   A NH2 1 
ATOM   12   N  N   . PRO   A 1 3   ? 3.218   -10.616 -12.896 1   28.41 ? 21  PRO   A N   1 
ATOM   13   C  CA  . PRO   A 1 3   ? 2.091   -9.888  -12.267 1   27.34 ? 21  PRO   A CA  1 
ATOM   14   C  C   . PRO   A 1 3   ? 2.548   -8.521  -11.772 1   24.56 ? 21  PRO   A C   1 
ATOM   15   O  O   . PRO   A 1 3   ? 3.715   -8.357  -11.391 1   25.5  ? 21  PRO   A O   1 
ATOM   16   C  CB  . PRO   A 1 3   ? 1.743   -10.749 -11.059 1   28.17 ? 21  PRO   A CB  1 
ATOM   17   C  CG  . PRO   A 1 3   ? 2.266   -12.083 -11.388 1   29    ? 21  PRO   A CG  1 
ATOM   18   C  CD  . PRO   A 1 3   ? 3.513   -11.860 -12.162 1   27.95 ? 21  PRO   A CD  1 
ATOM   19   N  N   . ALA   A 1 4   ? 1.678   -7.525  -11.901 1   20.88 ? 22  ALA   A N   1 
ATOM   20   C  CA  . ALA   A 1 4   ? 2.043   -6.167  -11.556 1   18.97 ? 22  ALA   A CA  1 
ATOM   21   C  C   . ALA   A 1 4   ? 1.400   -5.866  -10.192 1   18.1  ? 22  ALA   A C   1 
ATOM   22   O  O   . ALA   A 1 4   ? 0.197   -6.075  -10.027 1   19.4  ? 22  ALA   A O   1 
ATOM   23   C  CB  . ALA   A 1 4   ? 1.544   -5.209  -12.624 1   18.52 ? 22  ALA   A CB  1 
ATOM   24   N  N   . LEU   A 1 5   ? 2.204   -5.398  -9.232  1   15.69 ? 23  LEU   A N   1 
ATOM   25   C  CA  . LEU   A 1 5   ? 1.771   -5.123  -7.868  1   15.87 ? 23  LEU   A CA  1 
ATOM   26   C  C   . LEU   A 1 5   ? 1.863   -3.631  -7.546  1   15.45 ? 23  LEU   A C   1 
ATOM   27   O  O   . LEU   A 1 5   ? 2.832   -2.982  -7.917  1   16.11 ? 23  LEU   A O   1 
ATOM   28   C  CB  . LEU   A 1 5   ? 2.701   -5.908  -6.912  1   17.19 ? 23  LEU   A CB  1 
ATOM   29   C  CG  . LEU   A 1 5   ? 2.478   -7.418  -6.663  1   22.2  ? 23  LEU   A CG  1 
ATOM   30   C  CD1 . LEU   A 1 5   ? 1.225   -8.045  -7.349  1   24.2  ? 23  LEU   A CD1 1 
ATOM   31   C  CD2 . LEU   A 1 5   ? 3.706   -8.187  -6.721  1   22.39 ? 23  LEU   A CD2 1 
ATOM   32   N  N   . TYR   A 1 6   ? 0.837   -3.064  -6.905  1   14.49 ? 24  TYR   A N   1 
ATOM   33   C  CA  . TYR   A 1 6   ? 0.874   -1.674  -6.516  1   15.51 ? 24  TYR   A CA  1 
ATOM   34   C  C   . TYR   A 1 6   ? 0.949   -1.653  -4.967  1   16.48 ? 24  TYR   A C   1 
ATOM   35   O  O   . TYR   A 1 6   ? 0.053   -2.189  -4.335  1   17.47 ? 24  TYR   A O   1 
ATOM   36   C  CB  . TYR   A 1 6   ? -0.384  -0.976  -7.029  1   15.5  ? 24  TYR   A CB  1 
ATOM   37   C  CG  . TYR   A 1 6   ? -0.459  0.478   -6.650  1   16.39 ? 24  TYR   A CG  1 
ATOM   38   C  CD1 . TYR   A 1 6   ? -0.984  0.872   -5.421  1   17.33 ? 24  TYR   A CD1 1 
ATOM   39   C  CD2 . TYR   A 1 6   ? -0.148  1.469   -7.563  1   17.06 ? 24  TYR   A CD2 1 
ATOM   40   C  CE1 . TYR   A 1 6   ? -1.028  2.208   -5.055  1   17.22 ? 24  TYR   A CE1 1 
ATOM   41   C  CE2 . TYR   A 1 6   ? -0.212  2.813   -7.217  1   17.74 ? 24  TYR   A CE2 1 
ATOM   42   C  CZ  . TYR   A 1 6   ? -0.628  3.175   -5.949  1   19.39 ? 24  TYR   A CZ  1 
ATOM   43   O  OH  . TYR   A 1 6   ? -0.731  4.516   -5.620  1   22.15 ? 24  TYR   A OH  1 
ATOM   44   N  N   . PHE   A 1 7   ? 1.994   -1.064  -4.372  1   14.04 ? 25  PHE   A N   1 
ATOM   45   C  CA  . PHE   A 1 7   ? 2.101   -0.963  -2.927  1   13.31 ? 25  PHE   A CA  1 
ATOM   46   C  C   . PHE   A 1 7   ? 1.789   0.442   -2.489  1   12.91 ? 25  PHE   A C   1 
ATOM   47   O  O   . PHE   A 1 7   ? 2.326   1.384   -3.072  1   12.84 ? 25  PHE   A O   1 
ATOM   48   C  CB  . PHE   A 1 7   ? 3.512   -1.292  -2.407  1   13.98 ? 25  PHE   A CB  1 
ATOM   49   C  CG  . PHE   A 1 7   ? 3.611   -1.089  -0.904  1   14.2  ? 25  PHE   A CG  1 
ATOM   50   C  CD1 . PHE   A 1 7   ? 2.927   -1.926  -0.023  1   15.51 ? 25  PHE   A CD1 1 
ATOM   51   C  CD2 . PHE   A 1 7   ? 4.356   -0.053  -0.375  1   14.06 ? 25  PHE   A CD2 1 
ATOM   52   C  CE1 . PHE   A 1 7   ? 2.933   -1.672  1.350   1   16.06 ? 25  PHE   A CE1 1 
ATOM   53   C  CE2 . PHE   A 1 7   ? 4.354   0.198   0.996   1   14.85 ? 25  PHE   A CE2 1 
ATOM   54   C  CZ  . PHE   A 1 7   ? 3.658   -0.617  1.849   1   15.11 ? 25  PHE   A CZ  1 
ATOM   55   N  N   . CYS   A 1 8   ? 1.029   0.583   -1.379  1   13.36 ? 26  CYS   A N   1 
ATOM   56   C  CA  . CYS   A 1 8   ? 0.844   1.929   -0.846  1   14.9  ? 26  CYS   A CA  1 
ATOM   57   C  C   . CYS   A 1 8   ? 0.823   1.961   0.649   1   14.38 ? 26  CYS   A C   1 
ATOM   58   O  O   . CYS   A 1 8   ? 0.496   0.987   1.325   1   14.93 ? 26  CYS   A O   1 
ATOM   59   C  CB  . CYS   A 1 8   ? -0.337  2.645   -1.455  1   18.54 ? 26  CYS   A CB  1 
ATOM   60   S  SG  . CYS   A 1 8   ? -1.881  1.762   -1.292  1   23.1  ? 26  CYS   A SG  1 
ATOM   61   N  N   . GLY   A 1 9   ? 1.376   3.041   1.158   1   12.56 ? 27  GLY   A N   1 
ATOM   62   C  CA  . GLY   A 1 9   ? 1.496   3.309   2.580   1   12.89 ? 27  GLY   A CA  1 
ATOM   63   C  C   . GLY   A 1 9   ? 1.599   4.814   2.763   1   13.99 ? 27  GLY   A C   1 
ATOM   64   O  O   . GLY   A 1 9   ? 1.780   5.568   1.793   1   13.85 ? 27  GLY   A O   1 
ATOM   65   N  N   . SER   A 1 10  ? 1.460   5.269   4.005   1   13.91 ? 28  SER   A N   1 
ATOM   66   C  CA  . SER   A 1 10  ? 1.483   6.717   4.268   1   13.92 ? 28  SER   A CA  1 
ATOM   67   C  C   . SER   A 1 10  ? 2.819   7.335   3.842   1   14.36 ? 28  SER   A C   1 
ATOM   68   O  O   . SER   A 1 10  ? 3.856   6.851   4.294   1   14.46 ? 28  SER   A O   1 
ATOM   69   C  CB  . SER   A 1 10  ? 1.233   6.996   5.748   1   14.42 ? 28  SER   A CB  1 
ATOM   70   O  OG  . SER   A 1 10  ? 1.484   8.373   6.011   1   14.59 ? 28  SER   A OG  1 
ATOM   71   N  N   . ILE   A 1 11  ? 2.783   8.425   3.049   1   14.48 ? 29  ILE   A N   1 
ATOM   72   C  CA  . ILE   A 1 11  ? 4.050   9.081   2.670   1   15.45 ? 29  ILE   A CA  1 
ATOM   73   C  C   . ILE   A 1 11  ? 4.698   9.719   3.912   1   16.42 ? 29  ILE   A C   1 
ATOM   74   O  O   . ILE   A 1 11  ? 5.865   10.058  3.864   1   17.8  ? 29  ILE   A O   1 
ATOM   75   C  CB  . ILE   A 1 11  ? 3.757   10.101  1.546   1   16.35 ? 29  ILE   A CB  1 
ATOM   76   C  CG1 . ILE   A 1 11  ? 4.986   10.352  0.676   1   18.04 ? 29  ILE   A CG1 1 
ATOM   77   C  CG2 . ILE   A 1 11  ? 3.132   11.415  2.111   1   16.95 ? 29  ILE   A CG2 1 
ATOM   78   C  CD1 . ILE   A 1 11  ? 5.486   9.097   -0.052  1   20.14 ? 29  ILE   A CD1 1 
ATOM   79   N  N   . ARG   A 1 12  ? 3.942   9.910   5.024   1   15.99 ? 30  ARG   A N   1 
ATOM   80   C  CA  . ARG   A 1 12  ? 4.506   10.453  6.257   1   18.08 ? 30  ARG   A CA  1 
ATOM   81   C  C   . ARG   A 1 12  ? 4.679   9.337   7.305   1   20.1  ? 30  ARG   A C   1 
ATOM   82   O  O   . ARG   A 1 12  ? 4.725   9.632   8.500   1   20.4  ? 30  ARG   A O   1 
ATOM   83   C  CB  . ARG   A 1 12  ? 3.596   11.570  6.839   1   19.09 ? 30  ARG   A CB  1 
ATOM   84   N  N   . GLY   A 1 13  ? 4.774   8.054   6.893   1   20.1  ? 31  GLY   A N   1 
ATOM   85   C  CA  . GLY   A 1 13  ? 4.888   6.967   7.870   1   20.59 ? 31  GLY   A CA  1 
ATOM   86   C  C   . GLY   A 1 13  ? 6.085   7.153   8.791   1   21.33 ? 31  GLY   A C   1 
ATOM   87   O  O   . GLY   A 1 13  ? 7.132   7.641   8.352   1   21.01 ? 31  GLY   A O   1 
ATOM   88   N  N   . GLY   A 1 14  ? 5.915   6.809   10.062  1   21.84 ? 32  GLY   A N   1 
ATOM   89   C  CA  . GLY   A 1 14  ? 6.993   6.905   11.045  1   21.9  ? 32  GLY   A CA  1 
ATOM   90   C  C   . GLY   A 1 14  ? 8.036   5.814   10.863  1   22    ? 32  GLY   A C   1 
ATOM   91   O  O   . GLY   A 1 14  ? 7.974   5.055   9.889   1   21.83 ? 32  GLY   A O   1 
ATOM   92   N  N   . ARG   A 1 15  ? 9.001   5.734   11.787  1   21.69 ? 33  ARG   A N   1 
ATOM   93   C  CA  . ARG   A 1 15  ? 10.109  4.765   11.685  1   23.02 ? 33  ARG   A CA  1 
ATOM   94   C  C   . ARG   A 1 15  ? 9.602   3.293   11.563  1   23    ? 33  ARG   A C   1 
ATOM   95   O  O   . ARG   A 1 15  ? 10.012  2.561   10.660  1   23    ? 33  ARG   A O   1 
ATOM   96   C  CB  . ARG   A 1 15  ? 11.018  4.918   12.922  1   25.39 ? 33  ARG   A CB  1 
ATOM   97   C  CG  . ARG   A 1 15  ? 12.065  3.814   13.112  1   30.97 ? 33  ARG   A CG  1 
ATOM   98   C  CD  . ARG   A 1 15  ? 12.989  3.666   11.917  1   36.12 ? 33  ARG   A CD  1 
ATOM   99   N  NE  . ARG   A 1 15  ? 14.301  3.127   12.288  1   42.93 ? 33  ARG   A NE  1 
ATOM   100  C  CZ  . ARG   A 1 15  ? 14.657  1.852   12.172  1   47.68 ? 33  ARG   A CZ  1 
ATOM   101  N  NH1 . ARG   A 1 15  ? 15.878  1.464   12.524  1   47.24 ? 33  ARG   A NH1 1 
ATOM   102  N  NH2 . ARG   A 1 15  ? 13.784  0.946   11.745  1   48.89 ? 33  ARG   A NH2 1 
ATOM   103  N  N   . GLU   A 1 16  ? 8.721   2.878   12.476  1   22.37 ? 34  GLU   A N   1 
ATOM   104  C  CA  . GLU   A 1 16  ? 8.233   1.509   12.485  1   21.67 ? 34  GLU   A CA  1 
ATOM   105  C  C   . GLU   A 1 16  ? 7.475   1.196   11.194  1   22.69 ? 34  GLU   A C   1 
ATOM   106  O  O   . GLU   A 1 16  ? 7.698   0.141   10.581  1   23.92 ? 34  GLU   A O   1 
ATOM   107  C  CB  . GLU   A 1 16  ? 7.364   1.299   13.716  1   23.25 ? 34  GLU   A CB  1 
ATOM   108  C  CG  . GLU   A 1 16  ? 6.964   -0.134  13.931  1   29.37 ? 34  GLU   A CG  1 
ATOM   109  C  CD  . GLU   A 1 16  ? 6.156   -0.371  15.195  1   38.21 ? 34  GLU   A CD  1 
ATOM   110  O  OE1 . GLU   A 1 16  ? 5.674   0.615   15.793  1   38.92 ? 34  GLU   A OE1 1 
ATOM   111  O  OE2 . GLU   A 1 16  ? 6.009   -1.551  15.589  1   42.58 ? 34  GLU   A OE2 1 
ATOM   112  N  N   . ASP   A 1 17  ? 6.639   2.142   10.736  1   21.99 ? 35  ASP   A N   1 
ATOM   113  C  CA  . ASP   A 1 17  ? 5.902   1.961   9.500   1   22.15 ? 35  ASP   A CA  1 
ATOM   114  C  C   . ASP   A 1 17  ? 6.863   1.869   8.306   1   21.52 ? 35  ASP   A C   1 
ATOM   115  O  O   . ASP   A 1 17  ? 6.734   0.951   7.504   1   21.33 ? 35  ASP   A O   1 
ATOM   116  C  CB  . ASP   A 1 17  ? 4.851   3.069   9.313   1   25.66 ? 35  ASP   A CB  1 
ATOM   117  C  CG  . ASP   A 1 17  ? 3.600   2.828   10.165  1   34.81 ? 35  ASP   A CG  1 
ATOM   118  O  OD1 . ASP   A 1 17  ? 3.395   3.569   11.131  1   37.97 ? 35  ASP   A OD1 1 
ATOM   119  O  OD2 . ASP   A 1 17  ? 2.837   1.880   9.862   1   37.73 ? 35  ASP   A OD2 1 
ATOM   120  N  N   . ARG   A 1 18  ? 7.860   2.773   8.210   1   19.25 ? 36  ARG   A N   1 
ATOM   121  C  CA  . ARG   A 1 18  ? 8.819   2.738   7.110   1   19.57 ? 36  ARG   A CA  1 
ATOM   122  C  C   . ARG   A 1 18  ? 9.633   1.406   7.037   1   21.12 ? 36  ARG   A C   1 
ATOM   123  O  O   . ARG   A 1 18  ? 9.885   0.899   5.934   1   20.59 ? 36  ARG   A O   1 
ATOM   124  C  CB  . ARG   A 1 18  ? 9.779   3.916   7.220   1   21.72 ? 36  ARG   A CB  1 
ATOM   125  N  N   . THR   A 1 19  ? 10.031  0.843   8.207   1   20.38 ? 37  THR   A N   1 
ATOM   126  C  CA  . THR   A 1 19  ? 10.749  -0.437  8.232   1   21.26 ? 37  THR   A CA  1 
ATOM   127  C  C   . THR   A 1 19  ? 9.844   -1.550  7.665   1   20.62 ? 37  THR   A C   1 
ATOM   128  O  O   . THR   A 1 19  ? 10.291  -2.397  6.885   1   22.33 ? 37  THR   A O   1 
ATOM   129  C  CB  . THR   A 1 19  ? 11.235  -0.756  9.670   1   24.55 ? 37  THR   A CB  1 
ATOM   130  O  OG1 . THR   A 1 19  ? 12.228  0.215   10.042  1   28.02 ? 37  THR   A OG1 1 
ATOM   131  C  CG2 . THR   A 1 19  ? 11.872  -2.140  9.762   1   24.65 ? 37  THR   A CG2 1 
ATOM   132  N  N   . LEU   A 1 20  ? 8.575   -1.525  8.040   1   18.57 ? 38  LEU   A N   1 
ATOM   133  C  CA  . LEU   A 1 20  ? 7.595   -2.447  7.524   1   18.07 ? 38  LEU   A CA  1 
ATOM   134  C  C   . LEU   A 1 20  ? 7.311   -2.254  6.027   1   16.85 ? 38  LEU   A C   1 
ATOM   135  O  O   . LEU   A 1 20  ? 7.214   -3.248  5.335   1   17.06 ? 38  LEU   A O   1 
ATOM   136  C  CB  . LEU   A 1 20  ? 6.316   -2.386  8.371   1   17.71 ? 38  LEU   A CB  1 
ATOM   137  C  CG  . LEU   A 1 20  ? 6.525   -3.188  9.623   1   19.55 ? 38  LEU   A CG  1 
ATOM   138  C  CD1 . LEU   A 1 20  ? 5.646   -2.681  10.775  1   22.05 ? 38  LEU   A CD1 1 
ATOM   139  C  CD2 . LEU   A 1 20  ? 6.316   -4.652  9.308   1   19.51 ? 38  LEU   A CD2 1 
ATOM   140  N  N   . TYR   A 1 21  ? 7.229   -1.016  5.498   1   15.7  ? 39  TYR   A N   1 
ATOM   141  C  CA  . TYR   A 1 21  ? 6.966   -0.834  4.043   1   14.67 ? 39  TYR   A CA  1 
ATOM   142  C  C   . TYR   A 1 21  ? 8.111   -1.470  3.245   1   15.73 ? 39  TYR   A C   1 
ATOM   143  O  O   . TYR   A 1 21  ? 7.883   -2.102  2.218   1   15.79 ? 39  TYR   A O   1 
ATOM   144  C  CB  . TYR   A 1 21  ? 6.866   0.665   3.632   1   13.69 ? 39  TYR   A CB  1 
ATOM   145  C  CG  . TYR   A 1 21  ? 5.811   1.495   4.338   1   14.29 ? 39  TYR   A CG  1 
ATOM   146  C  CD1 . TYR   A 1 21  ? 4.755   0.898   5.011   1   14.18 ? 39  TYR   A CD1 1 
ATOM   147  C  CD2 . TYR   A 1 21  ? 5.881   2.890   4.341   1   14.94 ? 39  TYR   A CD2 1 
ATOM   148  C  CE1 . TYR   A 1 21  ? 3.786   1.670   5.671   1   14.45 ? 39  TYR   A CE1 1 
ATOM   149  C  CE2 . TYR   A 1 21  ? 4.902   3.660   4.955   1   14.8  ? 39  TYR   A CE2 1 
ATOM   150  C  CZ  . TYR   A 1 21  ? 3.871   3.054   5.639   1   15.71 ? 39  TYR   A CZ  1 
ATOM   151  O  OH  . TYR   A 1 21  ? 2.938   3.847   6.275   1   16.33 ? 39  TYR   A OH  1 
ATOM   152  N  N   . GLU   A 1 22  ? 9.340   -1.286  3.716   1   15.6  ? 40  GLU   A N   1 
ATOM   153  C  CA  . GLU   A 1 22  ? 10.506  -1.855  3.063   1   16.59 ? 40  GLU   A CA  1 
ATOM   154  C  C   . GLU   A 1 22  ? 10.422  -3.409  3.085   1   16.5  ? 40  GLU   A C   1 
ATOM   155  O  O   . GLU   A 1 22  ? 10.635  -4.047  2.055   1   17.26 ? 40  GLU   A O   1 
ATOM   156  C  CB  . GLU   A 1 22  ? 11.776  -1.382  3.792   1   20.17 ? 40  GLU   A CB  1 
ATOM   157  N  N   . ARG   A 1 23  ? 10.080  -4.001  4.239   1   15.35 ? 41  ARG   A N   1 
ATOM   158  C  CA  . ARG   A 1 23  ? 9.973   -5.470  4.326   1   14.76 ? 41  ARG   A CA  1 
ATOM   159  C  C   . ARG   A 1 23  ? 8.856   -5.980  3.405   1   15.04 ? 41  ARG   A C   1 
ATOM   160  O  O   . ARG   A 1 23  ? 8.997   -7.027  2.771   1   16.02 ? 41  ARG   A O   1 
ATOM   161  C  CB  . ARG   A 1 23  ? 9.730   -5.922  5.773   1   16.38 ? 41  ARG   A CB  1 
ATOM   162  C  CG  . ARG   A 1 23  ? 10.981  -5.831  6.658   1   18.01 ? 41  ARG   A CG  1 
ATOM   163  C  CD  . ARG   A 1 23  ? 10.605  -5.948  8.120   1   19.05 ? 41  ARG   A CD  1 
ATOM   164  N  NE  . ARG   A 1 23  ? 10.066  -7.284  8.415   1   20.98 ? 41  ARG   A NE  1 
ATOM   165  C  CZ  . ARG   A 1 23  ? 9.394   -7.596  9.520   1   23.41 ? 41  ARG   A CZ  1 
ATOM   166  N  NH1 . ARG   A 1 23  ? 8.945   -8.836  9.707   1   21.85 ? 41  ARG   A NH1 1 
ATOM   167  N  NH2 . ARG   A 1 23  ? 9.171   -6.676  10.451  1   21.15 ? 41  ARG   A NH2 1 
ATOM   168  N  N   . ILE   A 1 24  ? 7.747   -5.229  3.329   1   12.96 ? 42  ILE   A N   1 
ATOM   169  C  CA  . ILE   A 1 24  ? 6.634   -5.628  2.493   1   13.66 ? 42  ILE   A CA  1 
ATOM   170  C  C   . ILE   A 1 24  ? 7.030   -5.576  1.024   1   14.22 ? 42  ILE   A C   1 
ATOM   171  O  O   . ILE   A 1 24  ? 6.819   -6.545  0.293   1   14.71 ? 42  ILE   A O   1 
ATOM   172  C  CB  . ILE   A 1 24  ? 5.409   -4.751  2.780   1   13.35 ? 42  ILE   A CB  1 
ATOM   173  C  CG1 . ILE   A 1 24  ? 4.871   -5.093  4.173   1   14.26 ? 42  ILE   A CG1 1 
ATOM   174  C  CG2 . ILE   A 1 24  ? 4.345   -4.952  1.664   1   13.42 ? 42  ILE   A CG2 1 
ATOM   175  C  CD1 . ILE   A 1 24  ? 3.839   -4.041  4.792   1   15.88 ? 42  ILE   A CD1 1 
ATOM   176  N  N   . VAL   A 1 25  ? 7.622   -4.458  0.586   1   13.97 ? 43  VAL   A N   1 
ATOM   177  C  CA  . VAL   A 1 25  ? 8.027   -4.331  -0.810  1   14.12 ? 43  VAL   A CA  1 
ATOM   178  C  C   . VAL   A 1 25  ? 9.072   -5.397  -1.165  1   13.69 ? 43  VAL   A C   1 
ATOM   179  O  O   . VAL   A 1 25  ? 8.955   -6.042  -2.208  1   15.36 ? 43  VAL   A O   1 
ATOM   180  C  CB  . VAL   A 1 25  ? 8.489   -2.895  -1.121  1   15.08 ? 43  VAL   A CB  1 
ATOM   181  C  CG1 . VAL   A 1 25  ? 9.237   -2.838  -2.450  1   15.24 ? 43  VAL   A CG1 1 
ATOM   182  C  CG2 . VAL   A 1 25  ? 7.275   -1.933  -1.103  1   16.3  ? 43  VAL   A CG2 1 
ATOM   183  N  N   . SER   A 1 26  ? 10.009  -5.674  -0.238  1   13.17 ? 44  SER   A N   1 
ATOM   184  C  CA  . SER   A 1 26  ? 11.019  -6.713  -0.455  1   14.09 ? 44  SER   A CA  1 
ATOM   185  C  C   . SER   A 1 26  ? 10.375  -8.081  -0.732  1   14.38 ? 44  SER   A C   1 
ATOM   186  O  O   . SER   A 1 26  ? 10.831  -8.828  -1.616  1   15.16 ? 44  SER   A O   1 
ATOM   187  C  CB  A SER   A 1 26  ? 11.977  -6.790  0.731   0.5 15    ? 44  SER   A CB  1 
ATOM   188  C  CB  B SER   A 1 26  ? 11.948  -6.814  0.750   0.5 16.62 ? 44  SER   A CB  1 
ATOM   189  O  OG  A SER   A 1 26  ? 12.763  -5.613  0.879   0.5 16.26 ? 44  SER   A OG  1 
ATOM   190  O  OG  B SER   A 1 26  ? 12.854  -7.900  0.635   0.5 20.67 ? 44  SER   A OG  1 
ATOM   191  N  N   . ARG   A 1 27  ? 9.351   -8.426  0.048   1   13.23 ? 45  ARG   A N   1 
ATOM   192  C  CA  . ARG   A 1 27  ? 8.694   -9.717  -0.103  1   15.14 ? 45  ARG   A CA  1 
ATOM   193  C  C   . ARG   A 1 27  ? 7.839   -9.729  -1.348  1   16.22 ? 45  ARG   A C   1 
ATOM   194  O  O   . ARG   A 1 27  ? 7.840   -10.730 -2.061  1   16.89 ? 45  ARG   A O   1 
ATOM   195  C  CB  . ARG   A 1 27  ? 7.871   -10.041 1.153   1   17.02 ? 45  ARG   A CB  1 
ATOM   196  C  CG  . ARG   A 1 27  ? 7.198   -11.434 1.173   1   21.04 ? 45  ARG   A CG  1 
ATOM   197  C  CD  . ARG   A 1 27  ? 8.137   -12.572 0.822   1   26.94 ? 45  ARG   A CD  1 
ATOM   198  N  NE  . ARG   A 1 27  ? 9.245   -12.651 1.766   1   31.89 ? 45  ARG   A NE  1 
ATOM   199  C  CZ  . ARG   A 1 27  ? 9.500   -13.708 2.544   1   33.43 ? 45  ARG   A CZ  1 
ATOM   200  N  NH1 . ARG   A 1 27  ? 8.730   -14.787 2.485   1   35.4  ? 45  ARG   A NH1 1 
ATOM   201  N  NH2 . ARG   A 1 27  ? 10.540  -13.696 3.372   1   30.1  ? 45  ARG   A NH2 1 
ATOM   202  N  N   . LEU   A 1 28  ? 7.140   -8.606  -1.663  1   14.68 ? 46  LEU   A N   1 
ATOM   203  C  CA  . LEU   A 1 28  ? 6.308   -8.543  -2.857  1   15    ? 46  LEU   A CA  1 
ATOM   204  C  C   . LEU   A 1 28  ? 7.137   -8.802  -4.113  1   16.78 ? 46  LEU   A C   1 
ATOM   205  O  O   . LEU   A 1 28  ? 6.595   -9.383  -5.061  1   17.63 ? 46  LEU   A O   1 
ATOM   206  C  CB  . LEU   A 1 28  ? 5.575   -7.203  -3.003  1   15.14 ? 46  LEU   A CB  1 
ATOM   207  C  CG  . LEU   A 1 28  ? 4.519   -6.879  -1.940  1   16.27 ? 46  LEU   A CG  1 
ATOM   208  C  CD1 . LEU   A 1 28  ? 3.845   -5.513  -2.229  1   17.1  ? 46  LEU   A CD1 1 
ATOM   209  C  CD2 . LEU   A 1 28  ? 3.478   -7.964  -1.864  1   16.98 ? 46  LEU   A CD2 1 
ATOM   210  N  N   . ARG   A 1 29  ? 8.441   -8.417  -4.127  1   17.59 ? 47  ARG   A N   1 
ATOM   211  C  CA  . ARG   A 1 29  ? 9.273   -8.643  -5.332  1   19.11 ? 47  ARG   A CA  1 
ATOM   212  C  C   . ARG   A 1 29  ? 9.321   -10.094 -5.783  1   19.55 ? 47  ARG   A C   1 
ATOM   213  O  O   . ARG   A 1 29  ? 9.420   -10.360 -6.976  1   19.93 ? 47  ARG   A O   1 
ATOM   214  C  CB  . ARG   A 1 29  ? 10.720  -8.186  -5.143  1   20.73 ? 47  ARG   A CB  1 
ATOM   215  C  CG  . ARG   A 1 29  ? 10.867  -6.734  -5.164  1   22.4  ? 47  ARG   A CG  1 
ATOM   216  C  CD  . ARG   A 1 29  ? 12.306  -6.356  -5.476  1   19.82 ? 47  ARG   A CD  1 
ATOM   217  N  NE  . ARG   A 1 29  ? 12.510  -5.008  -4.976  1   18.64 ? 47  ARG   A NE  1 
ATOM   218  C  CZ  . ARG   A 1 29  ? 12.972  -4.720  -3.764  1   20.7  ? 47  ARG   A CZ  1 
ATOM   219  N  NH1 . ARG   A 1 29  ? 13.412  -5.700  -2.957  1   17.71 ? 47  ARG   A NH1 1 
ATOM   220  N  NH2 . ARG   A 1 29  ? 13.058  -3.453  -3.367  1   21.08 ? 47  ARG   A NH2 1 
ATOM   221  N  N   . ARG   A 1 30  ? 9.223   -11.015 -4.841  1   19.24 ? 48  ARG   A N   1 
ATOM   222  C  CA  . ARG   A 1 30  ? 9.203   -12.443 -5.140  1   20.2  ? 48  ARG   A CA  1 
ATOM   223  C  C   . ARG   A 1 30  ? 7.989   -12.843 -5.965  1   19.89 ? 48  ARG   A C   1 
ATOM   224  O  O   . ARG   A 1 30  ? 8.020   -13.874 -6.647  1   20.91 ? 48  ARG   A O   1 
ATOM   225  C  CB  . ARG   A 1 30  ? 9.114   -13.213 -3.833  1   23.97 ? 48  ARG   A CB  1 
ATOM   226  C  CG  . ARG   A 1 30  ? 10.232  -12.924 -2.871  1   30.79 ? 48  ARG   A CG  1 
ATOM   227  C  CD  . ARG   A 1 30  ? 10.165  -13.948 -1.770  1   36.02 ? 48  ARG   A CD  1 
ATOM   228  N  NE  . ARG   A 1 30  ? 11.203  -13.748 -0.760  1   40.14 ? 48  ARG   A NE  1 
ATOM   229  C  CZ  . ARG   A 1 30  ? 11.454  -14.605 0.223   1   43.93 ? 48  ARG   A CZ  1 
ATOM   230  N  NH1 . ARG   A 1 30  ? 10.728  -15.712 0.351   1   42.23 ? 48  ARG   A NH1 1 
ATOM   231  N  NH2 . ARG   A 1 30  ? 12.434  -14.364 1.087   1   45.85 ? 48  ARG   A NH2 1 
ATOM   232  N  N   . PHE   A 1 31  ? 6.872   -12.086 -5.850  1   18.35 ? 49  PHE   A N   1 
ATOM   233  C  CA  . PHE   A 1 31  ? 5.654   -12.475 -6.520  1   18.82 ? 49  PHE   A CA  1 
ATOM   234  C  C   . PHE   A 1 31  ? 5.393   -11.697 -7.791  1   19.26 ? 49  PHE   A C   1 
ATOM   235  O  O   . PHE   A 1 31  ? 4.681   -12.200 -8.645  1   20.98 ? 49  PHE   A O   1 
ATOM   236  C  CB  . PHE   A 1 31  ? 4.467   -12.416 -5.523  1   18.98 ? 49  PHE   A CB  1 
ATOM   237  C  CG  . PHE   A 1 31  ? 4.727   -13.296 -4.319  1   20.78 ? 49  PHE   A CG  1 
ATOM   238  C  CD1 . PHE   A 1 31  ? 4.589   -14.669 -4.403  1   21.79 ? 49  PHE   A CD1 1 
ATOM   239  C  CD2 . PHE   A 1 31  ? 5.146   -12.749 -3.112  1   21.64 ? 49  PHE   A CD2 1 
ATOM   240  C  CE1 . PHE   A 1 31  ? 4.819   -15.479 -3.290  1   22.33 ? 49  PHE   A CE1 1 
ATOM   241  C  CE2 . PHE   A 1 31  ? 5.395   -13.567 -2.012  1   22.12 ? 49  PHE   A CE2 1 
ATOM   242  C  CZ  . PHE   A 1 31  ? 5.279   -14.924 -2.123  1   21.72 ? 49  PHE   A CZ  1 
ATOM   243  N  N   . GLY   A 1 32  ? 5.991   -10.510 -7.954  1   17.68 ? 50  GLY   A N   1 
ATOM   244  C  CA  . GLY   A 1 32  ? 5.799   -9.749  -9.177  1   17.71 ? 50  GLY   A CA  1 
ATOM   245  C  C   . GLY   A 1 32  ? 6.515   -8.415  -9.183  1   16.96 ? 50  GLY   A C   1 
ATOM   246  O  O   . GLY   A 1 32  ? 7.348   -8.153  -8.318  1   17.2  ? 50  GLY   A O   1 
ATOM   247  N  N   . THR   A 1 33  ? 6.196   -7.582  -10.162 1   16.18 ? 51  THR   A N   1 
ATOM   248  C  CA  . THR   A 1 33  ? 6.840   -6.290  -10.344 1   16.68 ? 51  THR   A CA  1 
ATOM   249  C  C   . THR   A 1 33  ? 6.145   -5.264  -9.458  1   16.54 ? 51  THR   A C   1 
ATOM   250  O  O   . THR   A 1 33  ? 4.962   -5.057  -9.646  1   17.15 ? 51  THR   A O   1 
ATOM   251  C  CB  . THR   A 1 33  ? 6.717   -5.851  -11.816 1   20.55 ? 51  THR   A CB  1 
ATOM   252  O  OG1 . THR   A 1 33  ? 7.437   -6.789  -12.619 1   24.33 ? 51  THR   A OG1 1 
ATOM   253  C  CG2 . THR   A 1 33  ? 7.357   -4.503  -12.052 1   20.48 ? 51  THR   A CG2 1 
ATOM   254  N  N   . VAL   A 1 34  ? 6.859   -4.640  -8.520  1   14.72 ? 52  VAL   A N   1 
ATOM   255  C  CA  . VAL   A 1 34  ? 6.250   -3.610  -7.643  1   13.86 ? 52  VAL   A CA  1 
ATOM   256  C  C   . VAL   A 1 34  ? 6.347   -2.278  -8.409  1   14.46 ? 52  VAL   A C   1 
ATOM   257  O  O   . VAL   A 1 34  ? 7.427   -1.690  -8.485  1   14.72 ? 52  VAL   A O   1 
ATOM   258  C  CB  . VAL   A 1 34  ? 6.968   -3.513  -6.282  1   14.14 ? 52  VAL   A CB  1 
ATOM   259  C  CG1 . VAL   A 1 34  ? 6.286   -2.473  -5.372  1   14.95 ? 52  VAL   A CG1 1 
ATOM   260  C  CG2 . VAL   A 1 34  ? 7.024   -4.889  -5.601  1   14.4  ? 52  VAL   A CG2 1 
ATOM   261  N  N   . LEU   A 1 35  ? 5.258   -1.882  -9.065  1   13.82 ? 53  LEU   A N   1 
ATOM   262  C  CA  . LEU   A 1 35  ? 5.243   -0.705  -9.930  1   14.61 ? 53  LEU   A CA  1 
ATOM   263  C  C   . LEU   A 1 35  ? 5.664   0.574   -9.196  1   14.66 ? 53  LEU   A C   1 
ATOM   264  O  O   . LEU   A 1 35  ? 6.307   1.449   -9.762  1   14.23 ? 53  LEU   A O   1 
ATOM   265  C  CB  . LEU   A 1 35  ? 3.827   -0.537  -10.474 1   16.64 ? 53  LEU   A CB  1 
ATOM   266  C  CG  . LEU   A 1 35  ? 3.344   -1.677  -11.387 1   19.87 ? 53  LEU   A CG  1 
ATOM   267  C  CD1 . LEU   A 1 35  ? 1.859   -1.519  -11.688 1   21.47 ? 53  LEU   A CD1 1 
ATOM   268  C  CD2 . LEU   A 1 35  ? 4.159   -1.692  -12.700 1   21.54 ? 53  LEU   A CD2 1 
ATOM   269  N  N   . THR   A 1 36  ? 5.237   0.685   -7.937  1   14.27 ? 54  THR   A N   1 
ATOM   270  C  CA  . THR   A 1 36  ? 5.447   1.858   -7.104  1   15.7  ? 54  THR   A CA  1 
ATOM   271  C  C   . THR   A 1 36  ? 6.901   2.087   -6.738  1   16.82 ? 54  THR   A C   1 
ATOM   272  O  O   . THR   A 1 36  ? 7.215   3.199   -6.288  1   18.65 ? 54  THR   A O   1 
ATOM   273  C  CB  . THR   A 1 36  ? 4.529   1.811   -5.886  1   16.31 ? 54  THR   A CB  1 
ATOM   274  O  OG1 . THR   A 1 36  ? 4.601   0.509   -5.286  1   15.42 ? 54  THR   A OG1 1 
ATOM   275  C  CG2 . THR   A 1 36  ? 3.094   2.117   -6.263  1   18.11 ? 54  THR   A CG2 1 
ATOM   276  N  N   . GLU   A 1 37  ? 7.802   1.093   -6.977  1   16.26 ? 55  GLU   A N   1 
ATOM   277  C  CA  . GLU   A 1 37  ? 9.223   1.354   -6.757  1   16.33 ? 55  GLU   A CA  1 
ATOM   278  C  C   . GLU   A 1 37  ? 9.932   1.783   -8.060  1   16.1  ? 55  GLU   A C   1 
ATOM   279  O  O   . GLU   A 1 37  ? 11.161  1.888   -8.075  1   16.3  ? 55  GLU   A O   1 
ATOM   280  C  CB  . GLU   A 1 37  ? 9.951   0.211   -6.031  1   20.28 ? 55  GLU   A CB  1 
ATOM   281  C  CG  . GLU   A 1 37  ? 10.047  -1.100  -6.777  1   23.15 ? 55  GLU   A CG  1 
ATOM   282  C  CD  . GLU   A 1 37  ? 10.882  -2.152  -6.057  1   25.45 ? 55  GLU   A CD  1 
ATOM   283  O  OE1 . GLU   A 1 37  ? 10.783  -3.352  -6.418  1   24.16 ? 55  GLU   A OE1 1 
ATOM   284  O  OE2 . GLU   A 1 37  ? 11.629  -1.775  -5.124  1   25    ? 55  GLU   A OE2 1 
ATOM   285  N  N   . HIS   A 1 38  ? 9.174   2.059   -9.152  1   16.38 ? 56  HIS   A N   1 
ATOM   286  C  CA  . HIS   A 1 38  ? 9.794   2.522   -10.385 1   18.38 ? 56  HIS   A CA  1 
ATOM   287  C  C   . HIS   A 1 38  ? 10.280  3.980   -10.306 1   21.33 ? 56  HIS   A C   1 
ATOM   288  O  O   . HIS   A 1 38  ? 10.963  4.442   -11.211 1   23.31 ? 56  HIS   A O   1 
ATOM   289  C  CB  . HIS   A 1 38  ? 8.893   2.269   -11.591 1   18.55 ? 56  HIS   A CB  1 
ATOM   290  C  CG  . HIS   A 1 38  ? 8.754   0.781   -11.907 1   20.92 ? 56  HIS   A CG  1 
ATOM   291  N  ND1 . HIS   A 1 38  ? 7.819   0.326   -12.822 1   23.3  ? 56  HIS   A ND1 1 
ATOM   292  C  CD2 . HIS   A 1 38  ? 9.420   -0.296  -11.405 1   22.54 ? 56  HIS   A CD2 1 
ATOM   293  C  CE1 . HIS   A 1 38  ? 7.931   -0.994  -12.841 1   23.68 ? 56  HIS   A CE1 1 
ATOM   294  N  NE2 . HIS   A 1 38  ? 8.893   -1.413  -12.024 1   23.53 ? 56  HIS   A NE2 1 
ATOM   295  N  N   . VAL   A 1 39  ? 9.941   4.693   -9.228  1   19.96 ? 57  VAL   A N   1 
ATOM   296  C  CA  A VAL   A 1 39  ? 10.358  6.072   -9.003  0.5 20.2  ? 57  VAL   A CA  1 
ATOM   297  C  CA  B VAL   A 1 39  ? 10.409  6.040   -9.015  0.5 20.34 ? 57  VAL   A CA  1 
ATOM   298  C  C   . VAL   A 1 39  ? 10.904  6.131   -7.560  1   20.09 ? 57  VAL   A C   1 
ATOM   299  O  O   . VAL   A 1 39  ? 10.484  5.327   -6.709  1   19.36 ? 57  VAL   A O   1 
ATOM   300  C  CB  A VAL   A 1 39  ? 9.163   7.047   -9.246  0.5 21.1  ? 57  VAL   A CB  1 
ATOM   301  C  CB  B VAL   A 1 39  ? 9.303   7.050   -9.393  0.5 21.53 ? 57  VAL   A CB  1 
ATOM   302  C  CG1 A VAL   A 1 39  ? 9.512   8.480   -8.872  0.5 21.49 ? 57  VAL   A CG1 1 
ATOM   303  C  CG1 B VAL   A 1 39  ? 8.568   7.580   -8.173  0.5 21.39 ? 57  VAL   A CG1 1 
ATOM   304  C  CG2 A VAL   A 1 39  ? 8.686   6.992   -10.696 0.5 21.45 ? 57  VAL   A CG2 1 
ATOM   305  C  CG2 B VAL   A 1 39  ? 9.852   8.177   -10.251 0.5 22.85 ? 57  VAL   A CG2 1 
ATOM   306  N  N   . ALA   A 1 40  ? 11.848  7.059   -7.273  1   19.27 ? 58  ALA   A N   1 
ATOM   307  C  CA  . ALA   A 1 40  ? 12.394  7.171   -5.921  1   18.97 ? 58  ALA   A CA  1 
ATOM   308  C  C   . ALA   A 1 40  ? 11.313  7.564   -4.935  1   18.28 ? 58  ALA   A C   1 
ATOM   309  O  O   . ALA   A 1 40  ? 10.497  8.447   -5.236  1   16.84 ? 58  ALA   A O   1 
ATOM   310  C  CB  . ALA   A 1 40  ? 13.500  8.225   -5.891  1   19.04 ? 58  ALA   A CB  1 
ATOM   311  N  N   . ALA   A 1 41  ? 11.362  7.004   -3.712  1   18.68 ? 59  ALA   A N   1 
ATOM   312  C  CA  . ALA   A 1 41  ? 10.424  7.391   -2.642  1   19.8  ? 59  ALA   A CA  1 
ATOM   313  C  C   . ALA   A 1 41  ? 10.415  8.926   -2.430  1   19.05 ? 59  ALA   A C   1 
ATOM   314  O  O   . ALA   A 1 41  ? 9.351   9.530   -2.220  1   18.06 ? 59  ALA   A O   1 
ATOM   315  C  CB  . ALA   A 1 41  ? 10.830  6.718   -1.353  1   20.4  ? 59  ALA   A CB  1 
ATOM   316  N  N   . ALA   A 1 42  ? 11.597  9.568   -2.567  1   18.19 ? 60  ALA   A N   1 
ATOM   317  C  CA  . ALA   A 1 42  ? 11.669  11.039  -2.414  1   18.56 ? 60  ALA   A CA  1 
ATOM   318  C  C   . ALA   A 1 42  ? 10.828  11.775  -3.441  1   18.35 ? 60  ALA   A C   1 
ATOM   319  O  O   . ALA   A 1 42  ? 10.187  12.803  -3.129  1   18.29 ? 60  ALA   A O   1 
ATOM   320  C  CB  . ALA   A 1 42  ? 13.120  11.511  -2.494  1   18.78 ? 60  ALA   A CB  1 
ATOM   321  N  N   . GLU   A 1 43  ? 10.797  11.253  -4.666  1   17.67 ? 61  GLU   A N   1 
ATOM   322  C  CA  . GLU   A 1 43  ? 10.008  11.861  -5.727  1   18.27 ? 61  GLU   A CA  1 
ATOM   323  C  C   . GLU   A 1 43  ? 8.518   11.769  -5.441  1   18.1  ? 61  GLU   A C   1 
ATOM   324  O  O   . GLU   A 1 43  ? 7.764   12.614  -5.895  1   18.58 ? 61  GLU   A O   1 
ATOM   325  C  CB  . GLU   A 1 43  ? 10.337  11.195  -7.065  1   23.04 ? 61  GLU   A CB  1 
ATOM   326  N  N   . LEU   A 1 44  ? 8.072   10.725  -4.705  1   17.96 ? 62  LEU   A N   1 
ATOM   327  C  CA  . LEU   A 1 44  ? 6.657   10.622  -4.316  1   18.13 ? 62  LEU   A CA  1 
ATOM   328  C  C   . LEU   A 1 44  ? 6.339   11.425  -3.037  1   18.12 ? 62  LEU   A C   1 
ATOM   329  O  O   . LEU   A 1 44  ? 5.164   11.531  -2.662  1   16.95 ? 62  LEU   A O   1 
ATOM   330  C  CB  . LEU   A 1 44  ? 6.328   9.123   -4.086  1   17.86 ? 62  LEU   A CB  1 
ATOM   331  C  CG  . LEU   A 1 44  ? 6.524   8.278   -5.352  1   18.92 ? 62  LEU   A CG  1 
ATOM   332  C  CD1 . LEU   A 1 44  ? 6.417   6.761   -5.042  1   19.2  ? 62  LEU   A CD1 1 
ATOM   333  C  CD2 . LEU   A 1 44  ? 5.551   8.701   -6.452  1   18.73 ? 62  LEU   A CD2 1 
ATOM   334  N  N   . GLY   A 1 45  ? 7.362   11.968  -2.362  1   17.79 ? 63  GLY   A N   1 
ATOM   335  C  CA  . GLY   A 1 45  ? 7.136   12.795  -1.185  1   18.76 ? 63  GLY   A CA  1 
ATOM   336  C  C   . GLY   A 1 45  ? 7.690   12.293  0.130   1   20.04 ? 63  GLY   A C   1 
ATOM   337  O  O   . GLY   A 1 45  ? 7.457   12.926  1.167   1   20.11 ? 63  GLY   A O   1 
ATOM   338  N  N   . ALA   A 1 46  ? 8.444   11.194  0.113   1   20.36 ? 64  ALA   A N   1 
ATOM   339  C  CA  . ALA   A 1 46  ? 8.923   10.601  1.368   1   23.04 ? 64  ALA   A CA  1 
ATOM   340  C  C   . ALA   A 1 46  ? 9.864   11.486  2.197   1   26.19 ? 64  ALA   A C   1 
ATOM   341  O  O   . ALA   A 1 46  ? 9.979   11.300  3.409   1   26.69 ? 64  ALA   A O   1 
ATOM   342  C  CB  . ALA   A 1 46  ? 9.567   9.267   1.097   1   22.88 ? 64  ALA   A CB  1 
ATOM   343  N  N   . ARG   A 1 47  ? 10.576  12.412  1.543   1   27.54 ? 65  ARG   A N   1 
ATOM   344  C  CA  . ARG   A 1 47  ? 11.516  13.290  2.235   1   28.99 ? 65  ARG   A CA  1 
ATOM   345  C  C   . ARG   A 1 47  ? 11.015  14.757  2.284   1   29.28 ? 65  ARG   A C   1 
ATOM   346  O  O   . ARG   A 1 47  ? 11.820  15.669  2.455   1   30.51 ? 65  ARG   A O   1 
ATOM   347  C  CB  . ARG   A 1 47  ? 12.875  13.230  1.529   1   31.49 ? 65  ARG   A CB  1 
ATOM   348  N  N   . GLY   A 1 48  ? 9.706   14.971  2.128   1   27.59 ? 66  GLY   A N   1 
ATOM   349  C  CA  . GLY   A 1 48  ? 9.146   16.312  2.162   1   26.67 ? 66  GLY   A CA  1 
ATOM   350  C  C   . GLY   A 1 48  ? 8.861   16.912  0.803   1   25    ? 66  GLY   A C   1 
ATOM   351  O  O   . GLY   A 1 48  ? 9.208   16.337  -0.232  1   24.71 ? 66  GLY   A O   1 
ATOM   352  N  N   . GLU   A 1 49  ? 8.196   18.060  0.793   1   24.4  ? 67  GLU   A N   1 
ATOM   353  C  CA  . GLU   A 1 49  ? 7.784   18.706  -0.440  1   25.43 ? 67  GLU   A CA  1 
ATOM   354  C  C   . GLU   A 1 49  ? 8.939   19.134  -1.377  1   25.45 ? 67  GLU   A C   1 
ATOM   355  O  O   . GLU   A 1 49  ? 8.801   18.993  -2.588  1   25.74 ? 67  GLU   A O   1 
ATOM   356  C  CB  . GLU   A 1 49  ? 6.875   19.912  -0.125  1   29.12 ? 67  GLU   A CB  1 
ATOM   357  C  CG  . GLU   A 1 49  ? 5.447   19.667  -0.551  1   35.79 ? 67  GLU   A CG  1 
ATOM   358  C  CD  . GLU   A 1 49  ? 4.573   20.899  -0.499  1   43.09 ? 67  GLU   A CD  1 
ATOM   359  O  OE1 . GLU   A 1 49  ? 4.829   21.777  0.359   1   44.79 ? 67  GLU   A OE1 1 
ATOM   360  O  OE2 . GLU   A 1 49  ? 3.629   20.986  -1.314  1   45.44 ? 67  GLU   A OE2 1 
ATOM   361  N  N   . GLU   A 1 50  ? 10.046  19.629  -0.832  1   25.34 ? 68  GLU   A N   1 
ATOM   362  C  CA  . GLU   A 1 50  ? 11.174  20.081  -1.652  1   26.5  ? 68  GLU   A CA  1 
ATOM   363  C  C   . GLU   A 1 50  ? 11.720  19.001  -2.609  1   25.81 ? 68  GLU   A C   1 
ATOM   364  O  O   . GLU   A 1 50  ? 11.798  19.263  -3.815  1   26.1  ? 68  GLU   A O   1 
ATOM   365  C  CB  . GLU   A 1 50  ? 12.303  20.644  -0.783  1   30.26 ? 68  GLU   A CB  1 
ATOM   366  N  N   . ALA   A 1 51  ? 12.030  17.774  -2.102  1   24.32 ? 69  ALA   A N   1 
ATOM   367  C  CA  . ALA   A 1 51  ? 12.515  16.712  -2.988  1   23.16 ? 69  ALA   A CA  1 
ATOM   368  C  C   . ALA   A 1 51  ? 11.416  16.099  -3.870  1   21.92 ? 69  ALA   A C   1 
ATOM   369  O  O   . ALA   A 1 51  ? 11.736  15.395  -4.825  1   22.32 ? 69  ALA   A O   1 
ATOM   370  C  CB  . ALA   A 1 51  ? 13.204  15.606  -2.186  1   22.92 ? 69  ALA   A CB  1 
ATOM   371  N  N   . ALA   A 1 52  ? 10.131  16.308  -3.530  1   19.53 ? 70  ALA   A N   1 
ATOM   372  C  CA  . ALA   A 1 52  ? 9.051   15.674  -4.276  1   18.2  ? 70  ALA   A CA  1 
ATOM   373  C  C   . ALA   A 1 52  ? 8.826   16.220  -5.666  1   17.59 ? 70  ALA   A C   1 
ATOM   374  O  O   . ALA   A 1 52  ? 9.181   17.373  -5.958  1   16.88 ? 70  ALA   A O   1 
ATOM   375  C  CB  . ALA   A 1 52  ? 7.746   15.744  -3.458  1   18.62 ? 70  ALA   A CB  1 
ATOM   376  N  N   . GLY   A 1 53  ? 8.255   15.393  -6.541  1   17.72 ? 71  GLY   A N   1 
ATOM   377  C  CA  . GLY   A 1 53  ? 7.790   15.878  -7.826  1   18.87 ? 71  GLY   A CA  1 
ATOM   378  C  C   . GLY   A 1 53  ? 6.516   16.704  -7.587  1   20.85 ? 71  GLY   A C   1 
ATOM   379  O  O   . GLY   A 1 53  ? 6.034   16.830  -6.444  1   22.16 ? 71  GLY   A O   1 
ATOM   380  N  N   . GLY   A 1 54  ? 5.942   17.240  -8.648  1   20.21 ? 72  GLY   A N   1 
ATOM   381  C  CA  . GLY   A 1 54  ? 4.729   18.036  -8.535  1   21.09 ? 72  GLY   A CA  1 
ATOM   382  C  C   . GLY   A 1 54  ? 3.562   17.184  -8.074  1   19.96 ? 72  GLY   A C   1 
ATOM   383  O  O   . GLY   A 1 54  ? 3.503   15.973  -8.379  1   19.51 ? 72  GLY   A O   1 
ATOM   384  N  N   . ASP   A 1 55  ? 2.589   17.810  -7.376  1   18.82 ? 73  ASP   A N   1 
ATOM   385  C  CA  . ASP   A 1 55  ? 1.428   17.036  -6.910  1   16.89 ? 73  ASP   A CA  1 
ATOM   386  C  C   . ASP   A 1 55  ? 0.661   16.366  -8.050  1   15.79 ? 73  ASP   A C   1 
ATOM   387  O  O   . ASP   A 1 55  ? 0.292   15.191  -7.934  1   14.42 ? 73  ASP   A O   1 
ATOM   388  C  CB  . ASP   A 1 55  ? 0.481   17.912  -6.110  1   19.27 ? 73  ASP   A CB  1 
ATOM   389  C  CG  . ASP   A 1 55  ? 1.102   18.428  -4.831  1   25.43 ? 73  ASP   A CG  1 
ATOM   390  O  OD1 . ASP   A 1 55  ? 1.925   17.712  -4.245  1   24.14 ? 73  ASP   A OD1 1 
ATOM   391  O  OD2 . ASP   A 1 55  ? 0.769   19.551  -4.426  1   31.6  ? 73  ASP   A OD2 1 
ATOM   392  N  N   . ARG   A 1 56  ? 0.469   17.098  -9.185  1   16.17 ? 74  ARG   A N   1 
ATOM   393  C  CA  . ARG   A 1 56  ? -0.305  16.536  -10.275 1   17.12 ? 74  ARG   A CA  1 
ATOM   394  C  C   . ARG   A 1 56  ? 0.430   15.342  -10.883 1   17.78 ? 74  ARG   A C   1 
ATOM   395  O  O   . ARG   A 1 56  ? -0.203  14.358  -11.222 1   18.56 ? 74  ARG   A O   1 
ATOM   396  C  CB  . ARG   A 1 56  ? -0.553  17.620  -11.344 1   19.67 ? 74  ARG   A CB  1 
ATOM   397  C  CG  . ARG   A 1 56  ? -1.449  17.178  -12.484 1   24.5  ? 74  ARG   A CG  1 
ATOM   398  C  CD  . ARG   A 1 56  ? -2.830  16.752  -12.034 1   28.51 ? 74  ARG   A CD  1 
ATOM   399  N  NE  . ARG   A 1 56  ? -3.669  16.384  -13.170 1   32.09 ? 74  ARG   A NE  1 
ATOM   400  C  CZ  . ARG   A 1 56  ? -4.919  15.941  -13.072 1   35.55 ? 74  ARG   A CZ  1 
ATOM   401  N  NH1 . ARG   A 1 56  ? -5.487  15.785  -11.877 1   31.86 ? 74  ARG   A NH1 1 
ATOM   402  N  NH2 . ARG   A 1 56  ? -5.607  15.625  -14.166 1   36.93 ? 74  ARG   A NH2 1 
ATOM   403  N  N   . LEU   A 1 57  ? 1.760   15.433  -11.009 1   17.58 ? 75  LEU   A N   1 
ATOM   404  C  CA  . LEU   A 1 57  ? 2.551   14.324  -11.553 1   17.97 ? 75  LEU   A CA  1 
ATOM   405  C  C   . LEU   A 1 57  ? 2.456   13.118  -10.617 1   16.78 ? 75  LEU   A C   1 
ATOM   406  O  O   . LEU   A 1 57  ? 2.284   12.003  -11.091 1   16.84 ? 75  LEU   A O   1 
ATOM   407  C  CB  . LEU   A 1 57  ? 4.017   14.776  -11.694 1   19.7  ? 75  LEU   A CB  1 
ATOM   408  C  CG  . LEU   A 1 57  ? 5.036   13.731  -12.133 1   24.6  ? 75  LEU   A CG  1 
ATOM   409  C  CD1 . LEU   A 1 57  ? 4.706   13.211  -13.530 1   25.94 ? 75  LEU   A CD1 1 
ATOM   410  C  CD2 . LEU   A 1 57  ? 6.410   14.369  -12.200 1   25.93 ? 75  LEU   A CD2 1 
ATOM   411  N  N   . ILE   A 1 58  ? 2.565   13.326  -9.290  1   14.97 ? 76  ILE   A N   1 
ATOM   412  C  CA  . ILE   A 1 58  ? 2.449   12.215  -8.329  1   14.5  ? 76  ILE   A CA  1 
ATOM   413  C  C   . ILE   A 1 58  ? 1.074   11.564  -8.433  1   14.64 ? 76  ILE   A C   1 
ATOM   414  O  O   . ILE   A 1 58  ? 0.984   10.324  -8.481  1   15.24 ? 76  ILE   A O   1 
ATOM   415  C  CB  . ILE   A 1 58  ? 2.696   12.726  -6.885  1   15.23 ? 76  ILE   A CB  1 
ATOM   416  C  CG1 . ILE   A 1 58  ? 4.139   13.242  -6.740  1   15.66 ? 76  ILE   A CG1 1 
ATOM   417  C  CG2 . ILE   A 1 58  ? 2.348   11.617  -5.835  1   15.36 ? 76  ILE   A CG2 1 
ATOM   418  C  CD1 . ILE   A 1 58  ? 4.537   13.737  -5.331  1   16.68 ? 76  ILE   A CD1 1 
ATOM   419  N  N   . HIS   A 1 59  ? -0.001  12.392  -8.516  1   13.5  ? 77  HIS   A N   1 
ATOM   420  C  CA  . HIS   A 1 59  ? -1.354  11.841  -8.666  1   13.37 ? 77  HIS   A CA  1 
ATOM   421  C  C   . HIS   A 1 59  ? -1.446  11.019  -9.995  1   14.7  ? 77  HIS   A C   1 
ATOM   422  O  O   . HIS   A 1 59  ? -1.901  9.871   -9.974  1   16.33 ? 77  HIS   A O   1 
ATOM   423  C  CB  . HIS   A 1 59  ? -2.421  12.967  -8.612  1   14.29 ? 77  HIS   A CB  1 
ATOM   424  C  CG  . HIS   A 1 59  ? -3.820  12.486  -8.887  1   16.43 ? 77  HIS   A CG  1 
ATOM   425  N  ND1 . HIS   A 1 59  ? -4.298  12.350  -10.186 1   18.53 ? 77  HIS   A ND1 1 
ATOM   426  C  CD2 . HIS   A 1 59  ? -4.768  12.028  -8.022  1   18.12 ? 77  HIS   A CD2 1 
ATOM   427  C  CE1 . HIS   A 1 59  ? -5.529  11.853  -10.072 1   19.75 ? 77  HIS   A CE1 1 
ATOM   428  N  NE2 . HIS   A 1 59  ? -5.842  11.612  -8.794  1   19.65 ? 77  HIS   A NE2 1 
ATOM   429  N  N   . GLU   A 1 60  ? -1.030  11.638  -11.142 1   15.25 ? 78  GLU   A N   1 
ATOM   430  C  CA  . GLU   A 1 60  ? -1.157  10.973  -12.451 1   16.04 ? 78  GLU   A CA  1 
ATOM   431  C  C   . GLU   A 1 60  ? -0.321  9.705   -12.541 1   16.39 ? 78  GLU   A C   1 
ATOM   432  O  O   . GLU   A 1 60  ? -0.800  8.718   -13.087 1   17.21 ? 78  GLU   A O   1 
ATOM   433  C  CB  . GLU   A 1 60  ? -0.864  11.944  -13.621 1   18    ? 78  GLU   A CB  1 
ATOM   434  C  CG  . GLU   A 1 60  ? -1.866  13.102  -13.689 1   22.86 ? 78  GLU   A CG  1 
ATOM   435  C  CD  . GLU   A 1 60  ? -3.290  12.634  -13.896 1   29.5  ? 78  GLU   A CD  1 
ATOM   436  O  OE1 . GLU   A 1 60  ? -4.065  12.607  -12.912 1   29.44 ? 78  GLU   A OE1 1 
ATOM   437  O  OE2 . GLU   A 1 60  ? -3.626  12.250  -15.038 1   34.46 ? 78  GLU   A OE2 1 
ATOM   438  N  N   . GLN   A 1 61  ? 0.908   9.732   -12.010 1   15.89 ? 79  GLN   A N   1 
ATOM   439  C  CA  . GLN   A 1 61  ? 1.780   8.549   -12.022 1   16.57 ? 79  GLN   A CA  1 
ATOM   440  C  C   . GLN   A 1 61  ? 1.148   7.430   -11.213 1   17.32 ? 79  GLN   A C   1 
ATOM   441  O  O   . GLN   A 1 61  ? 1.089   6.295   -11.673 1   18.85 ? 79  GLN   A O   1 
ATOM   442  C  CB  . GLN   A 1 61  ? 3.157   8.859   -11.451 1   18.86 ? 79  GLN   A CB  1 
ATOM   443  C  CG  . GLN   A 1 61  ? 4.107   7.636   -11.537 1   23.13 ? 79  GLN   A CG  1 
ATOM   444  C  CD  . GLN   A 1 61  ? 4.367   7.188   -12.964 1   25.95 ? 79  GLN   A CD  1 
ATOM   445  O  OE1 . GLN   A 1 61  ? 5.276   7.694   -13.609 1   30.04 ? 79  GLN   A OE1 1 
ATOM   446  N  NE2 . GLN   A 1 61  ? 3.559   6.246   -13.509 1   24.44 ? 79  GLN   A NE2 1 
ATOM   447  N  N   . ASP   A 1 62  ? 0.628   7.769   -10.039 1   16.49 ? 80  ASP   A N   1 
ATOM   448  C  CA  . ASP   A 1 62  ? -0.034  6.773   -9.185  1   16.15 ? 80  ASP   A CA  1 
ATOM   449  C  C   . ASP   A 1 62  ? -1.280  6.223   -9.823  1   16.34 ? 80  ASP   A C   1 
ATOM   450  O  O   . ASP   A 1 62  ? -1.490  5.032   -9.724  1   15.58 ? 80  ASP   A O   1 
ATOM   451  C  CB  . ASP   A 1 62  ? -0.312  7.359   -7.822  1   16.8  ? 80  ASP   A CB  1 
ATOM   452  C  CG  . ASP   A 1 62  ? 0.945   7.305   -6.995  1   20.62 ? 80  ASP   A CG  1 
ATOM   453  O  OD1 . ASP   A 1 62  ? 1.186   6.250   -6.353  1   22.51 ? 80  ASP   A OD1 1 
ATOM   454  O  OD2 . ASP   A 1 62  ? 1.728   8.293   -7.031  1   20.57 ? 80  ASP   A OD2 1 
ATOM   455  N  N   . LEU   A 1 63  ? -2.095  7.053   -10.500 1   16.18 ? 81  LEU   A N   1 
ATOM   456  C  CA  . LEU   A 1 63  ? -3.310  6.535   -11.152 1   18.48 ? 81  LEU   A CA  1 
ATOM   457  C  C   . LEU   A 1 63  ? -2.960  5.627   -12.332 1   18.99 ? 81  LEU   A C   1 
ATOM   458  O  O   . LEU   A 1 63  ? -3.638  4.634   -12.558 1   19.78 ? 81  LEU   A O   1 
ATOM   459  C  CB  . LEU   A 1 63  ? -4.261  7.652   -11.595 1   19.84 ? 81  LEU   A CB  1 
ATOM   460  C  CG  . LEU   A 1 63  ? -5.440  7.931   -10.642 1   23.68 ? 81  LEU   A CG  1 
ATOM   461  C  CD1 . LEU   A 1 63  ? -6.393  6.753   -10.607 1   24.36 ? 81  LEU   A CD1 1 
ATOM   462  C  CD2 . LEU   A 1 63  ? -4.954  8.202   -9.215  1   25.12 ? 81  LEU   A CD2 1 
ATOM   463  N  N   . GLU   A 1 64  ? -1.873  5.927   -13.035 1   18.04 ? 82  GLU   A N   1 
ATOM   464  C  CA  . GLU   A 1 64  ? -1.415  5.104   -14.149 1   18.92 ? 82  GLU   A CA  1 
ATOM   465  C  C   . GLU   A 1 64  ? -0.978  3.747   -13.586 1   18.6  ? 82  GLU   A C   1 
ATOM   466  O  O   . GLU   A 1 64  ? -1.385  2.707   -14.121 1   19.44 ? 82  GLU   A O   1 
ATOM   467  C  CB  . GLU   A 1 64  ? -0.249  5.797   -14.870 1   22.06 ? 82  GLU   A CB  1 
ATOM   468  C  CG  . GLU   A 1 64  ? 0.526   4.936   -15.857 1   29.87 ? 82  GLU   A CG  1 
ATOM   469  C  CD  . GLU   A 1 64  ? -0.246  4.369   -17.036 1   41.25 ? 82  GLU   A CD  1 
ATOM   470  O  OE1 . GLU   A 1 64  ? -1.444  4.699   -17.199 1   44.27 ? 82  GLU   A OE1 1 
ATOM   471  O  OE2 . GLU   A 1 64  ? 0.358   3.579   -17.800 1   43.68 ? 82  GLU   A OE2 1 
ATOM   472  N  N   . TRP   A 1 65  ? -0.223  3.749   -12.471 1   17.58 ? 83  TRP   A N   1 
ATOM   473  C  CA  . TRP   A 1 65  ? 0.240   2.480   -11.882 1   17.97 ? 83  TRP   A CA  1 
ATOM   474  C  C   . TRP   A 1 65  ? -0.917  1.671   -11.316 1   18.26 ? 83  TRP   A C   1 
ATOM   475  O  O   . TRP   A 1 65  ? -0.973  0.442   -11.477 1   17.44 ? 83  TRP   A O   1 
ATOM   476  C  CB  . TRP   A 1 65  ? 1.238   2.726   -10.752 1   18.28 ? 83  TRP   A CB  1 
ATOM   477  C  CG  . TRP   A 1 65  ? 2.612   3.157   -11.170 1   18.45 ? 83  TRP   A CG  1 
ATOM   478  C  CD1 . TRP   A 1 65  ? 3.301   2.814   -12.307 1   19.14 ? 83  TRP   A CD1 1 
ATOM   479  C  CD2 . TRP   A 1 65  ? 3.483   3.983   -10.399 1   18.14 ? 83  TRP   A CD2 1 
ATOM   480  N  NE1 . TRP   A 1 65  ? 4.543   3.410   -12.294 1   19.99 ? 83  TRP   A NE1 1 
ATOM   481  C  CE2 . TRP   A 1 65  ? 4.700   4.086   -11.101 1   19.51 ? 83  TRP   A CE2 1 
ATOM   482  C  CE3 . TRP   A 1 65  ? 3.366   4.600   -9.146  1   17.78 ? 83  TRP   A CE3 1 
ATOM   483  C  CZ2 . TRP   A 1 65  ? 5.789   4.804   -10.599 1   19.48 ? 83  TRP   A CZ2 1 
ATOM   484  C  CZ3 . TRP   A 1 65  ? 4.434   5.324   -8.657  1   19.19 ? 83  TRP   A CZ3 1 
ATOM   485  C  CH2 . TRP   A 1 65  ? 5.635   5.400   -9.362  1   19.29 ? 83  TRP   A CH2 1 
ATOM   486  N  N   . LEU   A 1 66  ? -1.884  2.363   -10.675 1   17.59 ? 84  LEU   A N   1 
ATOM   487  C  CA  . LEU   A 1 66  ? -3.064  1.679   -10.121 1   19.22 ? 84  LEU   A CA  1 
ATOM   488  C  C   . LEU   A 1 66  ? -3.835  0.938   -11.241 1   18.91 ? 84  LEU   A C   1 
ATOM   489  O  O   . LEU   A 1 66  ? -4.133  -0.248  -11.102 1   19.4  ? 84  LEU   A O   1 
ATOM   490  C  CB  . LEU   A 1 66  ? -3.938  2.750   -9.476  1   20.81 ? 84  LEU   A CB  1 
ATOM   491  C  CG  . LEU   A 1 66  ? -4.846  2.405   -8.341  1   26.47 ? 84  LEU   A CG  1 
ATOM   492  C  CD1 . LEU   A 1 66  ? -4.128  1.615   -7.236  1   27.9  ? 84  LEU   A CD1 1 
ATOM   493  C  CD2 . LEU   A 1 66  ? -5.437  3.712   -7.768  1   27.42 ? 84  LEU   A CD2 1 
ATOM   494  N  N   . GLN   A 1 67  ? -4.005  1.583   -12.396 1   19.44 ? 85  GLN   A N   1 
ATOM   495  C  CA  . GLN   A 1 67  ? -4.671  0.957   -13.540 1   21.18 ? 85  GLN   A CA  1 
ATOM   496  C  C   . GLN   A 1 67  ? -3.888  -0.200  -14.161 1   23    ? 85  GLN   A C   1 
ATOM   497  O  O   . GLN   A 1 67  ? -4.513  -1.127  -14.672 1   24.86 ? 85  GLN   A O   1 
ATOM   498  C  CB  . GLN   A 1 67  ? -4.987  1.992   -14.617 1   22.13 ? 85  GLN   A CB  1 
ATOM   499  C  CG  . GLN   A 1 67  ? -6.186  2.811   -14.151 1   25.12 ? 85  GLN   A CG  1 
ATOM   500  C  CD  . GLN   A 1 67  ? -6.427  4.031   -14.976 1   30.2  ? 85  GLN   A CD  1 
ATOM   501  O  OE1 . GLN   A 1 67  ? -5.755  5.066   -14.820 1   31.81 ? 85  GLN   A OE1 1 
ATOM   502  N  NE2 . GLN   A 1 67  ? -7.423  3.941   -15.844 1   31.62 ? 85  GLN   A NE2 1 
ATOM   503  N  N   . GLN   A 1 68  ? -2.551  -0.186  -14.073 1   21.5  ? 86  GLN   A N   1 
ATOM   504  C  CA  . GLN   A 1 68  ? -1.746  -1.295  -14.605 1   21.84 ? 86  GLN   A CA  1 
ATOM   505  C  C   . GLN   A 1 68  ? -1.652  -2.471  -13.645 1   20.57 ? 86  GLN   A C   1 
ATOM   506  O  O   . GLN   A 1 68  ? -1.166  -3.530  -14.052 1   20.64 ? 86  GLN   A O   1 
ATOM   507  C  CB  . GLN   A 1 68  ? -0.300  -0.833  -14.889 1   25.01 ? 86  GLN   A CB  1 
ATOM   508  C  CG  . GLN   A 1 68  ? -0.185  0.351   -15.842 1   31.6  ? 86  GLN   A CG  1 
ATOM   509  C  CD  . GLN   A 1 68  ? 1.244   0.787   -16.032 1   41.47 ? 86  GLN   A CD  1 
ATOM   510  O  OE1 . GLN   A 1 68  ? 2.140   0.504   -15.215 1   43.99 ? 86  GLN   A OE1 1 
ATOM   511  N  NE2 . GLN   A 1 68  ? 1.504   1.489   -17.134 1   44.18 ? 86  GLN   A NE2 1 
ATOM   512  N  N   . ALA   A 1 69  ? -2.001  -2.276  -12.354 1   18.74 ? 87  ALA   A N   1 
ATOM   513  C  CA  . ALA   A 1 69  ? -1.792  -3.285  -11.339 1   19.88 ? 87  ALA   A CA  1 
ATOM   514  C  C   . ALA   A 1 69  ? -2.791  -4.430  -11.367 1   19.92 ? 87  ALA   A C   1 
ATOM   515  O  O   . ALA   A 1 69  ? -3.971  -4.239  -11.654 1   20.83 ? 87  ALA   A O   1 
ATOM   516  C  CB  . ALA   A 1 69  ? -1.813  -2.636  -9.958  1   20.53 ? 87  ALA   A CB  1 
ATOM   517  N  N   . ASP   A 1 70  ? -2.299  -5.613  -11.094 1   18.9  ? 88  ASP   A N   1 
ATOM   518  C  CA  . ASP   A 1 70  ? -3.110  -6.828  -10.919 1   19.44 ? 88  ASP   A CA  1 
ATOM   519  C  C   . ASP   A 1 70  ? -3.535  -6.935  -9.451  1   20.95 ? 88  ASP   A C   1 
ATOM   520  O  O   . ASP   A 1 70  ? -4.578  -7.507  -9.180  1   22.57 ? 88  ASP   A O   1 
ATOM   521  C  CB  . ASP   A 1 70  ? -2.257  -8.057  -11.254 1   19.47 ? 88  ASP   A CB  1 
ATOM   522  C  CG  . ASP   A 1 70  ? -1.948  -8.111  -12.731 1   22.16 ? 88  ASP   A CG  1 
ATOM   523  O  OD1 . ASP   A 1 70  ? -2.896  -8.059  -13.530 1   20.43 ? 88  ASP   A OD1 1 
ATOM   524  O  OD2 . ASP   A 1 70  ? -0.762  -8.173  -13.081 1   24.09 ? 88  ASP   A OD2 1 
ATOM   525  N  N   . VAL   A 1 71  ? -2.710  -6.448  -8.498  1   19.35 ? 89  VAL   A N   1 
ATOM   526  C  CA  . VAL   A 1 71  ? -3.068  -6.523  -7.070  1   18.22 ? 89  VAL   A CA  1 
ATOM   527  C  C   . VAL   A 1 71  ? -2.581  -5.250  -6.378  1   16.82 ? 89  VAL   A C   1 
ATOM   528  O  O   . VAL   A 1 71  ? -1.461  -4.774  -6.663  1   16.01 ? 89  VAL   A O   1 
ATOM   529  C  CB  . VAL   A 1 71  ? -2.450  -7.754  -6.362  1   19.58 ? 89  VAL   A CB  1 
ATOM   530  C  CG1 . VAL   A 1 71  ? -2.889  -7.824  -4.895  1   18.55 ? 89  VAL   A CG1 1 
ATOM   531  C  CG2 . VAL   A 1 71  ? -2.821  -9.059  -7.072  1   21.39 ? 89  VAL   A CG2 1 
ATOM   532  N  N   . VAL   A 1 72  ? -3.412  -4.715  -5.460  1   15.21 ? 90  VAL   A N   1 
ATOM   533  C  CA  . VAL   A 1 72  ? -3.088  -3.555  -4.659  1   16.16 ? 90  VAL   A CA  1 
ATOM   534  C  C   . VAL   A 1 72  ? -2.850  -4.029  -3.241  1   15.91 ? 90  VAL   A C   1 
ATOM   535  O  O   . VAL   A 1 72  ? -3.719  -4.689  -2.671  1   17.25 ? 90  VAL   A O   1 
ATOM   536  C  CB  . VAL   A 1 72  ? -4.225  -2.500  -4.710  1   17.25 ? 90  VAL   A CB  1 
ATOM   537  C  CG1 . VAL   A 1 72  ? -3.942  -1.364  -3.730  1   17.89 ? 90  VAL   A CG1 1 
ATOM   538  C  CG2 . VAL   A 1 72  ? -4.404  -1.964  -6.144  1   17.03 ? 90  VAL   A CG2 1 
ATOM   539  N  N   . VAL   A 1 73  ? -1.685  -3.702  -2.656  1   13.37 ? 91  VAL   A N   1 
ATOM   540  C  CA  . VAL   A 1 73  ? -1.394  -4.069  -1.282  1   12.89 ? 91  VAL   A CA  1 
ATOM   541  C  C   . VAL   A 1 73  ? -1.203  -2.757  -0.555  1   14.03 ? 91  VAL   A C   1 
ATOM   542  O  O   . VAL   A 1 73  ? -0.381  -1.944  -0.990  1   14.26 ? 91  VAL   A O   1 
ATOM   543  C  CB  . VAL   A 1 73  ? -0.138  -4.924  -1.184  1   13.29 ? 91  VAL   A CB  1 
ATOM   544  C  CG1 . VAL   A 1 73  ? 0.252   -5.182  0.270   1   13.47 ? 91  VAL   A CG1 1 
ATOM   545  C  CG2 . VAL   A 1 73  ? -0.284  -6.248  -1.980  1   13.31 ? 91  VAL   A CG2 1 
ATOM   546  N  N   . ALA   A 1 74  ? -2.003  -2.505  0.525   1   14    ? 92  ALA   A N   1 
ATOM   547  C  CA  . ALA   A 1 74  ? -1.928  -1.237  1.257   1   14.38 ? 92  ALA   A CA  1 
ATOM   548  C  C   . ALA   A 1 74  ? -1.619  -1.491  2.708   1   13.84 ? 92  ALA   A C   1 
ATOM   549  O  O   . ALA   A 1 74  ? -2.250  -2.356  3.295   1   15.28 ? 92  ALA   A O   1 
ATOM   550  C  CB  . ALA   A 1 74  ? -3.255  -0.493  1.165   1   14.98 ? 92  ALA   A CB  1 
ATOM   551  N  N   . GLU   A 1 75  ? -0.690  -0.750  3.297   1   12.1  ? 93  GLU   A N   1 
ATOM   552  C  CA  . GLU   A 1 75  ? -0.437  -0.865  4.736   1   11.9  ? 93  GLU   A CA  1 
ATOM   553  C  C   . GLU   A 1 75  ? -1.238  0.320   5.309   1   13.31 ? 93  GLU   A C   1 
ATOM   554  O  O   . GLU   A 1 75  ? -0.961  1.498   4.968   1   14.7  ? 93  GLU   A O   1 
ATOM   555  C  CB  . GLU   A 1 75  ? 1.058   -0.797  5.031   1   13.08 ? 93  GLU   A CB  1 
ATOM   556  C  CG  . GLU   A 1 75  ? 1.441   -1.629  6.239   1   14.36 ? 93  GLU   A CG  1 
ATOM   557  C  CD  . GLU   A 1 75  ? 0.974   -1.038  7.551   1   15.91 ? 93  GLU   A CD  1 
ATOM   558  O  OE1 . GLU   A 1 75  ? 1.003   -1.762  8.569   1   14.23 ? 93  GLU   A OE1 1 
ATOM   559  O  OE2 . GLU   A 1 75  ? 0.535   0.133   7.559   1   15.44 ? 93  GLU   A OE2 1 
ATOM   560  N  N   . VAL   A 1 76  ? -2.326  0.004   6.039   1   12.8  ? 94  VAL   A N   1 
ATOM   561  C  CA  . VAL   A 1 76  ? -3.293  1.008   6.503   1   12.64 ? 94  VAL   A CA  1 
ATOM   562  C  C   . VAL   A 1 76  ? -3.192  1.329   7.989   1   12.26 ? 94  VAL   A C   1 
ATOM   563  O  O   . VAL   A 1 76  ? -4.174  1.800   8.560   1   13.6  ? 94  VAL   A O   1 
ATOM   564  C  CB  . VAL   A 1 76  ? -4.701  0.554   6.116   1   13.59 ? 94  VAL   A CB  1 
ATOM   565  C  CG1 . VAL   A 1 76  ? -4.805  0.476   4.588   1   14.45 ? 94  VAL   A CG1 1 
ATOM   566  C  CG2 . VAL   A 1 76  ? -5.009  -0.823  6.744   1   12.36 ? 94  VAL   A CG2 1 
ATOM   567  N  N   . THR   A 1 77  ? -2.020  1.102   8.610   1   11.56 ? 95  THR   A N   1 
ATOM   568  C  CA  . THR   A 1 77  ? -1.909  1.362   10.038  1   13.11 ? 95  THR   A CA  1 
ATOM   569  C  C   . THR   A 1 77  ? -1.897  2.857   10.299  1   13.19 ? 95  THR   A C   1 
ATOM   570  O  O   . THR   A 1 77  ? -2.596  3.298   11.202  1   13.43 ? 95  THR   A O   1 
ATOM   571  C  CB  . THR   A 1 77  ? -0.703  0.652   10.648  1   14.27 ? 95  THR   A CB  1 
ATOM   572  O  OG1 . THR   A 1 77  ? -0.762  -0.744  10.340  1   13.87 ? 95  THR   A OG1 1 
ATOM   573  C  CG2 . THR   A 1 77  ? -0.611  0.841   12.141  1   15.04 ? 95  THR   A CG2 1 
ATOM   574  N  N   . GLN   A 1 78  ? -1.179  3.654   9.460   1   13.08 ? 96  GLN   A N   1 
ATOM   575  C  CA  . GLN   A 1 78  ? -1.167  5.105   9.704   1   14.54 ? 96  GLN   A CA  1 
ATOM   576  C  C   . GLN   A 1 78  ? -2.280  5.803   8.902   1   15.61 ? 96  GLN   A C   1 
ATOM   577  O  O   . GLN   A 1 78  ? -2.337  5.632   7.686   1   14.77 ? 96  GLN   A O   1 
ATOM   578  C  CB  . GLN   A 1 78  ? 0.205   5.647   9.300   1   17.97 ? 96  GLN   A CB  1 
ATOM   579  C  CG  . GLN   A 1 78  ? 0.316   7.157   9.352   1   25.38 ? 96  GLN   A CG  1 
ATOM   580  C  CD  . GLN   A 1 78  ? 0.351   7.670   10.759  1   32.81 ? 96  GLN   A CD  1 
ATOM   581  O  OE1 . GLN   A 1 78  ? 0.921   7.040   11.666  1   34.54 ? 96  GLN   A OE1 1 
ATOM   582  N  NE2 . GLN   A 1 78  ? -0.290  8.825   10.965  1   34.39 ? 96  GLN   A NE2 1 
ATOM   583  N  N   . PRO   A 1 79  ? -3.139  6.630   9.559   1   15.5  ? 97  PRO   A N   1 
ATOM   584  C  CA  . PRO   A 1 79  ? -4.180  7.371   8.812   1   15.06 ? 97  PRO   A CA  1 
ATOM   585  C  C   . PRO   A 1 79  ? -3.541  8.214   7.692   1   14.58 ? 97  PRO   A C   1 
ATOM   586  O  O   . PRO   A 1 79  ? -2.534  8.872   7.923   1   15.61 ? 97  PRO   A O   1 
ATOM   587  C  CB  . PRO   A 1 79  ? -4.781  8.305   9.876   1   15.81 ? 97  PRO   A CB  1 
ATOM   588  C  CG  . PRO   A 1 79  ? -4.633  7.482   11.192  1   17.35 ? 97  PRO   A CG  1 
ATOM   589  C  CD  . PRO   A 1 79  ? -3.223  6.881   11.013  1   16.36 ? 97  PRO   A CD  1 
ATOM   590  N  N   . SER   A 1 80  ? -4.084  8.112   6.474   1   13.2  ? 98  SER   A N   1 
ATOM   591  C  CA  . SER   A 1 80  ? -3.526  8.815   5.328   1   13.91 ? 98  SER   A CA  1 
ATOM   592  C  C   . SER   A 1 80  ? -4.633  9.096   4.315   1   13.96 ? 98  SER   A C   1 
ATOM   593  O  O   . SER   A 1 80  ? -5.291  8.143   3.864   1   15.01 ? 98  SER   A O   1 
ATOM   594  C  CB  . SER   A 1 80  ? -2.444  7.968   4.663   1   15.37 ? 98  SER   A CB  1 
ATOM   595  O  OG  . SER   A 1 80  ? -2.199  8.389   3.316   1   14.68 ? 98  SER   A OG  1 
ATOM   596  N  N   . LEU   A 1 81  ? -4.746  10.377  3.867   1   13.23 ? 99  LEU   A N   1 
ATOM   597  C  CA  . LEU   A 1 81  ? -5.705  10.684  2.821   1   13.2  ? 99  LEU   A CA  1 
ATOM   598  C  C   . LEU   A 1 81  ? -5.263  10.017  1.519   1   12.94 ? 99  LEU   A C   1 
ATOM   599  O  O   . LEU   A 1 81  ? -6.102  9.532   0.793   1   12.99 ? 99  LEU   A O   1 
ATOM   600  C  CB  . LEU   A 1 81  ? -5.760  12.196  2.559   1   13.1  ? 99  LEU   A CB  1 
ATOM   601  C  CG  . LEU   A 1 81  ? -6.378  13.052  3.623   1   13.69 ? 99  LEU   A CG  1 
ATOM   602  C  CD1 . LEU   A 1 81  ? -5.987  14.508  3.394   1   13.73 ? 99  LEU   A CD1 1 
ATOM   603  C  CD2 . LEU   A 1 81  ? -7.869  12.869  3.670   1   13.72 ? 99  LEU   A CD2 1 
ATOM   604  N  N   . GLY   A 1 82  ? -3.948  10.025  1.240   1   11.11 ? 100 GLY   A N   1 
ATOM   605  C  CA  . GLY   A 1 82  ? -3.396  9.459   0.005   1   11.47 ? 100 GLY   A CA  1 
ATOM   606  C  C   . GLY   A 1 82  ? -3.674  7.976   -0.117  1   11.71 ? 100 GLY   A C   1 
ATOM   607  O  O   . GLY   A 1 82  ? -4.092  7.500   -1.176  1   12.92 ? 100 GLY   A O   1 
ATOM   608  N  N   . VAL   A 1 83  ? -3.427  7.224   0.946   1   11.53 ? 101 VAL   A N   1 
ATOM   609  C  CA  . VAL   A 1 83  ? -3.663  5.772   0.940   1   12.25 ? 101 VAL   A CA  1 
ATOM   610  C  C   . VAL   A 1 83  ? -5.172  5.516   0.808   1   12.29 ? 101 VAL   A C   1 
ATOM   611  O  O   . VAL   A 1 83  ? -5.578  4.708   -0.029  1   13.69 ? 101 VAL   A O   1 
ATOM   612  C  CB  . VAL   A 1 83  ? -3.100  5.076   2.200   1   12.9  ? 101 VAL   A CB  1 
ATOM   613  C  CG1 . VAL   A 1 83  ? -3.466  3.561   2.265   1   13.02 ? 101 VAL   A CG1 1 
ATOM   614  C  CG2 . VAL   A 1 83  ? -1.596  5.235   2.273   1   12.61 ? 101 VAL   A CG2 1 
ATOM   615  N  N   . GLY   A 1 84  ? -5.999  6.265   1.550   1   12.36 ? 102 GLY   A N   1 
ATOM   616  C  CA  . GLY   A 1 84  ? -7.439  6.113   1.446   1   11.92 ? 102 GLY   A CA  1 
ATOM   617  C  C   . GLY   A 1 84  ? -7.915  6.371   0.020   1   12.74 ? 102 GLY   A C   1 
ATOM   618  O  O   . GLY   A 1 84  ? -8.650  5.553   -0.542  1   13.16 ? 102 GLY   A O   1 
ATOM   619  N  N   . TYR   A 1 85  ? -7.433  7.463   -0.585  1   12.8  ? 103 TYR   A N   1 
ATOM   620  C  CA  . TYR   A 1 85  ? -7.815  7.888   -1.942  1   13.63 ? 103 TYR   A CA  1 
ATOM   621  C  C   . TYR   A 1 85  ? -7.415  6.800   -2.944  1   15.29 ? 103 TYR   A C   1 
ATOM   622  O  O   . TYR   A 1 85  ? -8.222  6.398   -3.803  1   15.56 ? 103 TYR   A O   1 
ATOM   623  C  CB  . TYR   A 1 85  ? -7.131  9.214   -2.284  1   14.3  ? 103 TYR   A CB  1 
ATOM   624  C  CG  . TYR   A 1 85  ? -7.432  9.662   -3.693  1   16.24 ? 103 TYR   A CG  1 
ATOM   625  C  CD1 . TYR   A 1 85  ? -8.619  10.309  -3.998  1   17.77 ? 103 TYR   A CD1 1 
ATOM   626  C  CD2 . TYR   A 1 85  ? -6.538  9.419   -4.725  1   17.69 ? 103 TYR   A CD2 1 
ATOM   627  C  CE1 . TYR   A 1 85  ? -8.894  10.739  -5.293  1   18.57 ? 103 TYR   A CE1 1 
ATOM   628  C  CE2 . TYR   A 1 85  ? -6.802  9.841   -6.019  1   18.55 ? 103 TYR   A CE2 1 
ATOM   629  C  CZ  . TYR   A 1 85  ? -8.002  10.454  -6.313  1   19.72 ? 103 TYR   A CZ  1 
ATOM   630  O  OH  . TYR   A 1 85  ? -8.233  10.922  -7.602  1   21.67 ? 103 TYR   A OH  1 
ATOM   631  N  N   . GLU   A 1 86  ? -6.147  6.322   -2.848  1   14.67 ? 104 GLU   A N   1 
ATOM   632  C  CA  . GLU   A 1 86  ? -5.682  5.214   -3.673  1   14.83 ? 104 GLU   A CA  1 
ATOM   633  C  C   . GLU   A 1 86  ? -6.609  3.973   -3.524  1   16.11 ? 104 GLU   A C   1 
ATOM   634  O  O   . GLU   A 1 86  ? -6.948  3.345   -4.524  1   17.14 ? 104 GLU   A O   1 
ATOM   635  C  CB  . GLU   A 1 86  ? -4.219  4.865   -3.309  1   14.64 ? 104 GLU   A CB  1 
ATOM   636  C  CG  . GLU   A 1 86  ? -3.337  5.985   -3.825  1   16.17 ? 104 GLU   A CG  1 
ATOM   637  C  CD  . GLU   A 1 86  ? -1.911  6.009   -3.336  1   19.7  ? 104 GLU   A CD  1 
ATOM   638  O  OE1 . GLU   A 1 86  ? -1.144  6.841   -3.865  1   19.52 ? 104 GLU   A OE1 1 
ATOM   639  O  OE2 . GLU   A 1 86  ? -1.559  5.231   -2.422  1   18.84 ? 104 GLU   A OE2 1 
ATOM   640  N  N   . LEU   A 1 87  ? -7.041  3.654   -2.289  1   14.84 ? 105 LEU   A N   1 
ATOM   641  C  CA  . LEU   A 1 87  ? -7.946  2.536   -2.073  1   15.39 ? 105 LEU   A CA  1 
ATOM   642  C  C   . LEU   A 1 87  ? -9.326  2.768   -2.679  1   15.96 ? 105 LEU   A C   1 
ATOM   643  O  O   . LEU   A 1 87  ? -9.899  1.837   -3.231  1   16.22 ? 105 LEU   A O   1 
ATOM   644  C  CB  . LEU   A 1 87  ? -8.072  2.149   -0.595  1   14.88 ? 105 LEU   A CB  1 
ATOM   645  C  CG  . LEU   A 1 87  ? -6.839  1.468   -0.055  1   15.67 ? 105 LEU   A CG  1 
ATOM   646  C  CD1 . LEU   A 1 87  ? -6.823  1.453   1.488   1   17.23 ? 105 LEU   A CD1 1 
ATOM   647  C  CD2 . LEU   A 1 87  ? -6.590  0.086   -0.745  1   15.73 ? 105 LEU   A CD2 1 
ATOM   648  N  N   . GLY   A 1 88  ? -9.828  4.005   -2.615  1   16.36 ? 106 GLY   A N   1 
ATOM   649  C  CA  . GLY   A 1 88  ? -11.114 4.352   -3.199  1   17.11 ? 106 GLY   A CA  1 
ATOM   650  C  C   . GLY   A 1 88  ? -11.089 4.183   -4.703  1   17.59 ? 106 GLY   A C   1 
ATOM   651  O  O   . GLY   A 1 88  ? -11.903 3.446   -5.276  1   17.9  ? 106 GLY   A O   1 
ATOM   652  N  N   . ARG   A 1 89  ? -10.051 4.745   -5.336  1   17.03 ? 107 ARG   A N   1 
ATOM   653  C  CA  . ARG   A 1 89  ? -9.892  4.628   -6.776  1   17.31 ? 107 ARG   A CA  1 
ATOM   654  C  C   . ARG   A 1 89  ? -9.723  3.148   -7.178  1   18.36 ? 107 ARG   A C   1 
ATOM   655  O  O   . ARG   A 1 89  ? -10.314 2.707   -8.151  1   19.09 ? 107 ARG   A O   1 
ATOM   656  C  CB  . ARG   A 1 89  ? -8.690  5.463   -7.264  1   16.67 ? 107 ARG   A CB  1 
ATOM   657  C  CG  . ARG   A 1 89  ? -8.829  6.975   -7.110  1   19.96 ? 107 ARG   A CG  1 
ATOM   658  C  CD  . ARG   A 1 89  ? -10.106 7.530   -7.749  1   21.67 ? 107 ARG   A CD  1 
ATOM   659  N  NE  . ARG   A 1 89  ? -10.146 7.339   -9.203  1   22.27 ? 107 ARG   A NE  1 
ATOM   660  C  CZ  . ARG   A 1 89  ? -9.555  8.145   -10.078 1   25    ? 107 ARG   A CZ  1 
ATOM   661  N  NH1 . ARG   A 1 89  ? -9.658  7.907   -11.384 1   26.64 ? 107 ARG   A NH1 1 
ATOM   662  N  NH2 . ARG   A 1 89  ? -8.845  9.191   -9.658  1   23.01 ? 107 ARG   A NH2 1 
ATOM   663  N  N   . ALA   A 1 90  ? -8.980  2.368   -6.375  1   18.3  ? 108 ALA   A N   1 
ATOM   664  C  CA  . ALA   A 1 90  ? -8.723  0.963   -6.658  1   18.93 ? 108 ALA   A CA  1 
ATOM   665  C  C   . ALA   A 1 90  ? -10.024 0.152   -6.601  1   20.59 ? 108 ALA   A C   1 
ATOM   666  O  O   . ALA   A 1 90  ? -10.239 -0.705  -7.456  1   20.01 ? 108 ALA   A O   1 
ATOM   667  C  CB  . ALA   A 1 90  ? -7.722  0.406   -5.660  1   17.72 ? 108 ALA   A CB  1 
ATOM   668  N  N   . VAL   A 1 91  ? -10.889 0.414   -5.582  1   20.88 ? 109 VAL   A N   1 
ATOM   669  C  CA  . VAL   A 1 91  ? -12.192 -0.285  -5.478  1   22.35 ? 109 VAL   A CA  1 
ATOM   670  C  C   . VAL   A 1 91  ? -13.035 -0.020  -6.748  1   24.09 ? 109 VAL   A C   1 
ATOM   671  O  O   . VAL   A 1 91  ? -13.628 -0.953  -7.302  1   24.56 ? 109 VAL   A O   1 
ATOM   672  C  CB  . VAL   A 1 91  ? -12.998 0.138   -4.217  1   22.22 ? 109 VAL   A CB  1 
ATOM   673  C  CG1 . VAL   A 1 91  ? -14.449 -0.345  -4.309  1   23.25 ? 109 VAL   A CG1 1 
ATOM   674  C  CG2 . VAL   A 1 91  ? -12.349 -0.393  -2.954  1   23.21 ? 109 VAL   A CG2 1 
ATOM   675  N  N   . ALA   A 1 92  ? -13.104 1.235   -7.170  1   25.48 ? 110 ALA   A N   1 
ATOM   676  C  CA  . ALA   A 1 92  ? -13.878 1.602   -8.342  1   27.01 ? 110 ALA   A CA  1 
ATOM   677  C  C   . ALA   A 1 92  ? -13.289 1.033   -9.648  1   28.64 ? 110 ALA   A C   1 
ATOM   678  O  O   . ALA   A 1 92  ? -14.031 0.833   -10.599 1   28.58 ? 110 ALA   A O   1 
ATOM   679  C  CB  . ALA   A 1 92  ? -14.027 3.079   -8.412  1   27.04 ? 110 ALA   A CB  1 
ATOM   680  N  N   . PHE   A 1 93  ? -11.968 0.721   -9.665  1   29.04 ? 111 PHE   A N   1 
ATOM   681  C  CA  . PHE   A 1 93  ? -11.330 0.014   -10.783 1   28.94 ? 111 PHE   A CA  1 
ATOM   682  C  C   . PHE   A 1 93  ? -11.509 -1.517  -10.649 1   29.54 ? 111 PHE   A C   1 
ATOM   683  O  O   . PHE   A 1 93  ? -10.991 -2.244  -11.496 1   31.14 ? 111 PHE   A O   1 
ATOM   684  C  CB  . PHE   A 1 93  ? -9.822  0.327   -10.853 1   27.58 ? 111 PHE   A CB  1 
ATOM   685  C  CG  . PHE   A 1 93  ? -9.474  1.688   -11.388 1   26.73 ? 111 PHE   A CG  1 
ATOM   686  C  CD1 . PHE   A 1 93  ? -10.132 2.208   -12.494 1   26.98 ? 111 PHE   A CD1 1 
ATOM   687  C  CD2 . PHE   A 1 93  ? -8.441  2.425   -10.833 1   26.34 ? 111 PHE   A CD2 1 
ATOM   688  C  CE1 . PHE   A 1 93  ? -9.817  3.468   -12.981 1   27.55 ? 111 PHE   A CE1 1 
ATOM   689  C  CE2 . PHE   A 1 93  ? -8.133  3.683   -11.315 1   27.04 ? 111 PHE   A CE2 1 
ATOM   690  C  CZ  . PHE   A 1 93  ? -8.830  4.213   -12.381 1   27.25 ? 111 PHE   A CZ  1 
ATOM   691  N  N   . ASN   A 1 94  ? -12.216 -2.012  -9.591  1   28.18 ? 112 ASN   A N   1 
ATOM   692  C  CA  . ASN   A 1 94  ? -12.458 -3.417  -9.270  1   28    ? 112 ASN   A CA  1 
ATOM   693  C  C   . ASN   A 1 94  ? -11.132 -4.215  -9.082  1   27.02 ? 112 ASN   A C   1 
ATOM   694  O  O   . ASN   A 1 94  ? -11.011 -5.380  -9.510  1   27.34 ? 112 ASN   A O   1 
ATOM   695  C  CB  . ASN   A 1 94  ? -13.397 -4.079  -10.297 1   29.99 ? 112 ASN   A CB  1 
ATOM   696  N  N   . LYS   A 1 95  ? -10.141 -3.574  -8.440  1   24.93 ? 113 LYS   A N   1 
ATOM   697  C  CA  . LYS   A 1 95  ? -8.874  -4.235  -8.180  1   23.94 ? 113 LYS   A CA  1 
ATOM   698  C  C   . LYS   A 1 95  ? -8.963  -5.216  -7.043  1   23.1  ? 113 LYS   A C   1 
ATOM   699  O  O   . LYS   A 1 95  ? -9.730  -5.013  -6.085  1   23.84 ? 113 LYS   A O   1 
ATOM   700  C  CB  . LYS   A 1 95  ? -7.768  -3.218  -7.843  1   23.88 ? 113 LYS   A CB  1 
ATOM   701  C  CG  . LYS   A 1 95  ? -7.406  -2.258  -8.964  1   24.66 ? 113 LYS   A CG  1 
ATOM   702  C  CD  . LYS   A 1 95  ? -6.816  -2.989  -10.174 1   23.66 ? 113 LYS   A CD  1 
ATOM   703  C  CE  . LYS   A 1 95  ? -6.708  -1.975  -11.282 1   25.83 ? 113 LYS   A CE  1 
ATOM   704  N  NZ  . LYS   A 1 95  ? -5.997  -2.528  -12.464 1   25.14 ? 113 LYS   A NZ  1 
ATOM   705  N  N   . ARG   A 1 96  ? -8.135  -6.260  -7.108  1   20.73 ? 114 ARG   A N   1 
ATOM   706  C  CA  . ARG   A 1 96  ? -7.937  -7.201  -6.039  1   20.7  ? 114 ARG   A CA  1 
ATOM   707  C  C   . ARG   A 1 96  ? -7.068  -6.415  -5.023  1   19.77 ? 114 ARG   A C   1 
ATOM   708  O  O   . ARG   A 1 96  ? -6.004  -5.857  -5.393  1   19.61 ? 114 ARG   A O   1 
ATOM   709  C  CB  . ARG   A 1 96  ? -7.225  -8.449  -6.574  1   22.84 ? 114 ARG   A CB  1 
ATOM   710  C  CG  . ARG   A 1 96  ? -6.992  -9.491  -5.491  1   27.19 ? 114 ARG   A CG  1 
ATOM   711  C  CD  . ARG   A 1 96  ? -6.527  -10.835 -6.033  1   32.6  ? 114 ARG   A CD  1 
ATOM   712  N  NE  . ARG   A 1 96  ? -5.617  -11.505 -5.096  1   37.22 ? 114 ARG   A NE  1 
ATOM   713  C  CZ  . ARG   A 1 96  ? -4.808  -12.511 -5.423  1   41    ? 114 ARG   A CZ  1 
ATOM   714  N  NH1 . ARG   A 1 96  ? -4.796  -12.986 -6.663  1   40.5  ? 114 ARG   A NH1 1 
ATOM   715  N  NH2 . ARG   A 1 96  ? -3.992  -13.041 -4.514  1   40.53 ? 114 ARG   A NH2 1 
ATOM   716  N  N   . ILE   A 1 97  ? -7.577  -6.263  -3.786  1   17.92 ? 115 ILE   A N   1 
ATOM   717  C  CA  . ILE   A 1 97  ? -6.933  -5.434  -2.770  1   16.53 ? 115 ILE   A CA  1 
ATOM   718  C  C   . ILE   A 1 97  ? -6.686  -6.198  -1.472  1   15.99 ? 115 ILE   A C   1 
ATOM   719  O  O   . ILE   A 1 97  ? -7.598  -6.855  -0.958  1   15.98 ? 115 ILE   A O   1 
ATOM   720  C  CB  . ILE   A 1 97  ? -7.877  -4.207  -2.481  1   16.85 ? 115 ILE   A CB  1 
ATOM   721  C  CG1 . ILE   A 1 97  ? -8.007  -3.267  -3.697  1   16.87 ? 115 ILE   A CG1 1 
ATOM   722  C  CG2 . ILE   A 1 97  ? -7.478  -3.427  -1.197  1   17.8  ? 115 ILE   A CG2 1 
ATOM   723  C  CD1 . ILE   A 1 97  ? -9.213  -2.241  -3.596  1   17.63 ? 115 ILE   A CD1 1 
ATOM   724  N  N   . LEU   A 1 98  ? -5.491  -6.044  -0.895  1   15.13 ? 116 LEU   A N   1 
ATOM   725  C  CA  . LEU   A 1 98  ? -5.149  -6.586  0.418   1   14.7  ? 116 LEU   A CA  1 
ATOM   726  C  C   . LEU   A 1 98  ? -4.702  -5.403  1.306   1   15.35 ? 116 LEU   A C   1 
ATOM   727  O  O   . LEU   A 1 98  ? -3.725  -4.735  0.979   1   15.35 ? 116 LEU   A O   1 
ATOM   728  C  CB  . LEU   A 1 98  ? -4.000  -7.627  0.373   1   14.44 ? 116 LEU   A CB  1 
ATOM   729  C  CG  . LEU   A 1 98  ? -3.455  -8.084  1.749   1   16.46 ? 116 LEU   A CG  1 
ATOM   730  C  CD1 . LEU   A 1 98  ? -4.551  -8.856  2.601   1   15.57 ? 116 LEU   A CD1 1 
ATOM   731  C  CD2 . LEU   A 1 98  ? -2.178  -8.935  1.596   1   16.83 ? 116 LEU   A CD2 1 
ATOM   732  N  N   . CYS   A 1 99  ? -5.371  -5.188  2.437   1   14.24 ? 117 CYS   A N   1 
ATOM   733  C  CA  . CYS   A 1 99  ? -4.948  -4.165  3.392   1   14.77 ? 117 CYS   A CA  1 
ATOM   734  C  C   . CYS   A 1 99  ? -4.326  -4.860  4.572   1   14.29 ? 117 CYS   A C   1 
ATOM   735  O  O   . CYS   A 1 99  ? -4.890  -5.830  5.072   1   15.58 ? 117 CYS   A O   1 
ATOM   736  C  CB  . CYS   A 1 99  ? -6.122  -3.296  3.831   1   14.07 ? 117 CYS   A CB  1 
ATOM   737  S  SG  . CYS   A 1 99  ? -6.870  -2.344  2.493   1   17.42 ? 117 CYS   A SG  1 
ATOM   738  N  N   . LEU   A 1 100 ? -3.225  -4.338  5.064   1   12.95 ? 118 LEU   A N   1 
ATOM   739  C  CA  . LEU   A 1 100 ? -2.476  -4.895  6.182   1   12.56 ? 118 LEU   A CA  1 
ATOM   740  C  C   . LEU   A 1 100 ? -2.536  -3.880  7.315   1   12.85 ? 118 LEU   A C   1 
ATOM   741  O  O   . LEU   A 1 100 ? -2.151  -2.717  7.119   1   12.07 ? 118 LEU   A O   1 
ATOM   742  C  CB  . LEU   A 1 100 ? -1.033  -5.169  5.737   1   13.92 ? 118 LEU   A CB  1 
ATOM   743  C  CG  . LEU   A 1 100 ? -0.936  -6.263  4.686   1   15.95 ? 118 LEU   A CG  1 
ATOM   744  C  CD1 . LEU   A 1 100 ? 0.456   -6.300  4.078   1   15.9  ? 118 LEU   A CD1 1 
ATOM   745  C  CD2 . LEU   A 1 100 ? -1.285  -7.625  5.289   1   17.88 ? 118 LEU   A CD2 1 
ATOM   746  N  N   . PHE   A 1 101 ? -3.088  -4.280  8.467   1   13.09 ? 119 PHE   A N   1 
ATOM   747  C  CA  . PHE   A 1 101 ? -3.269  -3.351  9.581   1   13.37 ? 119 PHE   A CA  1 
ATOM   748  C  C   . PHE   A 1 101 ? -2.663  -3.934  10.835  1   13.83 ? 119 PHE   A C   1 
ATOM   749  O  O   . PHE   A 1 101 ? -2.893  -5.106  11.086  1   13.93 ? 119 PHE   A O   1 
ATOM   750  C  CB  . PHE   A 1 101 ? -4.784  -3.115  9.821   1   12.77 ? 119 PHE   A CB  1 
ATOM   751  C  CG  . PHE   A 1 101 ? -5.037  -2.234  11.032  1   14.2  ? 119 PHE   A CG  1 
ATOM   752  C  CD1 . PHE   A 1 101 ? -4.749  -0.866  10.995  1   14.91 ? 119 PHE   A CD1 1 
ATOM   753  C  CD2 . PHE   A 1 101 ? -5.529  -2.771  12.209  1   15.14 ? 119 PHE   A CD2 1 
ATOM   754  C  CE1 . PHE   A 1 101 ? -4.988  -0.056  12.106  1   16.02 ? 119 PHE   A CE1 1 
ATOM   755  C  CE2 . PHE   A 1 101 ? -5.749  -1.961  13.319  1   16.94 ? 119 PHE   A CE2 1 
ATOM   756  C  CZ  . PHE   A 1 101 ? -5.462  -0.617  13.267  1   16.2  ? 119 PHE   A CZ  1 
ATOM   757  N  N   . ARG   A 1 102 ? -1.896  -3.158  11.622  1   14.61 ? 120 ARG   A N   1 
ATOM   758  C  CA  . ARG   A 1 102 ? -1.296  -3.608  12.893  1   16.9  ? 120 ARG   A CA  1 
ATOM   759  C  C   . ARG   A 1 102 ? -2.101  -3.087  14.063  1   20.03 ? 120 ARG   A C   1 
ATOM   760  O  O   . ARG   A 1 102 ? -1.905  -1.936  14.469  1   20.19 ? 120 ARG   A O   1 
ATOM   761  C  CB  . ARG   A 1 102 ? 0.141   -3.078  13.084  1   19.45 ? 120 ARG   A CB  1 
ATOM   762  C  CG  . ARG   A 1 102 ? 1.059   -3.457  11.983  1   21.26 ? 120 ARG   A CG  1 
ATOM   763  C  CD  . ARG   A 1 102 ? 2.540   -3.245  12.304  1   24.53 ? 120 ARG   A CD  1 
ATOM   764  N  NE  . ARG   A 1 102 ? 2.840   -1.952  12.921  1   26.06 ? 120 ARG   A NE  1 
ATOM   765  C  CZ  . ARG   A 1 102 ? 2.957   -0.806  12.264  1   28.08 ? 120 ARG   A CZ  1 
ATOM   766  N  NH1 . ARG   A 1 102 ? 2.738   -0.756  10.951  1   25.86 ? 120 ARG   A NH1 1 
ATOM   767  N  NH2 . ARG   A 1 102 ? 3.277   0.306   12.912  1   29.26 ? 120 ARG   A NH2 1 
ATOM   768  N  N   . PRO   A 1 103 ? -2.938  -3.941  14.678  1   19.43 ? 121 PRO   A N   1 
ATOM   769  C  CA  . PRO   A 1 103 ? -3.704  -3.490  15.857  1   21.03 ? 121 PRO   A CA  1 
ATOM   770  C  C   . PRO   A 1 103 ? -2.804  -3.137  17.046  1   23.41 ? 121 PRO   A C   1 
ATOM   771  O  O   . PRO   A 1 103 ? -3.255  -2.384  17.908  1   24.4  ? 121 PRO   A O   1 
ATOM   772  C  CB  . PRO   A 1 103 ? -4.600  -4.692  16.195  1   21.96 ? 121 PRO   A CB  1 
ATOM   773  C  CG  . PRO   A 1 103 ? -3.946  -5.857  15.536  1   21.64 ? 121 PRO   A CG  1 
ATOM   774  C  CD  . PRO   A 1 103 ? -3.248  -5.338  14.313  1   19.38 ? 121 PRO   A CD  1 
ATOM   775  N  N   . GLN   A 1 104 ? -1.576  -3.687  17.125  1   24.52 ? 122 GLN   A N   1 
ATOM   776  C  CA  . GLN   A 1 104 ? -0.682  -3.375  18.249  1   27.64 ? 122 GLN   A CA  1 
ATOM   777  C  C   . GLN   A 1 104 ? -0.240  -1.913  18.283  1   29.94 ? 122 GLN   A C   1 
ATOM   778  O  O   . GLN   A 1 104 ? 0.265   -1.450  19.297  1   31.19 ? 122 GLN   A O   1 
ATOM   779  C  CB  . GLN   A 1 104 ? 0.534   -4.321  18.323  1   30.38 ? 122 GLN   A CB  1 
ATOM   780  N  N   . SER   A 1 105 ? -0.439  -1.177  17.186  1   30.15 ? 123 SER   A N   1 
ATOM   781  C  CA  . SER   A 1 105 ? -0.209  0.257   17.170  1   31.3  ? 123 SER   A CA  1 
ATOM   782  C  C   . SER   A 1 105 ? -1.125  0.980   18.206  1   32.04 ? 123 SER   A C   1 
ATOM   783  O  O   . SER   A 1 105 ? -0.905  2.151   18.497  1   32.72 ? 123 SER   A O   1 
ATOM   784  C  CB  . SER   A 1 105 ? -0.566  0.797   15.792  1   31.55 ? 123 SER   A CB  1 
ATOM   785  O  OG  . SER   A 1 105 ? -1.944  0.584   15.522  1   31.3  ? 123 SER   A OG  1 
ATOM   786  N  N   . GLY   A 1 106 ? -2.164  0.300   18.695  1   31.69 ? 124 GLY   A N   1 
ATOM   787  C  CA  . GLY   A 1 106 ? -3.171  0.899   19.569  1   32.19 ? 124 GLY   A CA  1 
ATOM   788  C  C   . GLY   A 1 106 ? -4.226  1.698   18.801  1   32.39 ? 124 GLY   A C   1 
ATOM   789  O  O   . GLY   A 1 106 ? -5.141  2.257   19.404  1   32.86 ? 124 GLY   A O   1 
ATOM   790  N  N   . ARG   A 1 107 ? -4.136  1.750   17.462  1   31.22 ? 125 ARG   A N   1 
ATOM   791  C  CA  . ARG   A 1 107 ? -5.110  2.482   16.652  1   30.28 ? 125 ARG   A CA  1 
ATOM   792  C  C   . ARG   A 1 107 ? -6.337  1.636   16.351  1   28.3  ? 125 ARG   A C   1 
ATOM   793  O  O   . ARG   A 1 107 ? -6.258  0.416   16.410  1   28.53 ? 125 ARG   A O   1 
ATOM   794  C  CB  . ARG   A 1 107 ? -4.463  2.920   15.320  1   32.4  ? 125 ARG   A CB  1 
ATOM   795  C  CG  . ARG   A 1 107 ? -3.215  3.760   15.478  1   35.98 ? 125 ARG   A CG  1 
ATOM   796  C  CD  . ARG   A 1 107 ? -2.928  4.490   14.178  1   40.18 ? 125 ARG   A CD  1 
ATOM   797  N  NE  . ARG   A 1 107 ? -1.730  5.327   14.248  1   42.62 ? 125 ARG   A NE  1 
ATOM   798  C  CZ  . ARG   A 1 107 ? -1.747  6.645   14.407  1   45.56 ? 125 ARG   A CZ  1 
ATOM   799  N  NH1 . ARG   A 1 107 ? -2.902  7.294   14.517  1   45.36 ? 125 ARG   A NH1 1 
ATOM   800  N  NH2 . ARG   A 1 107 ? -0.611  7.327   14.461  1   46.89 ? 125 ARG   A NH2 1 
ATOM   801  N  N   . VAL   A 1 108 ? -7.453  2.281   15.995  1   25.73 ? 126 VAL   A N   1 
ATOM   802  C  CA  . VAL   A 1 108 ? -8.658  1.612   15.551  1   24.38 ? 126 VAL   A CA  1 
ATOM   803  C  C   . VAL   A 1 108 ? -8.776  1.918   14.046  1   20.92 ? 126 VAL   A C   1 
ATOM   804  O  O   . VAL   A 1 108 ? -8.825  3.086   13.665  1   21.77 ? 126 VAL   A O   1 
ATOM   805  C  CB  . VAL   A 1 108 ? -9.923  2.016   16.343  1   27.62 ? 126 VAL   A CB  1 
ATOM   806  C  CG1 . VAL   A 1 108 ? -11.176 1.492   15.649  1   28.83 ? 126 VAL   A CG1 1 
ATOM   807  C  CG2 . VAL   A 1 108 ? -9.849  1.514   17.786  1   28.66 ? 126 VAL   A CG2 1 
ATOM   808  N  N   . LEU   A 1 109 ? -8.715  0.889   13.195  1   17.18 ? 127 LEU   A N   1 
ATOM   809  C  CA  . LEU   A 1 109 ? -8.744  1.100   11.747  1   15.07 ? 127 LEU   A CA  1 
ATOM   810  C  C   . LEU   A 1 109 ? -10.064 1.750   11.308  1   14.71 ? 127 LEU   A C   1 
ATOM   811  O  O   . LEU   A 1 109 ? -11.123 1.282   11.674  1   13.92 ? 127 LEU   A O   1 
ATOM   812  C  CB  . LEU   A 1 109 ? -8.464  -0.225  10.972  1   13.54 ? 127 LEU   A CB  1 
ATOM   813  C  CG  . LEU   A 1 109 ? -8.692  -0.155  9.442   1   14.76 ? 127 LEU   A CG  1 
ATOM   814  C  CD1 . LEU   A 1 109 ? -7.647  0.711   8.781   1   14.65 ? 127 LEU   A CD1 1 
ATOM   815  C  CD2 . LEU   A 1 109 ? -8.638  -1.578  8.783   1   14.43 ? 127 LEU   A CD2 1 
ATOM   816  N  N   . SER   A 1 110 ? -9.994  2.763   10.452  1   14.24 ? 128 SER   A N   1 
ATOM   817  C  CA  . SER   A 1 110 ? -11.154 3.457   9.868   1   13.64 ? 128 SER   A CA  1 
ATOM   818  C  C   . SER   A 1 110 ? -12.253 2.453   9.432   1   13.44 ? 128 SER   A C   1 
ATOM   819  O  O   . SER   A 1 110 ? -11.967 1.491   8.737   1   12.45 ? 128 SER   A O   1 
ATOM   820  C  CB  . SER   A 1 110 ? -10.714 4.227   8.619   1   13.83 ? 128 SER   A CB  1 
ATOM   821  O  OG  . SER   A 1 110 ? -11.850 4.811   7.989   1   13.46 ? 128 SER   A OG  1 
ATOM   822  N  N   . ALA   A 1 111 ? -13.479 2.704   9.864   1   12.9  ? 129 ALA   A N   1 
ATOM   823  C  CA  . ALA   A 1 111 ? -14.645 1.909   9.513   1   14.55 ? 129 ALA   A CA  1 
ATOM   824  C  C   . ALA   A 1 111 ? -14.869 1.913   8.008   1   14.28 ? 129 ALA   A C   1 
ATOM   825  O  O   . ALA   A 1 111 ? -15.368 0.935   7.491   1   15.24 ? 129 ALA   A O   1 
ATOM   826  C  CB  . ALA   A 1 111 ? -15.890 2.491   10.212  1   15.51 ? 129 ALA   A CB  1 
ATOM   827  N  N   . MET   A 1 112 ? -14.416 2.945   7.283   1   14.59 ? 130 MET   A N   1 
ATOM   828  C  CA  . MET   A 1 112 ? -14.585 2.964   5.834   1   15.01 ? 130 MET   A CA  1 
ATOM   829  C  C   . MET   A 1 112 ? -13.689 1.940   5.139   1   16.63 ? 130 MET   A C   1 
ATOM   830  O  O   . MET   A 1 112 ? -14.005 1.512   4.028   1   18.43 ? 130 MET   A O   1 
ATOM   831  C  CB  . MET   A 1 112 ? -14.354 4.372   5.283   1   14.82 ? 130 MET   A CB  1 
ATOM   832  C  CG  . MET   A 1 112 ? -15.450 5.356   5.694   1   17.86 ? 130 MET   A CG  1 
ATOM   833  S  SD  . MET   A 1 112 ? -17.129 4.818   5.264   1   18.1  ? 130 MET   A SD  1 
ATOM   834  C  CE  . MET   A 1 112 ? -17.084 4.704   3.498   1   14.56 ? 130 MET   A CE  1 
ATOM   835  N  N   . ILE   A 1 113 ? -12.547 1.602   5.753   1   15.67 ? 131 ILE   A N   1 
ATOM   836  C  CA  . ILE   A 1 113 ? -11.628 0.619   5.161   1   14.34 ? 131 ILE   A CA  1 
ATOM   837  C  C   . ILE   A 1 113 ? -12.021 -0.768  5.631   1   14.8  ? 131 ILE   A C   1 
ATOM   838  O  O   . ILE   A 1 113 ? -12.270 -1.639  4.810   1   15.86 ? 131 ILE   A O   1 
ATOM   839  C  CB  . ILE   A 1 113 ? -10.142 0.922   5.502   1   14.95 ? 131 ILE   A CB  1 
ATOM   840  C  CG1 . ILE   A 1 113 ? -9.732  2.342   5.057   1   16.2  ? 131 ILE   A CG1 1 
ATOM   841  C  CG2 . ILE   A 1 113 ? -9.229  -0.165  4.870   1   15.33 ? 131 ILE   A CG2 1 
ATOM   842  C  CD1 . ILE   A 1 113 ? -10.028 2.679   3.580   1   18.47 ? 131 ILE   A CD1 1 
ATOM   843  N  N   . ARG   A 1 114 ? -12.196 -0.955  6.940   1   15.02 ? 132 ARG   A N   1 
ATOM   844  C  CA  . ARG   A 1 114 ? -12.617 -2.226  7.487   1   15.83 ? 132 ARG   A CA  1 
ATOM   845  C  C   . ARG   A 1 114 ? -14.003 -2.643  6.901   1   16.79 ? 132 ARG   A C   1 
ATOM   846  O  O   . ARG   A 1 114 ? -14.166 -3.792  6.529   1   17.87 ? 132 ARG   A O   1 
ATOM   847  C  CB  . ARG   A 1 114 ? -12.684 -2.064  9.000   1   18.41 ? 132 ARG   A CB  1 
ATOM   848  C  CG  . ARG   A 1 114 ? -13.158 -3.256  9.745   1   23.6  ? 132 ARG   A CG  1 
ATOM   849  C  CD  . ARG   A 1 114 ? -12.023 -4.130  10.128  1   22.82 ? 132 ARG   A CD  1 
ATOM   850  N  NE  . ARG   A 1 114 ? -11.020 -3.636  11.109  1   21.2  ? 132 ARG   A NE  1 
ATOM   851  C  CZ  . ARG   A 1 114 ? -9.908  -4.339  11.389  1   20.27 ? 132 ARG   A CZ  1 
ATOM   852  N  NH1 . ARG   A 1 114 ? -9.677  -5.493  10.785  1   18.67 ? 132 ARG   A NH1 1 
ATOM   853  N  NH2 . ARG   A 1 114 ? -9.024  -3.882  12.272  1   19.04 ? 132 ARG   A NH2 1 
ATOM   854  N  N   . GLY   A 1 115 ? -14.907 -1.669  6.692   1   15.76 ? 133 GLY   A N   1 
ATOM   855  C  CA  . GLY   A 1 115 ? -16.237 -1.920  6.159   1   16.88 ? 133 GLY   A CA  1 
ATOM   856  C  C   . GLY   A 1 115 ? -16.301 -2.148  4.666   1   18.46 ? 133 GLY   A C   1 
ATOM   857  O  O   . GLY   A 1 115 ? -17.326 -2.582  4.155   1   19.03 ? 133 GLY   A O   1 
ATOM   858  N  N   . ALA   A 1 116 ? -15.205 -1.863  3.942   1   17.69 ? 134 ALA   A N   1 
ATOM   859  C  CA  . ALA   A 1 116 ? -15.136 -2.138  2.512   1   19.26 ? 134 ALA   A CA  1 
ATOM   860  C  C   . ALA   A 1 116 ? -14.835 -3.614  2.258   1   20.69 ? 134 ALA   A C   1 
ATOM   861  O  O   . ALA   A 1 116 ? -15.030 -4.065  1.139   1   21.61 ? 134 ALA   A O   1 
ATOM   862  C  CB  . ALA   A 1 116 ? -14.030 -1.289  1.863   1   19.43 ? 134 ALA   A CB  1 
ATOM   863  N  N   . ALA   A 1 117 ? -14.277 -4.335  3.255   1   20.84 ? 135 ALA   A N   1 
ATOM   864  C  CA  . ALA   A 1 117 ? -13.871 -5.720  3.117   1   23.66 ? 135 ALA   A CA  1 
ATOM   865  C  C   . ALA   A 1 117 ? -15.023 -6.604  2.745   1   26.26 ? 135 ALA   A C   1 
ATOM   866  O  O   . ALA   A 1 117 ? -16.140 -6.449  3.252   1   26.91 ? 135 ALA   A O   1 
ATOM   867  C  CB  . ALA   A 1 117 ? -13.249 -6.212  4.409   1   23.73 ? 135 ALA   A CB  1 
ATOM   868  N  N   . ASP   A 1 118 ? -14.754 -7.526  1.845   1   27.72 ? 136 ASP   A N   1 
ATOM   869  C  CA  . ASP   A 1 118 ? -15.735 -8.536  1.469   1   29.57 ? 136 ASP   A CA  1 
ATOM   870  C  C   . ASP   A 1 118 ? -15.172 -9.953  1.547   1   31.29 ? 136 ASP   A C   1 
ATOM   871  O  O   . ASP   A 1 118 ? -15.770 -10.832 0.942   1   32.91 ? 136 ASP   A O   1 
ATOM   872  C  CB  . ASP   A 1 118 ? -16.312 -8.272  0.065   1   30.48 ? 136 ASP   A CB  1 
ATOM   873  C  CG  . ASP   A 1 118 ? -15.297 -8.304  -1.059  1   31.66 ? 136 ASP   A CG  1 
ATOM   874  O  OD1 . ASP   A 1 118 ? -14.172 -8.779  -0.830  1   29.37 ? 136 ASP   A OD1 1 
ATOM   875  O  OD2 . ASP   A 1 118 ? -15.628 -7.835  -2.176  1   34.71 ? 136 ASP   A OD2 1 
ATOM   876  N  N   . GLY   A 1 119 ? -13.998 -10.152 2.174   1   31.05 ? 137 GLY   A N   1 
ATOM   877  C  CA  . GLY   A 1 119 ? -13.374 -11.470 2.297   1   31.43 ? 137 GLY   A CA  1 
ATOM   878  C  C   . GLY   A 1 119 ? -12.795 -12.073 1.025   1   30.98 ? 137 GLY   A C   1 
ATOM   879  O  O   . GLY   A 1 119 ? -12.161 -13.136 1.087   1   32.6  ? 137 GLY   A O   1 
ATOM   880  N  N   . SER   A 1 120 ? -13.002 -11.427 -0.142  1   29.05 ? 138 SER   A N   1 
ATOM   881  C  CA  . SER   A 1 120 ? -12.477 -11.958 -1.400  1   27.81 ? 138 SER   A CA  1 
ATOM   882  C  C   . SER   A 1 120 ? -11.654 -10.935 -2.169  1   25.48 ? 138 SER   A C   1 
ATOM   883  O  O   . SER   A 1 120 ? -10.439 -10.929 -2.010  1   26.48 ? 138 SER   A O   1 
ATOM   884  C  CB  . SER   A 1 120 ? -13.571 -12.572 -2.274  1   30.7  ? 138 SER   A CB  1 
ATOM   885  O  OG  . SER   A 1 120 ? -12.955 -13.260 -3.360  1   35.46 ? 138 SER   A OG  1 
ATOM   886  N  N   . ARG   A 1 121 ? -12.293 -10.037 -2.953  1   23.71 ? 139 ARG   A N   1 
ATOM   887  C  CA  . ARG   A 1 121 ? -11.543 -9.036  -3.700  1   23.21 ? 139 ARG   A CA  1 
ATOM   888  C  C   . ARG   A 1 121 ? -11.015 -7.926  -2.810  1   22.04 ? 139 ARG   A C   1 
ATOM   889  O  O   . ARG   A 1 121 ? -10.105 -7.239  -3.234  1   23.27 ? 139 ARG   A O   1 
ATOM   890  C  CB  . ARG   A 1 121 ? -12.336 -8.471  -4.892  1   25.25 ? 139 ARG   A CB  1 
ATOM   891  N  N   . PHE   A 1 122 ? -11.603 -7.693  -1.626  1   19.32 ? 140 PHE   A N   1 
ATOM   892  C  CA  . PHE   A 1 122 ? -11.086 -6.662  -0.711  1   17.49 ? 140 PHE   A CA  1 
ATOM   893  C  C   . PHE   A 1 122 ? -10.928 -7.313  0.639   1   16.99 ? 140 PHE   A C   1 
ATOM   894  O  O   . PHE   A 1 122 ? -11.936 -7.682  1.287   1   15.88 ? 140 PHE   A O   1 
ATOM   895  C  CB  . PHE   A 1 122 ? -11.993 -5.408  -0.650  1   16.09 ? 140 PHE   A CB  1 
ATOM   896  C  CG  . PHE   A 1 122 ? -11.397 -4.200  0.054   1   15.67 ? 140 PHE   A CG  1 
ATOM   897  C  CD1 . PHE   A 1 122 ? -11.002 -4.270  1.381   1   16.36 ? 140 PHE   A CD1 1 
ATOM   898  C  CD2 . PHE   A 1 122 ? -11.297 -2.979  -0.595  1   16.54 ? 140 PHE   A CD2 1 
ATOM   899  C  CE1 . PHE   A 1 122 ? -10.458 -3.149  2.031   1   17.1  ? 140 PHE   A CE1 1 
ATOM   900  C  CE2 . PHE   A 1 122 ? -10.775 -1.853  0.057   1   17.24 ? 140 PHE   A CE2 1 
ATOM   901  C  CZ  . PHE   A 1 122 ? -10.351 -1.951  1.364   1   17.2  ? 140 PHE   A CZ  1 
ATOM   902  N  N   . GLN   A 1 123 ? -9.660  -7.550  1.038   1   16.3  ? 141 GLN   A N   1 
ATOM   903  C  CA  . GLN   A 1 123 ? -9.439  -8.170  2.332   1   16.33 ? 141 GLN   A CA  1 
ATOM   904  C  C   . GLN   A 1 123 ? -8.635  -7.262  3.260   1   16.51 ? 141 GLN   A C   1 
ATOM   905  O  O   . GLN   A 1 123 ? -7.759  -6.543  2.805   1   16.09 ? 141 GLN   A O   1 
ATOM   906  C  CB  . GLN   A 1 123 ? -8.748  -9.563  2.180   1   17.59 ? 141 GLN   A CB  1 
ATOM   907  C  CG  . GLN   A 1 123 ? -9.513  -10.540 1.278   1   22.3  ? 141 GLN   A CG  1 
ATOM   908  C  CD  . GLN   A 1 123 ? -8.741  -11.853 1.179   1   27.14 ? 141 GLN   A CD  1 
ATOM   909  O  OE1 . GLN   A 1 123 ? -8.143  -12.316 2.155   1   29.61 ? 141 GLN   A OE1 1 
ATOM   910  N  NE2 . GLN   A 1 123 ? -8.691  -12.456 -0.001  1   25.7  ? 141 GLN   A NE2 1 
ATOM   911  N  N   . VAL   A 1 124 ? -8.925  -7.293  4.552   1   15.27 ? 142 VAL   A N   1 
ATOM   912  C  CA  . VAL   A 1 124 ? -8.181  -6.542  5.548   1   15.34 ? 142 VAL   A CA  1 
ATOM   913  C  C   . VAL   A 1 124 ? -7.593  -7.572  6.501   1   15.34 ? 142 VAL   A C   1 
ATOM   914  O  O   . VAL   A 1 124 ? -8.359  -8.297  7.143   1   16.61 ? 142 VAL   A O   1 
ATOM   915  C  CB  . VAL   A 1 124 ? -9.114  -5.545  6.295   1   16.67 ? 142 VAL   A CB  1 
ATOM   916  C  CG1 . VAL   A 1 124 ? -8.353  -4.849  7.430   1   18.33 ? 142 VAL   A CG1 1 
ATOM   917  C  CG2 . VAL   A 1 124 ? -9.675  -4.517  5.329   1   16.24 ? 142 VAL   A CG2 1 
ATOM   918  N  N   . TRP   A 1 125 ? -6.260  -7.702  6.571   1   14.35 ? 143 TRP   A N   1 
ATOM   919  C  CA  . TRP   A 1 125 ? -5.633  -8.660  7.449   1   15.03 ? 143 TRP   A CA  1 
ATOM   920  C  C   . TRP   A 1 125 ? -4.918  -7.938  8.579   1   14.86 ? 143 TRP   A C   1 
ATOM   921  O  O   . TRP   A 1 125 ? -4.043  -7.083  8.322   1   14.82 ? 143 TRP   A O   1 
ATOM   922  C  CB  . TRP   A 1 125 ? -4.613  -9.551  6.681   1   15.65 ? 143 TRP   A CB  1 
ATOM   923  C  CG  . TRP   A 1 125 ? -5.210  -10.541 5.717   1   17.6  ? 143 TRP   A CG  1 
ATOM   924  C  CD1 . TRP   A 1 125 ? -6.490  -10.583 5.239   1   19.44 ? 143 TRP   A CD1 1 
ATOM   925  C  CD2 . TRP   A 1 125 ? -4.508  -11.622 5.087   1   18.6  ? 143 TRP   A CD2 1 
ATOM   926  N  NE1 . TRP   A 1 125 ? -6.634  -11.654 4.364   1   20.48 ? 143 TRP   A NE1 1 
ATOM   927  C  CE2 . TRP   A 1 125 ? -5.423  -12.288 4.239   1   19.77 ? 143 TRP   A CE2 1 
ATOM   928  C  CE3 . TRP   A 1 125 ? -3.203  -12.108 5.179   1   19.33 ? 143 TRP   A CE3 1 
ATOM   929  C  CZ2 . TRP   A 1 125 ? -5.052  -13.394 3.470   1   20.32 ? 143 TRP   A CZ2 1 
ATOM   930  C  CZ3 . TRP   A 1 125 ? -2.862  -13.248 4.466   1   20.46 ? 143 TRP   A CZ3 1 
ATOM   931  C  CH2 . TRP   A 1 125 ? -3.787  -13.879 3.632   1   20.59 ? 143 TRP   A CH2 1 
ATOM   932  N  N   . ASP   A 1 126 ? -5.325  -8.236  9.823   1   13.18 ? 144 ASP   A N   1 
ATOM   933  C  CA  . ASP   A 1 126 ? -4.627  -7.728  11.003  1   13.82 ? 144 ASP   A CA  1 
ATOM   934  C  C   . ASP   A 1 126 ? -3.387  -8.556  11.178  1   15.72 ? 144 ASP   A C   1 
ATOM   935  O  O   . ASP   A 1 126 ? -3.453  -9.786  11.016  1   16.01 ? 144 ASP   A O   1 
ATOM   936  C  CB  . ASP   A 1 126 ? -5.510  -7.888  12.273  1   15.41 ? 144 ASP   A CB  1 
ATOM   937  C  CG  . ASP   A 1 126 ? -6.726  -6.983  12.229  1   20.72 ? 144 ASP   A CG  1 
ATOM   938  O  OD1 . ASP   A 1 126 ? -7.678  -7.311  11.508  1   23.38 ? 144 ASP   A OD1 1 
ATOM   939  O  OD2 . ASP   A 1 126 ? -6.728  -5.957  12.934  1   21.44 ? 144 ASP   A OD2 1 
ATOM   940  N  N   . TYR   A 1 127 ? -2.251  -7.913  11.518  1   14.61 ? 145 TYR   A N   1 
ATOM   941  C  CA  . TYR   A 1 127 ? -1.020  -8.668  11.695  1   15.45 ? 145 TYR   A CA  1 
ATOM   942  C  C   . TYR   A 1 127 ? -0.141  -8.079  12.757  1   16.92 ? 145 TYR   A C   1 
ATOM   943  O  O   . TYR   A 1 127 ? -0.337  -6.926  13.190  1   17.25 ? 145 TYR   A O   1 
ATOM   944  C  CB  . TYR   A 1 127 ? -0.250  -8.761  10.350  1   15.14 ? 145 TYR   A CB  1 
ATOM   945  C  CG  . TYR   A 1 127 ? 0.437   -7.480  9.948   1   14.16 ? 145 TYR   A CG  1 
ATOM   946  C  CD1 . TYR   A 1 127 ? -0.291  -6.401  9.470   1   14.95 ? 145 TYR   A CD1 1 
ATOM   947  C  CD2 . TYR   A 1 127 ? 1.814   -7.343  10.052  1   14.76 ? 145 TYR   A CD2 1 
ATOM   948  C  CE1 . TYR   A 1 127 ? 0.335   -5.217  9.091   1   15.4  ? 145 TYR   A CE1 1 
ATOM   949  C  CE2 . TYR   A 1 127 ? 2.458   -6.189  9.633   1   16.29 ? 145 TYR   A CE2 1 
ATOM   950  C  CZ  . TYR   A 1 127 ? 1.712   -5.106  9.204   1   16.2  ? 145 TYR   A CZ  1 
ATOM   951  O  OH  . TYR   A 1 127 ? 2.323   -3.947  8.830   1   16.04 ? 145 TYR   A OH  1 
ATOM   952  N  N   . GLU   A 1 128 ? 0.851   -8.867  13.176  1   18.11 ? 146 GLU   A N   1 
ATOM   953  C  CA  . GLU   A 1 128 ? 1.931   -8.346  13.993  1   20.23 ? 146 GLU   A CA  1 
ATOM   954  C  C   . GLU   A 1 128 ? 3.209   -8.368  13.142  1   20.05 ? 146 GLU   A C   1 
ATOM   955  O  O   . GLU   A 1 128 ? 3.320   -9.158  12.184  1   18.99 ? 146 GLU   A O   1 
ATOM   956  C  CB  . GLU   A 1 128 ? 2.045   -8.986  15.379  1   24.76 ? 146 GLU   A CB  1 
ATOM   957  C  CG  . GLU   A 1 128 ? 2.644   -10.361 15.465  1   31.98 ? 146 GLU   A CG  1 
ATOM   958  C  CD  . GLU   A 1 128 ? 2.536   -10.895 16.885  1   43.27 ? 146 GLU   A CD  1 
ATOM   959  O  OE1 . GLU   A 1 128 ? 2.650   -10.094 17.845  1   46.08 ? 146 GLU   A OE1 1 
ATOM   960  O  OE2 . GLU   A 1 128 ? 2.277   -12.111 17.035  1   46.81 ? 146 GLU   A OE2 1 
ATOM   961  N  N   . GLU   A 1 129 ? 4.115   -7.415  13.389  1   20.18 ? 147 GLU   A N   1 
ATOM   962  C  CA  . GLU   A 1 129 ? 5.290   -7.204  12.559  1   21.37 ? 147 GLU   A CA  1 
ATOM   963  C  C   . GLU   A 1 129 ? 6.074   -8.449  12.192  1   21.59 ? 147 GLU   A C   1 
ATOM   964  O  O   . GLU   A 1 129 ? 6.503   -8.554  11.036  1   21.7  ? 147 GLU   A O   1 
ATOM   965  C  CB  . GLU   A 1 129 ? 6.248   -6.126  13.166  1   25.43 ? 147 GLU   A CB  1 
ATOM   966  C  CG  . GLU   A 1 129 ? 6.876   -6.483  14.510  1   29.02 ? 147 GLU   A CG  1 
ATOM   967  C  CD  . GLU   A 1 129 ? 8.197   -7.228  14.428  0.8 32.7  ? 147 GLU   A CD  1 
ATOM   968  O  OE1 . GLU   A 1 129 ? 8.598   -7.844  15.444  0.8 33.08 ? 147 GLU   A OE1 1 
ATOM   969  O  OE2 . GLU   A 1 129 ? 8.781   -7.280  13.320  0.8 34.17 ? 147 GLU   A OE2 1 
ATOM   970  N  N   . GLY   A 1 130 ? 6.241   -9.376  13.124  1   21.19 ? 148 GLY   A N   1 
ATOM   971  C  CA  . GLY   A 1 130 ? 7.043   -10.574 12.912  1   21.92 ? 148 GLY   A CA  1 
ATOM   972  C  C   . GLY   A 1 130 ? 6.556   -11.498 11.817  1   21.91 ? 148 GLY   A C   1 
ATOM   973  O  O   . GLY   A 1 130 ? 7.359   -12.237 11.237  1   23.88 ? 148 GLY   A O   1 
ATOM   974  N  N   . GLU   A 1 131 ? 5.267   -11.459 11.508  1   19.93 ? 149 GLU   A N   1 
ATOM   975  C  CA  . GLU   A 1 131 ? 4.699   -12.408 10.547  1   19.25 ? 149 GLU   A CA  1 
ATOM   976  C  C   . GLU   A 1 131 ? 4.357   -11.844 9.196   1   17.28 ? 149 GLU   A C   1 
ATOM   977  O  O   . GLU   A 1 131 ? 3.734   -12.546 8.409   1   15.82 ? 149 GLU   A O   1 
ATOM   978  C  CB  . GLU   A 1 131 ? 3.457   -13.078 11.149  1   22.48 ? 149 GLU   A CB  1 
ATOM   979  C  CG  . GLU   A 1 131 ? 2.365   -12.064 11.439  1   22.97 ? 149 GLU   A CG  1 
ATOM   980  C  CD  . GLU   A 1 131 ? 1.017   -12.541 11.950  1   26.71 ? 149 GLU   A CD  1 
ATOM   981  O  OE1 . GLU   A 1 131 ? 0.771   -13.770 11.943  1   25.96 ? 149 GLU   A OE1 1 
ATOM   982  O  OE2 . GLU   A 1 131 ? 0.188   -11.673 12.325  1   24.68 ? 149 GLU   A OE2 1 
ATOM   983  N  N   . VAL   A 1 132 ? 4.722   -10.568 8.911   1   16.85 ? 150 VAL   A N   1 
ATOM   984  C  CA  . VAL   A 1 132 ? 4.274   -9.944  7.676   1   16.12 ? 150 VAL   A CA  1 
ATOM   985  C  C   . VAL   A 1 132 ? 4.732   -10.740 6.407   1   15.69 ? 150 VAL   A C   1 
ATOM   986  O  O   . VAL   A 1 132 ? 3.916   -10.938 5.504   1   15.97 ? 150 VAL   A O   1 
ATOM   987  C  CB  . VAL   A 1 132 ? 4.594   -8.430  7.617   1   16.85 ? 150 VAL   A CB  1 
ATOM   988  C  CG1 . VAL   A 1 132 ? 6.067   -8.155  7.322   1   18.31 ? 150 VAL   A CG1 1 
ATOM   989  C  CG2 . VAL   A 1 132 ? 3.650   -7.720  6.637   1   17.05 ? 150 VAL   A CG2 1 
ATOM   990  N  N   . GLU   A 1 133 ? 5.965   -11.230 6.372   1   14.77 ? 151 GLU   A N   1 
ATOM   991  C  CA  . GLU   A 1 133 ? 6.460   -11.977 5.193   1   16.08 ? 151 GLU   A CA  1 
ATOM   992  C  C   . GLU   A 1 133 ? 5.660   -13.269 5.027   1   16.46 ? 151 GLU   A C   1 
ATOM   993  O  O   . GLU   A 1 133 ? 5.230   -13.600 3.902   1   17.08 ? 151 GLU   A O   1 
ATOM   994  C  CB  . GLU   A 1 133 ? 7.935   -12.277 5.340   1   17.71 ? 151 GLU   A CB  1 
ATOM   995  C  CG  . GLU   A 1 133 ? 8.814   -11.054 5.142   1   18.41 ? 151 GLU   A CG  1 
ATOM   996  C  CD  . GLU   A 1 133 ? 9.144   -10.274 6.402   1   20.49 ? 151 GLU   A CD  1 
ATOM   997  O  OE1 . GLU   A 1 133 ? 8.628   -10.621 7.490   1   19.29 ? 151 GLU   A OE1 1 
ATOM   998  O  OE2 . GLU   A 1 133 ? 9.900   -9.280  6.291   1   19.29 ? 151 GLU   A OE2 1 
ATOM   999  N  N   . ALA   A 1 134 ? 5.406   -13.975 6.146   1   15.35 ? 152 ALA   A N   1 
ATOM   1000 C  CA  . ALA   A 1 134 ? 4.613   -15.217 6.066   1   15.49 ? 152 ALA   A CA  1 
ATOM   1001 C  C   . ALA   A 1 134 ? 3.209   -14.930 5.553   1   15.39 ? 152 ALA   A C   1 
ATOM   1002 O  O   . ALA   A 1 134 ? 2.692   -15.692 4.724   1   16.74 ? 152 ALA   A O   1 
ATOM   1003 C  CB  . ALA   A 1 134 ? 4.518   -15.903 7.431   1   16.44 ? 152 ALA   A CB  1 
ATOM   1004 N  N   . LEU   A 1 135 ? 2.574   -13.840 6.030   1   14.65 ? 153 LEU   A N   1 
ATOM   1005 C  CA  . LEU   A 1 135 ? 1.218   -13.542 5.591   1   14.41 ? 153 LEU   A CA  1 
ATOM   1006 C  C   . LEU   A 1 135 ? 1.204   -13.182 4.120   1   14.59 ? 153 LEU   A C   1 
ATOM   1007 O  O   . LEU   A 1 135 ? 0.289   -13.619 3.405   1   15.68 ? 153 LEU   A O   1 
ATOM   1008 C  CB  . LEU   A 1 135 ? 0.624   -12.415 6.409   1   15.94 ? 153 LEU   A CB  1 
ATOM   1009 C  CG  . LEU   A 1 135 ? 0.277   -12.762 7.843   1   20.51 ? 153 LEU   A CG  1 
ATOM   1010 C  CD1 . LEU   A 1 135 ? -0.306  -11.535 8.559   1   21.18 ? 153 LEU   A CD1 1 
ATOM   1011 C  CD2 . LEU   A 1 135 ? -0.697  -13.864 7.877   1   21.73 ? 153 LEU   A CD2 1 
ATOM   1012 N  N   . LEU   A 1 136 ? 2.246   -12.477 3.632   1   13.66 ? 154 LEU   A N   1 
ATOM   1013 C  CA  . LEU   A 1 136 ? 2.303   -12.175 2.200   1   14.21 ? 154 LEU   A CA  1 
ATOM   1014 C  C   . LEU   A 1 136 ? 2.438   -13.469 1.388   1   15.66 ? 154 LEU   A C   1 
ATOM   1015 O  O   . LEU   A 1 136 ? 1.736   -13.617 0.379   1   16.91 ? 154 LEU   A O   1 
ATOM   1016 C  CB  . LEU   A 1 136 ? 3.409   -11.184 1.893   1   13.78 ? 154 LEU   A CB  1 
ATOM   1017 C  CG  . LEU   A 1 136 ? 3.079   -9.776  2.430   1   15.61 ? 154 LEU   A CG  1 
ATOM   1018 C  CD1 . LEU   A 1 136 ? 4.345   -8.910  2.496   1   17.54 ? 154 LEU   A CD1 1 
ATOM   1019 C  CD2 . LEU   A 1 136 ? 2.021   -9.110  1.543   1   16.44 ? 154 LEU   A CD2 1 
ATOM   1020 N  N   . ASP   A 1 137 ? 3.230   -14.427 1.889   1   15.18 ? 155 ASP   A N   1 
ATOM   1021 C  CA  . ASP   A 1 137 ? 3.373   -15.749 1.249   1   16.47 ? 155 ASP   A CA  1 
ATOM   1022 C  C   . ASP   A 1 137 ? 2.016   -16.451 1.221   1   17.55 ? 155 ASP   A C   1 
ATOM   1023 O  O   . ASP   A 1 137 ? 1.623   -16.977 0.184   1   18.91 ? 155 ASP   A O   1 
ATOM   1024 C  CB  . ASP   A 1 137 ? 4.357   -16.639 2.013   1   17.34 ? 155 ASP   A CB  1 
ATOM   1025 C  CG  . ASP   A 1 137 ? 5.804   -16.220 1.942   1   24.56 ? 155 ASP   A CG  1 
ATOM   1026 O  OD1 . ASP   A 1 137 ? 6.137   -15.388 1.074   1   23.97 ? 155 ASP   A OD1 1 
ATOM   1027 O  OD2 . ASP   A 1 137 ? 6.611   -16.712 2.784   1   27.32 ? 155 ASP   A OD2 1 
ATOM   1028 N  N   . ARG   A 1 138 ? 1.259   -16.372 2.318   1   16.86 ? 156 ARG   A N   1 
ATOM   1029 C  CA  . ARG   A 1 138 ? -0.069  -17.002 2.370   1   18.1  ? 156 ARG   A CA  1 
ATOM   1030 C  C   . ARG   A 1 138 ? -0.992  -16.391 1.342   1   19.69 ? 156 ARG   A C   1 
ATOM   1031 O  O   . ARG   A 1 138 ? -1.728  -17.121 0.666   1   21.51 ? 156 ARG   A O   1 
ATOM   1032 C  CB  . ARG   A 1 138 ? -0.697  -16.908 3.775   1   18.25 ? 156 ARG   A CB  1 
ATOM   1033 C  CG  . ARG   A 1 138 ? 0.072   -17.614 4.904   1   17.7  ? 156 ARG   A CG  1 
ATOM   1034 C  CD  . ARG   A 1 138 ? 0.279   -19.138 4.689   1   18.09 ? 156 ARG   A CD  1 
ATOM   1035 N  NE  . ARG   A 1 138 ? 1.447   -19.433 3.851   1   19.31 ? 156 ARG   A NE  1 
ATOM   1036 C  CZ  . ARG   A 1 138 ? 2.716   -19.340 4.249   1   19.43 ? 156 ARG   A CZ  1 
ATOM   1037 N  NH1 . ARG   A 1 138 ? 3.702   -19.633 3.418   1   21.39 ? 156 ARG   A NH1 1 
ATOM   1038 N  NH2 . ARG   A 1 138 ? 3.004   -19.026 5.499   1   18.85 ? 156 ARG   A NH2 1 
ATOM   1039 N  N   . TYR   A 1 139 ? -0.953  -15.047 1.206   1   17.95 ? 157 TYR   A N   1 
ATOM   1040 C  CA  . TYR   A 1 139 ? -1.821  -14.397 0.250   1   18.92 ? 157 TYR   A CA  1 
ATOM   1041 C  C   . TYR   A 1 139 ? -1.424  -14.719 -1.213  1   21.91 ? 157 TYR   A C   1 
ATOM   1042 O  O   . TYR   A 1 139 ? -2.288  -14.960 -2.052  1   23.3  ? 157 TYR   A O   1 
ATOM   1043 C  CB  . TYR   A 1 139 ? -1.802  -12.875 0.471   1   17.9  ? 157 TYR   A CB  1 
ATOM   1044 C  CG  . TYR   A 1 139 ? -2.804  -12.154 -0.401  1   17.16 ? 157 TYR   A CG  1 
ATOM   1045 C  CD1 . TYR   A 1 139 ? -4.126  -11.998 0.006   1   17.4  ? 157 TYR   A CD1 1 
ATOM   1046 C  CD2 . TYR   A 1 139 ? -2.412  -11.559 -1.591  1   17.42 ? 157 TYR   A CD2 1 
ATOM   1047 C  CE1 . TYR   A 1 139 ? -5.052  -11.350 -0.798  1   17.99 ? 157 TYR   A CE1 1 
ATOM   1048 C  CE2 . TYR   A 1 139 ? -3.325  -10.877 -2.394  1   18.33 ? 157 TYR   A CE2 1 
ATOM   1049 C  CZ  . TYR   A 1 139 ? -4.643  -10.768 -1.989  1   19.3  ? 157 TYR   A CZ  1 
ATOM   1050 O  OH  . TYR   A 1 139 ? -5.535  -10.119 -2.804  1   20.89 ? 157 TYR   A OH  1 
ATOM   1051 N  N   . PHE   A 1 140 ? -0.136  -14.711 -1.505  1   22.52 ? 158 PHE   A N   1 
ATOM   1052 C  CA  . PHE   A 1 140 ? 0.334   -14.797 -2.880  1   24.79 ? 158 PHE   A CA  1 
ATOM   1053 C  C   . PHE   A 1 140 ? 0.704   -16.163 -3.394  1   28.29 ? 158 PHE   A C   1 
ATOM   1054 O  O   . PHE   A 1 140 ? 0.951   -16.291 -4.591  1   30.41 ? 158 PHE   A O   1 
ATOM   1055 C  CB  . PHE   A 1 140 ? 1.499   -13.848 -3.062  1   24.09 ? 158 PHE   A CB  1 
ATOM   1056 C  CG  . PHE   A 1 140 ? 1.063   -12.424 -3.256  1   23.22 ? 158 PHE   A CG  1 
ATOM   1057 C  CD1 . PHE   A 1 140 ? 0.356   -12.046 -4.391  1   23.32 ? 158 PHE   A CD1 1 
ATOM   1058 C  CD2 . PHE   A 1 140 ? 1.343   -11.462 -2.303  1   23.12 ? 158 PHE   A CD2 1 
ATOM   1059 C  CE1 . PHE   A 1 140 ? -0.031  -10.734 -4.573  1   24.28 ? 158 PHE   A CE1 1 
ATOM   1060 C  CE2 . PHE   A 1 140 ? 0.925   -10.152 -2.478  1   23.68 ? 158 PHE   A CE2 1 
ATOM   1061 C  CZ  . PHE   A 1 140 ? 0.243   -9.792  -3.609  1   23.77 ? 158 PHE   A CZ  1 
ATOM   1062 N  N   . GLU   A 1 141 ? 0.691   -17.179 -2.538  1   28.59 ? 159 GLU   A N   1 
ATOM   1063 C  CA  . GLU   A 1 141 ? 1.008   -18.559 -2.888  1   29.97 ? 159 GLU   A CA  1 
ATOM   1064 C  C   . GLU   A 1 141 ? 0.199   -19.052 -4.077  1   31.09 ? 159 GLU   A C   1 
ATOM   1065 O  O   . GLU   A 1 141 ? -0.977  -18.731 -4.171  1   31.96 ? 159 GLU   A O   1 
ATOM   1066 C  CB  . GLU   A 1 141 ? 0.734   -19.458 -1.680  1   31.6  ? 159 GLU   A CB  1 
ATOM   1067 C  CG  . GLU   A 1 141 ? 2.034   -19.849 -1.030  1   33.42 ? 159 GLU   A CG  1 
ATOM   1068 C  CD  . GLU   A 1 141 ? 1.944   -20.170 0.440   0.6 29.68 ? 159 GLU   A CD  1 
ATOM   1069 O  OE1 . GLU   A 1 141 ? 3.019   -20.207 1.070   0.6 28.9  ? 159 GLU   A OE1 1 
ATOM   1070 O  OE2 . GLU   A 1 141 ? 0.818   -20.348 0.967   0.6 28.7  ? 159 GLU   A OE2 1 
HETATM 1071 C  C1  . A1JKZ B 2 .   ? 0.378   9.819   0.329   1   14.37 ? 201 A1JKZ A C1  1 
HETATM 1072 C  C2  . A1JKZ B 2 .   ? 0.708   10.785  -0.622  1   14.25 ? 201 A1JKZ A C2  1 
HETATM 1073 C  C3  . A1JKZ B 2 .   ? 1.256   10.406  -1.835  1   15.12 ? 201 A1JKZ A C3  1 
HETATM 1074 C  C7  . A1JKZ B 2 .   ? 1.834   4.920   -3.243  1   17.69 ? 201 A1JKZ A C7  1 
HETATM 1075 C  C8  . A1JKZ B 2 .   ? 3.092   4.411   -2.620  1   17.54 ? 201 A1JKZ A C8  1 
HETATM 1076 C  C9  . A1JKZ B 2 .   ? 4.653   3.768   -1.406  1   17.29 ? 201 A1JKZ A C9  1 
HETATM 1077 C  C10 A A1JKZ B 2 .   ? 6.721   3.037   -0.323  0.5 17.9  ? 201 A1JKZ A C10 1 
HETATM 1078 C  C10 B A1JKZ B 2 .   ? 4.867   4.036   0.999   0.5 16.12 ? 201 A1JKZ A C10 1 
HETATM 1079 C  C11 A A1JKZ B 2 .   ? 7.649   4.250   -0.333  0.5 18.76 ? 201 A1JKZ A C11 1 
HETATM 1080 C  C11 B A1JKZ B 2 .   ? 5.339   5.477   1.176   0.5 16.14 ? 201 A1JKZ A C11 1 
HETATM 1081 C  C12 A A1JKZ B 2 .   ? 7.792   4.939   1.004   0.5 19.71 ? 201 A1JKZ A C12 1 
HETATM 1082 C  C12 B A1JKZ B 2 .   ? 6.773   5.605   1.626   0.5 16.89 ? 201 A1JKZ A C12 1 
HETATM 1083 C  C13 A A1JKZ B 2 .   ? 9.030   4.982   1.642   0.5 20.44 ? 201 A1JKZ A C13 1 
HETATM 1084 C  C13 B A1JKZ B 2 .   ? 7.044   6.244   2.834   0.5 17.9  ? 201 A1JKZ A C13 1 
HETATM 1085 C  C14 A A1JKZ B 2 .   ? 9.174   5.583   2.880   0.5 22.23 ? 201 A1JKZ A C14 1 
HETATM 1086 C  C14 B A1JKZ B 2 .   ? 8.341   6.408   3.283   0.5 19.6  ? 201 A1JKZ A C14 1 
HETATM 1087 C  C15 A A1JKZ B 2 .   ? 8.074   6.170   3.463   0.5 24.31 ? 201 A1JKZ A C15 1 
HETATM 1088 C  C15 B A1JKZ B 2 .   ? 9.370   5.873   2.544   0.5 21.54 ? 201 A1JKZ A C15 1 
HETATM 1089 C  C16 A A1JKZ B 2 .   ? 6.836   6.133   2.868   0.5 21.65 ? 201 A1JKZ A C16 1 
HETATM 1090 C  C16 B A1JKZ B 2 .   ? 9.140   5.218   1.352   0.5 19.14 ? 201 A1JKZ A C16 1 
HETATM 1091 C  C19 A A1JKZ B 2 .   ? 4.846   4.055   0.962   0.5 17.69 ? 201 A1JKZ A C19 1 
HETATM 1092 C  C19 B A1JKZ B 2 .   ? 6.745   3.118   -0.337  0.5 16.54 ? 201 A1JKZ A C19 1 
HETATM 1093 C  C20 . A1JKZ B 2 .   ? 1.456   6.610   -1.464  1   16.98 ? 201 A1JKZ A C20 1 
HETATM 1094 C  C21 . A1JKZ B 2 .   ? 1.178   8.078   -1.183  1   16.12 ? 201 A1JKZ A C21 1 
HETATM 1095 C  C22 . A1JKZ B 2 .   ? 0.661   8.476   0.054   1   15.4  ? 201 A1JKZ A C22 1 
HETATM 1096 BR BR  A A1JKZ B 2 .   ? 8.242   6.998   5.159   0.5 29.19 ? 201 A1JKZ A BR  1 
HETATM 1097 BR BR  B A1JKZ B 2 .   ? 11.160  6.095   3.144   0.5 25.97 ? 201 A1JKZ A BR  1 
HETATM 1098 C  C17 A A1JKZ B 2 .   ? 6.690   5.565   1.609   0.5 19.58 ? 201 A1JKZ A C17 1 
HETATM 1099 C  C17 B A1JKZ B 2 .   ? 7.840   5.091   0.869   0.5 17.73 ? 201 A1JKZ A C17 1 
HETATM 1100 C  C18 A A1JKZ B 2 .   ? 5.296   5.506   1.048   0.5 18.28 ? 201 A1JKZ A C18 1 
HETATM 1101 C  C18 B A1JKZ B 2 .   ? 7.622   4.363   -0.438  0.5 16.96 ? 201 A1JKZ A C18 1 
HETATM 1102 N  N3  A A1JKZ B 2 .   ? 5.298   3.410   -0.274  0.5 17.15 ? 201 A1JKZ A N3  1 
HETATM 1103 N  N3  B A1JKZ B 2 .   ? 5.315   3.444   -0.268  0.5 16.12 ? 201 A1JKZ A N3  1 
HETATM 1104 N  N1  . A1JKZ B 2 .   ? 5.199   3.699   -2.639  1   18.74 ? 201 A1JKZ A N1  1 
HETATM 1105 O  O2  . A1JKZ B 2 .   ? 4.124   4.199   -3.450  1   18.57 ? 201 A1JKZ A O2  1 
HETATM 1106 N  N2  . A1JKZ B 2 .   ? 3.364   4.204   -1.378  1   17.36 ? 201 A1JKZ A N2  1 
HETATM 1107 N  N   . A1JKZ B 2 .   ? 1.564   6.326   -2.906  1   17.95 ? 201 A1JKZ A N   1 
HETATM 1108 C  C6  . A1JKZ B 2 .   ? 2.545   7.234   -3.528  1   17.25 ? 201 A1JKZ A C6  1 
HETATM 1109 C  C5  . A1JKZ B 2 .   ? 2.074   8.675   -3.481  1   16.61 ? 201 A1JKZ A C5  1 
HETATM 1110 C  C4  . A1JKZ B 2 .   ? 1.506   9.064   -2.134  1   15.49 ? 201 A1JKZ A C4  1 
HETATM 1111 C  C   . A1JKZ B 2 .   ? -0.247  10.205  1.632   1   14.41 ? 201 A1JKZ A C   1 
HETATM 1112 O  O1  . A1JKZ B 2 .   ? -1.096  11.111  1.727   1   14.96 ? 201 A1JKZ A O1  1 
HETATM 1113 O  O   . A1JKZ B 2 .   ? 0.127   9.493   2.659   1   13.41 ? 201 A1JKZ A O   1 
HETATM 1114 O  O   . HOH   C 3 .   ? -6.009  -1.529  17.781  1   31.45 ? 301 HOH   A O   1 
HETATM 1115 O  O   . HOH   C 3 .   ? -1.344  -11.082 14.168  1   32.58 ? 302 HOH   A O   1 
HETATM 1116 O  O   . HOH   C 3 .   ? 10.278  13.947  -0.892  1   19.11 ? 303 HOH   A O   1 
HETATM 1117 O  O   . HOH   C 3 .   ? 1.132   2.577   7.819   1   17.22 ? 304 HOH   A O   1 
HETATM 1118 O  O   . HOH   C 3 .   ? 4.729   -6.763  -14.845 1   43.11 ? 305 HOH   A O   1 
HETATM 1119 O  O   . HOH   C 3 .   ? -6.968  -6.823  -9.756  1   28.29 ? 306 HOH   A O   1 
HETATM 1120 O  O   . HOH   C 3 .   ? 3.445   6.141   11.280  1   40.56 ? 307 HOH   A O   1 
HETATM 1121 O  O   . HOH   C 3 .   ? -2.882  -12.096 12.027  1   29.84 ? 308 HOH   A O   1 
HETATM 1122 O  O   . HOH   C 3 .   ? -0.137  -5.752  15.497  1   19.64 ? 309 HOH   A O   1 
HETATM 1123 O  O   . HOH   C 3 .   ? -0.731  -22.164 2.004   1   31.02 ? 310 HOH   A O   1 
HETATM 1124 O  O   . HOH   C 3 .   ? 6.267   0.998   -3.339  1   21.66 ? 311 HOH   A O   1 
HETATM 1125 O  O   . HOH   C 3 .   ? 5.970   10.683  10.551  1   48.68 ? 312 HOH   A O   1 
HETATM 1126 O  O   . HOH   C 3 .   ? 9.795   -4.571  -8.526  1   21.99 ? 313 HOH   A O   1 
HETATM 1127 O  O   . HOH   C 3 .   ? 4.513   17.238  -4.218  1   26.33 ? 314 HOH   A O   1 
HETATM 1128 O  O   . HOH   C 3 .   ? 3.751   13.377  -1.421  1   26.12 ? 315 HOH   A O   1 
HETATM 1129 O  O   . HOH   C 3 .   ? 14.905  -5.112  -0.574  1   38.73 ? 316 HOH   A O   1 
HETATM 1130 O  O   . HOH   C 3 .   ? -0.273  11.313  4.536   1   26.27 ? 317 HOH   A O   1 
HETATM 1131 O  O   . HOH   C 3 .   ? -0.203  10.109  7.081   1   20.78 ? 318 HOH   A O   1 
HETATM 1132 O  O   . HOH   C 3 .   ? 3.684   -14.655 -8.678  1   28.48 ? 319 HOH   A O   1 
HETATM 1133 O  O   . HOH   C 3 .   ? -7.854  -9.477  -1.666  1   19.01 ? 320 HOH   A O   1 
HETATM 1134 O  O   . HOH   C 3 .   ? 5.518   4.432   12.496  1   29.28 ? 321 HOH   A O   1 
HETATM 1135 O  O   . HOH   C 3 .   ? -11.570 -1.076  12.881  1   21.54 ? 322 HOH   A O   1 
HETATM 1136 O  O   . HOH   C 3 .   ? -15.273 -9.890  -3.883  1   40.7  ? 323 HOH   A O   1 
HETATM 1137 O  O   . HOH   C 3 .   ? 12.384  17.690  0.759   1   29.44 ? 324 HOH   A O   1 
HETATM 1138 O  O   . HOH   C 3 .   ? -7.596  5.474   13.366  1   37    ? 325 HOH   A O   1 
HETATM 1139 O  O   . HOH   C 3 .   ? 11.815  0.136   -3.194  1   31.22 ? 326 HOH   A O   1 
HETATM 1140 O  O   . HOH   C 3 .   ? 10.935  -8.694  3.836   1   18.13 ? 327 HOH   A O   1 
HETATM 1141 O  O   . HOH   C 3 .   ? 6.380   13.296  3.648   1   32.36 ? 328 HOH   A O   1 
HETATM 1142 O  O   . HOH   C 3 .   ? 6.303   1.956   -14.403 1   35.71 ? 329 HOH   A O   1 
HETATM 1143 O  O   . HOH   C 3 .   ? -5.289  3.134   10.703  1   22.93 ? 330 HOH   A O   1 
HETATM 1144 O  O   . HOH   C 3 .   ? -5.618  -8.240  -13.176 1   42.88 ? 331 HOH   A O   1 
HETATM 1145 O  O   . HOH   C 3 .   ? -2.683  16.590  -15.740 1   49.26 ? 332 HOH   A O   1 
HETATM 1146 O  O   . HOH   C 3 .   ? 12.659  -3.038  -0.120  1   33.77 ? 333 HOH   A O   1 
HETATM 1147 O  O   . HOH   C 3 .   ? -0.899  4.154   5.837   1   18.14 ? 334 HOH   A O   1 
HETATM 1148 O  O   . HOH   C 3 .   ? -10.891 -9.034  8.004   1   33.3  ? 335 HOH   A O   1 
HETATM 1149 O  O   . HOH   C 3 .   ? -2.810  8.802   -15.012 1   33.08 ? 336 HOH   A O   1 
HETATM 1150 O  O   . HOH   C 3 .   ? 8.147   -16.522 -0.510  1   34.34 ? 337 HOH   A O   1 
HETATM 1151 O  O   . HOH   C 3 .   ? -15.388 -2.750  -1.308  1   41.67 ? 338 HOH   A O   1 
HETATM 1152 O  O   . HOH   C 3 .   ? -9.180  -1.848  14.196  1   19.68 ? 339 HOH   A O   1 
HETATM 1153 O  O   . HOH   C 3 .   ? 13.343  -8.796  -2.867  1   21.63 ? 340 HOH   A O   1 
HETATM 1154 O  O   . HOH   C 3 .   ? -11.201 4.823   -9.879  1   20.85 ? 341 HOH   A O   1 
HETATM 1155 O  O   . HOH   C 3 .   ? 9.144   4.352   -4.429  1   34.48 ? 342 HOH   A O   1 
HETATM 1156 O  O   . HOH   C 3 .   ? -11.626 -7.009  9.417   1   40.62 ? 343 HOH   A O   1 
HETATM 1157 O  O   . HOH   C 3 .   ? -9.935  -5.724  -12.105 1   41.9  ? 344 HOH   A O   1 
HETATM 1158 O  O   . HOH   C 3 .   ? 0.914   3.944   12.451  1   46.49 ? 345 HOH   A O   1 
HETATM 1159 O  O   . HOH   C 3 .   ? 11.437  -10.939 2.331   1   29.86 ? 346 HOH   A O   1 
HETATM 1160 O  O   . HOH   C 3 .   ? -8.163  -9.564  9.852   1   17.93 ? 347 HOH   A O   1 
HETATM 1161 O  O   . HOH   C 3 .   ? -3.158  -15.684 -5.156  1   43.37 ? 348 HOH   A O   1 
HETATM 1162 O  O   . HOH   C 3 .   ? -7.454  -1.145  -14.488 1   26.14 ? 349 HOH   A O   1 
HETATM 1163 O  O   . HOH   C 3 .   ? 13.120  8.453   -9.412  1   26.58 ? 350 HOH   A O   1 
HETATM 1164 O  O   . HOH   C 3 .   ? 5.961   -18.718 4.913   1   33.64 ? 351 HOH   A O   1 
HETATM 1165 O  O   . HOH   C 3 .   ? 6.913   -14.072 -11.566 1   48.25 ? 352 HOH   A O   1 
HETATM 1166 O  O   . HOH   C 3 .   ? -8.187  15.083  -12.611 1   43.04 ? 353 HOH   A O   1 
HETATM 1167 O  O   . HOH   C 3 .   ? -7.676  5.057   16.803  1   34.29 ? 354 HOH   A O   1 
HETATM 1168 O  O   . HOH   C 3 .   ? -2.799  12.426  4.527   1   18.65 ? 355 HOH   A O   1 
HETATM 1169 O  O   . HOH   C 3 .   ? 7.736   19.135  3.467   1   37.07 ? 356 HOH   A O   1 
HETATM 1170 O  O   . HOH   C 3 .   ? 6.667   19.436  -4.540  1   41.46 ? 357 HOH   A O   1 
HETATM 1171 O  O   . HOH   C 3 .   ? 2.149   17.556  -1.326  1   31.04 ? 358 HOH   A O   1 
HETATM 1172 O  O   . HOH   C 3 .   ? 13.137  -3.004  6.517   1   34.5  ? 359 HOH   A O   1 
HETATM 1173 O  O   . HOH   C 3 .   ? -7.656  4.549   10.526  1   14.25 ? 360 HOH   A O   1 
HETATM 1174 O  O   . HOH   C 3 .   ? -5.059  -10.364 -9.703  1   35.17 ? 361 HOH   A O   1 
HETATM 1175 O  O   . HOH   C 3 .   ? 14.184  8.170   -2.164  1   23.55 ? 362 HOH   A O   1 
HETATM 1176 O  O   . HOH   C 3 .   ? 7.153   -13.416 8.489   1   21.76 ? 363 HOH   A O   1 
HETATM 1177 O  O   . HOH   C 3 .   ? 3.052   20.709  -6.872  1   31.05 ? 364 HOH   A O   1 
HETATM 1178 O  O   . HOH   C 3 .   ? 15.281  -8.790  -0.886  1   36.06 ? 365 HOH   A O   1 
HETATM 1179 O  O   . HOH   C 3 .   ? 6.040   15.548  0.682   1   26.46 ? 366 HOH   A O   1 
HETATM 1180 O  O   . HOH   C 3 .   ? -8.794  11.591  -11.514 1   29.18 ? 367 HOH   A O   1 
HETATM 1181 O  O   . HOH   C 3 .   ? -11.199 4.953   13.377  1   34.29 ? 368 HOH   A O   1 
HETATM 1182 O  O   . HOH   C 3 .   ? -7.857  1.013   -16.516 1   44.64 ? 369 HOH   A O   1 
HETATM 1183 O  O   . HOH   C 3 .   ? -16.590 -5.590  6.164   1   28.24 ? 370 HOH   A O   1 
HETATM 1184 O  O   . HOH   C 3 .   ? 2.989   18.209  -11.256 1   24.66 ? 371 HOH   A O   1 
HETATM 1185 O  O   . HOH   C 3 .   ? -11.998 6.467   -12.720 1   33.74 ? 372 HOH   A O   1 
HETATM 1186 O  O   . HOH   C 3 .   ? -8.137  -4.477  -13.463 1   32.31 ? 373 HOH   A O   1 
HETATM 1187 O  O   . HOH   C 3 .   ? -13.460 4.662   12.244  1   17.56 ? 374 HOH   A O   1 
HETATM 1188 O  O   . HOH   C 3 .   ? -6.562  -5.891  -12.121 1   43.25 ? 375 HOH   A O   1 
HETATM 1189 O  O   . HOH   C 3 .   ? 1.313   20.113  -9.169  1   30.78 ? 376 HOH   A O   1 
HETATM 1190 O  O   . HOH   C 3 .   ? -11.372 -9.325  4.940   1   20.21 ? 377 HOH   A O   1 
HETATM 1191 O  O   . HOH   C 3 .   ? -6.079  7.031   14.900  1   43.43 ? 378 HOH   A O   1 
HETATM 1192 O  O   . HOH   C 3 .   ? 3.140   -5.322  15.722  1   26.01 ? 379 HOH   A O   1 
HETATM 1193 O  O   . HOH   C 3 .   ? 13.354  -7.659  4.004   1   28.91 ? 380 HOH   A O   1 
HETATM 1194 O  O   . HOH   C 3 .   ? -14.299 -4.889  -3.454  1   33.94 ? 381 HOH   A O   1 
HETATM 1195 O  O   . HOH   C 3 .   ? 13.601  -4.863  4.261   1   35.43 ? 382 HOH   A O   1 
HETATM 1196 O  O   . HOH   C 3 .   ? -15.866 3.711   -11.660 0.5 39.53 ? 383 HOH   A O   1 
HETATM 1197 O  O   . HOH   C 3 .   ? -9.329  6.218   11.971  1   40.08 ? 384 HOH   A O   1 
HETATM 1198 O  O   . HOH   C 3 .   ? -7.984  -2.766  16.276  1   38.3  ? 385 HOH   A O   1 
HETATM 1199 O  O   . HOH   C 3 .   ? 0.470   11.812  8.838   1   32.8  ? 386 HOH   A O   1 
HETATM 1200 O  O   . HOH   C 3 .   ? -13.120 4.192   -11.983 1   26.73 ? 387 HOH   A O   1 
HETATM 1201 O  O   . HOH   C 3 .   ? 4.594   16.078  -1.782  1   37.36 ? 388 HOH   A O   1 
HETATM 1202 O  O   . HOH   C 3 .   ? 10.738  2.608   -2.995  1   48.03 ? 389 HOH   A O   1 
HETATM 1203 O  O   . HOH   C 3 .   ? 8.792   0.974   -2.450  1   28.3  ? 390 HOH   A O   1 
# 
